data_3BZQ
# 
_entry.id   3BZQ 
# 
_audit_conform.dict_name       mmcif_pdbx.dic 
_audit_conform.dict_version    5.377 
_audit_conform.dict_location   http://mmcif.pdb.org/dictionaries/ascii/mmcif_pdbx.dic 
# 
loop_
_database_2.database_id 
_database_2.database_code 
_database_2.pdbx_database_accession 
_database_2.pdbx_DOI 
PDB   3BZQ         pdb_00003bzq 10.2210/pdb3bzq/pdb 
RCSB  RCSB046159   ?            ?                   
WWPDB D_1000046159 ?            ?                   
# 
loop_
_pdbx_database_related.db_name 
_pdbx_database_related.db_id 
_pdbx_database_related.details 
_pdbx_database_related.content_type 
TargetDB Rv2919c . unspecified 
PDB      1gnk    . unspecified 
PDB      2pii    . unspecified 
# 
_pdbx_database_status.status_code                     REL 
_pdbx_database_status.entry_id                        3BZQ 
_pdbx_database_status.recvd_initial_deposition_date   2008-01-18 
_pdbx_database_status.deposit_site                    RCSB 
_pdbx_database_status.process_site                    RCSB 
_pdbx_database_status.status_code_sf                  REL 
_pdbx_database_status.status_code_mr                  ? 
_pdbx_database_status.SG_entry                        Y 
_pdbx_database_status.pdb_format_compatible           Y 
_pdbx_database_status.status_code_cs                  ? 
_pdbx_database_status.status_code_nmr_data            ? 
_pdbx_database_status.methods_development_category    ? 
# 
loop_
_audit_author.name 
_audit_author.pdbx_ordinal 
'Reddy, M.C.'                               1 
'Palaninathan, S.K.'                        2 
'Shetty, N.D.'                              3 
'Owen, J.L.'                                4 
'Sacchettini, J.C.'                         5 
'TB Structural Genomics Consortium (TBSGC)' 6 
# 
_citation.id                        primary 
_citation.title                     
'Crystal structures of the apo and ATP bound Mycobacterium tuberculosis nitrogen regulatory PII protein.' 
_citation.journal_abbrev            'Protein Sci.' 
_citation.journal_volume            19 
_citation.page_first                1513 
_citation.page_last                 1524 
_citation.year                      2010 
_citation.journal_id_ASTM           PRCIEI 
_citation.country                   US 
_citation.journal_id_ISSN           0961-8368 
_citation.journal_id_CSD            0795 
_citation.book_publisher            ? 
_citation.pdbx_database_id_PubMed   20521335 
_citation.pdbx_database_id_DOI      10.1002/pro.430 
# 
loop_
_citation_author.citation_id 
_citation_author.name 
_citation_author.ordinal 
_citation_author.identifier_ORCID 
primary 'Shetty, N.D.'       1 ? 
primary 'Reddy, M.C.'        2 ? 
primary 'Palaninathan, S.K.' 3 ? 
primary 'Owen, J.L.'         4 ? 
primary 'Sacchettini, J.C.'  5 ? 
# 
_cell.entry_id           3BZQ 
_cell.length_a           77.149 
_cell.length_b           77.149 
_cell.length_c           51.840 
_cell.angle_alpha        90.00 
_cell.angle_beta         90.00 
_cell.angle_gamma        120.00 
_cell.Z_PDB              9 
_cell.pdbx_unique_axis   ? 
_cell.length_a_esd       ? 
_cell.length_b_esd       ? 
_cell.length_c_esd       ? 
_cell.angle_alpha_esd    ? 
_cell.angle_beta_esd     ? 
_cell.angle_gamma_esd    ? 
# 
_symmetry.entry_id                         3BZQ 
_symmetry.space_group_name_H-M             'H 3' 
_symmetry.pdbx_full_space_group_name_H-M   ? 
_symmetry.cell_setting                     ? 
_symmetry.Int_Tables_number                146 
_symmetry.space_group_name_Hall            ? 
# 
loop_
_entity.id 
_entity.type 
_entity.src_method 
_entity.pdbx_description 
_entity.formula_weight 
_entity.pdbx_number_of_molecules 
_entity.pdbx_ec 
_entity.pdbx_mutation 
_entity.pdbx_fragment 
_entity.details 
1 polymer man 'Nitrogen regulatory protein P-II' 12440.220 1   ? ? ? ? 
2 water   nat water                              18.015    136 ? ? ? ? 
# 
_entity_poly.entity_id                      1 
_entity_poly.type                           'polypeptide(L)' 
_entity_poly.nstd_linkage                   no 
_entity_poly.nstd_monomer                   no 
_entity_poly.pdbx_seq_one_letter_code       
;GHMKLITAIVKPFTLDDVKTSLEDAGVLGMTVSEIQGYGRQKGHTEVYRGAEYSVDFVPKVRIEVVVDDSIVDKVVDSIV
RAARTGKIGDGKVWVSPVDTIVRVRTGERGHDAL
;
_entity_poly.pdbx_seq_one_letter_code_can   
;GHMKLITAIVKPFTLDDVKTSLEDAGVLGMTVSEIQGYGRQKGHTEVYRGAEYSVDFVPKVRIEVVVDDSIVDKVVDSIV
RAARTGKIGDGKVWVSPVDTIVRVRTGERGHDAL
;
_entity_poly.pdbx_strand_id                 A 
_entity_poly.pdbx_target_identifier         Rv2919c 
# 
loop_
_entity_poly_seq.entity_id 
_entity_poly_seq.num 
_entity_poly_seq.mon_id 
_entity_poly_seq.hetero 
1 1   GLY n 
1 2   HIS n 
1 3   MET n 
1 4   LYS n 
1 5   LEU n 
1 6   ILE n 
1 7   THR n 
1 8   ALA n 
1 9   ILE n 
1 10  VAL n 
1 11  LYS n 
1 12  PRO n 
1 13  PHE n 
1 14  THR n 
1 15  LEU n 
1 16  ASP n 
1 17  ASP n 
1 18  VAL n 
1 19  LYS n 
1 20  THR n 
1 21  SER n 
1 22  LEU n 
1 23  GLU n 
1 24  ASP n 
1 25  ALA n 
1 26  GLY n 
1 27  VAL n 
1 28  LEU n 
1 29  GLY n 
1 30  MET n 
1 31  THR n 
1 32  VAL n 
1 33  SER n 
1 34  GLU n 
1 35  ILE n 
1 36  GLN n 
1 37  GLY n 
1 38  TYR n 
1 39  GLY n 
1 40  ARG n 
1 41  GLN n 
1 42  LYS n 
1 43  GLY n 
1 44  HIS n 
1 45  THR n 
1 46  GLU n 
1 47  VAL n 
1 48  TYR n 
1 49  ARG n 
1 50  GLY n 
1 51  ALA n 
1 52  GLU n 
1 53  TYR n 
1 54  SER n 
1 55  VAL n 
1 56  ASP n 
1 57  PHE n 
1 58  VAL n 
1 59  PRO n 
1 60  LYS n 
1 61  VAL n 
1 62  ARG n 
1 63  ILE n 
1 64  GLU n 
1 65  VAL n 
1 66  VAL n 
1 67  VAL n 
1 68  ASP n 
1 69  ASP n 
1 70  SER n 
1 71  ILE n 
1 72  VAL n 
1 73  ASP n 
1 74  LYS n 
1 75  VAL n 
1 76  VAL n 
1 77  ASP n 
1 78  SER n 
1 79  ILE n 
1 80  VAL n 
1 81  ARG n 
1 82  ALA n 
1 83  ALA n 
1 84  ARG n 
1 85  THR n 
1 86  GLY n 
1 87  LYS n 
1 88  ILE n 
1 89  GLY n 
1 90  ASP n 
1 91  GLY n 
1 92  LYS n 
1 93  VAL n 
1 94  TRP n 
1 95  VAL n 
1 96  SER n 
1 97  PRO n 
1 98  VAL n 
1 99  ASP n 
1 100 THR n 
1 101 ILE n 
1 102 VAL n 
1 103 ARG n 
1 104 VAL n 
1 105 ARG n 
1 106 THR n 
1 107 GLY n 
1 108 GLU n 
1 109 ARG n 
1 110 GLY n 
1 111 HIS n 
1 112 ASP n 
1 113 ALA n 
1 114 LEU n 
# 
_entity_src_gen.entity_id                          1 
_entity_src_gen.pdbx_src_id                        1 
_entity_src_gen.pdbx_alt_source_flag               sample 
_entity_src_gen.pdbx_seq_type                      ? 
_entity_src_gen.pdbx_beg_seq_num                   ? 
_entity_src_gen.pdbx_end_seq_num                   ? 
_entity_src_gen.gene_src_common_name               ? 
_entity_src_gen.gene_src_genus                     Mycobacterium 
_entity_src_gen.pdbx_gene_src_gene                 glnB 
_entity_src_gen.gene_src_species                   'Mycobacterium tuberculosis' 
_entity_src_gen.gene_src_strain                    H37RV 
_entity_src_gen.gene_src_tissue                    ? 
_entity_src_gen.gene_src_tissue_fraction           ? 
_entity_src_gen.gene_src_details                   ? 
_entity_src_gen.pdbx_gene_src_fragment             ? 
_entity_src_gen.pdbx_gene_src_scientific_name      'Mycobacterium tuberculosis H37Rv' 
_entity_src_gen.pdbx_gene_src_ncbi_taxonomy_id     83332 
_entity_src_gen.pdbx_gene_src_variant              ? 
_entity_src_gen.pdbx_gene_src_cell_line            ? 
_entity_src_gen.pdbx_gene_src_atcc                 ? 
_entity_src_gen.pdbx_gene_src_organ                ? 
_entity_src_gen.pdbx_gene_src_organelle            ? 
_entity_src_gen.pdbx_gene_src_cell                 ? 
_entity_src_gen.pdbx_gene_src_cellular_location    ? 
_entity_src_gen.host_org_common_name               ? 
_entity_src_gen.pdbx_host_org_scientific_name      'Escherichia coli BL21(DE3)' 
_entity_src_gen.pdbx_host_org_ncbi_taxonomy_id     469008 
_entity_src_gen.host_org_genus                     Escherichia 
_entity_src_gen.pdbx_host_org_gene                 ? 
_entity_src_gen.pdbx_host_org_organ                ? 
_entity_src_gen.host_org_species                   'Escherichia coli' 
_entity_src_gen.pdbx_host_org_tissue               ? 
_entity_src_gen.pdbx_host_org_tissue_fraction      ? 
_entity_src_gen.pdbx_host_org_strain               'Bl21(DE3)' 
_entity_src_gen.pdbx_host_org_variant              ? 
_entity_src_gen.pdbx_host_org_cell_line            ? 
_entity_src_gen.pdbx_host_org_atcc                 ? 
_entity_src_gen.pdbx_host_org_culture_collection   ? 
_entity_src_gen.pdbx_host_org_cell                 ? 
_entity_src_gen.pdbx_host_org_organelle            ? 
_entity_src_gen.pdbx_host_org_cellular_location    ? 
_entity_src_gen.pdbx_host_org_vector_type          PLASMID 
_entity_src_gen.pdbx_host_org_vector               ? 
_entity_src_gen.host_org_details                   ? 
_entity_src_gen.expression_system_id               ? 
_entity_src_gen.plasmid_name                       pET28b 
_entity_src_gen.plasmid_details                    ? 
_entity_src_gen.pdbx_description                   ? 
# 
_struct_ref.id                         1 
_struct_ref.db_name                    UNP 
_struct_ref.db_code                    GLNB_MYCTU 
_struct_ref.pdbx_db_accession          P64249 
_struct_ref.entity_id                  1 
_struct_ref.pdbx_seq_one_letter_code   
;MKLITAIVKPFTLDDVKTSLEDAGVLGMTVSEIQGYGRQKGHTEVYRGAEYSVDFVPKVRIEVVVDDSIVDKVVDSIVRA
ARTGKIGDGKVWVSPVDTIVRVRTGERGHDAL
;
_struct_ref.pdbx_align_begin           1 
_struct_ref.pdbx_db_isoform            ? 
# 
_struct_ref_seq.align_id                      1 
_struct_ref_seq.ref_id                        1 
_struct_ref_seq.pdbx_PDB_id_code              3BZQ 
_struct_ref_seq.pdbx_strand_id                A 
_struct_ref_seq.seq_align_beg                 3 
_struct_ref_seq.pdbx_seq_align_beg_ins_code   ? 
_struct_ref_seq.seq_align_end                 114 
_struct_ref_seq.pdbx_seq_align_end_ins_code   ? 
_struct_ref_seq.pdbx_db_accession             P64249 
_struct_ref_seq.db_align_beg                  1 
_struct_ref_seq.pdbx_db_align_beg_ins_code    ? 
_struct_ref_seq.db_align_end                  112 
_struct_ref_seq.pdbx_db_align_end_ins_code    ? 
_struct_ref_seq.pdbx_auth_seq_align_beg       1 
_struct_ref_seq.pdbx_auth_seq_align_end       112 
# 
loop_
_struct_ref_seq_dif.align_id 
_struct_ref_seq_dif.pdbx_pdb_id_code 
_struct_ref_seq_dif.mon_id 
_struct_ref_seq_dif.pdbx_pdb_strand_id 
_struct_ref_seq_dif.seq_num 
_struct_ref_seq_dif.pdbx_pdb_ins_code 
_struct_ref_seq_dif.pdbx_seq_db_name 
_struct_ref_seq_dif.pdbx_seq_db_accession_code 
_struct_ref_seq_dif.db_mon_id 
_struct_ref_seq_dif.pdbx_seq_db_seq_num 
_struct_ref_seq_dif.details 
_struct_ref_seq_dif.pdbx_auth_seq_num 
_struct_ref_seq_dif.pdbx_ordinal 
1 3BZQ GLY A 1 ? UNP P64249 ? ? 'expression tag' -1 1 
1 3BZQ HIS A 2 ? UNP P64249 ? ? 'expression tag' 0  2 
# 
loop_
_chem_comp.id 
_chem_comp.type 
_chem_comp.mon_nstd_flag 
_chem_comp.name 
_chem_comp.pdbx_synonyms 
_chem_comp.formula 
_chem_comp.formula_weight 
ALA 'L-peptide linking' y ALANINE         ? 'C3 H7 N O2'     89.093  
ARG 'L-peptide linking' y ARGININE        ? 'C6 H15 N4 O2 1' 175.209 
ASP 'L-peptide linking' y 'ASPARTIC ACID' ? 'C4 H7 N O4'     133.103 
GLN 'L-peptide linking' y GLUTAMINE       ? 'C5 H10 N2 O3'   146.144 
GLU 'L-peptide linking' y 'GLUTAMIC ACID' ? 'C5 H9 N O4'     147.129 
GLY 'peptide linking'   y GLYCINE         ? 'C2 H5 N O2'     75.067  
HIS 'L-peptide linking' y HISTIDINE       ? 'C6 H10 N3 O2 1' 156.162 
HOH non-polymer         . WATER           ? 'H2 O'           18.015  
ILE 'L-peptide linking' y ISOLEUCINE      ? 'C6 H13 N O2'    131.173 
LEU 'L-peptide linking' y LEUCINE         ? 'C6 H13 N O2'    131.173 
LYS 'L-peptide linking' y LYSINE          ? 'C6 H15 N2 O2 1' 147.195 
MET 'L-peptide linking' y METHIONINE      ? 'C5 H11 N O2 S'  149.211 
PHE 'L-peptide linking' y PHENYLALANINE   ? 'C9 H11 N O2'    165.189 
PRO 'L-peptide linking' y PROLINE         ? 'C5 H9 N O2'     115.130 
SER 'L-peptide linking' y SERINE          ? 'C3 H7 N O3'     105.093 
THR 'L-peptide linking' y THREONINE       ? 'C4 H9 N O3'     119.119 
TRP 'L-peptide linking' y TRYPTOPHAN      ? 'C11 H12 N2 O2'  204.225 
TYR 'L-peptide linking' y TYROSINE        ? 'C9 H11 N O3'    181.189 
VAL 'L-peptide linking' y VALINE          ? 'C5 H11 N O2'    117.146 
# 
_exptl.entry_id          3BZQ 
_exptl.method            'X-RAY DIFFRACTION' 
_exptl.crystals_number   1 
# 
_exptl_crystal.id                    1 
_exptl_crystal.density_meas          ? 
_exptl_crystal.density_Matthews      2.39 
_exptl_crystal.density_percent_sol   48.46 
_exptl_crystal.description           ? 
_exptl_crystal.F_000                 ? 
_exptl_crystal.preparation           ? 
# 
_exptl_crystal_grow.crystal_id      1 
_exptl_crystal_grow.method          'VAPOR DIFFUSION, HANGING DROP' 
_exptl_crystal_grow.temp            290 
_exptl_crystal_grow.temp_details    ? 
_exptl_crystal_grow.pH              6.5 
_exptl_crystal_grow.pdbx_details    
'0.1 M Immidazole, pH 6.5, 1.4 M Sodium acetate, VAPOR DIFFUSION, HANGING DROP, temperature 290K' 
_exptl_crystal_grow.pdbx_pH_range   . 
# 
_diffrn.id                     1 
_diffrn.ambient_temp           100 
_diffrn.ambient_temp_details   ? 
_diffrn.crystal_id             1 
# 
_diffrn_detector.diffrn_id              1 
_diffrn_detector.detector               CCD 
_diffrn_detector.type                   'ADSC QUANTUM 315' 
_diffrn_detector.pdbx_collection_date   2005-08-10 
_diffrn_detector.details                'Rosenbaum-Rock high-resolution double-crystal monochromator' 
# 
_diffrn_radiation.diffrn_id                        1 
_diffrn_radiation.wavelength_id                    1 
_diffrn_radiation.pdbx_monochromatic_or_laue_m_l   M 
_diffrn_radiation.monochromator                    ? 
_diffrn_radiation.pdbx_diffrn_protocol             'SINGLE WAVELENGTH' 
_diffrn_radiation.pdbx_scattering_type             x-ray 
# 
_diffrn_radiation_wavelength.id           1 
_diffrn_radiation_wavelength.wavelength   0.979 
_diffrn_radiation_wavelength.wt           1.0 
# 
_diffrn_source.diffrn_id                   1 
_diffrn_source.source                      SYNCHROTRON 
_diffrn_source.type                        'APS BEAMLINE 19-ID' 
_diffrn_source.pdbx_synchrotron_site       APS 
_diffrn_source.pdbx_synchrotron_beamline   19-ID 
_diffrn_source.pdbx_wavelength             ? 
_diffrn_source.pdbx_wavelength_list        0.979 
# 
_reflns.entry_id                     3BZQ 
_reflns.observed_criterion_sigma_F   0 
_reflns.observed_criterion_sigma_I   0 
_reflns.d_resolution_high            1.40 
_reflns.d_resolution_low             40.96 
_reflns.number_all                   21338 
_reflns.number_obs                   21338 
_reflns.percent_possible_obs         99.08 
_reflns.pdbx_Rmerge_I_obs            ? 
_reflns.pdbx_Rsym_value              ? 
_reflns.pdbx_netI_over_sigmaI        ? 
_reflns.B_iso_Wilson_estimate        ? 
_reflns.pdbx_redundancy              ? 
_reflns.R_free_details               ? 
_reflns.limit_h_max                  ? 
_reflns.limit_h_min                  ? 
_reflns.limit_k_max                  ? 
_reflns.limit_k_min                  ? 
_reflns.limit_l_max                  ? 
_reflns.limit_l_min                  ? 
_reflns.observed_criterion_F_max     ? 
_reflns.observed_criterion_F_min     ? 
_reflns.pdbx_chi_squared             ? 
_reflns.pdbx_scaling_rejects         ? 
_reflns.pdbx_diffrn_id               1 
_reflns.pdbx_ordinal                 1 
# 
_refine.entry_id                                 3BZQ 
_refine.ls_number_reflns_obs                     21338 
_refine.ls_number_reflns_all                     21338 
_refine.pdbx_ls_sigma_I                          0 
_refine.pdbx_ls_sigma_F                          0 
_refine.pdbx_data_cutoff_high_absF               ? 
_refine.pdbx_data_cutoff_low_absF                ? 
_refine.pdbx_data_cutoff_high_rms_absF           ? 
_refine.ls_d_res_low                             40.96 
_refine.ls_d_res_high                            1.40 
_refine.ls_percent_reflns_obs                    99.08 
_refine.ls_R_factor_obs                          0.2085 
_refine.ls_R_factor_all                          0.2085 
_refine.ls_R_factor_R_work                       0.20759 
_refine.ls_R_factor_R_free                       0.22566 
_refine.ls_R_factor_R_free_error                 ? 
_refine.ls_R_factor_R_free_error_details         ? 
_refine.ls_percent_reflns_R_free                 5.0 
_refine.ls_number_reflns_R_free                  1131 
_refine.ls_number_parameters                     ? 
_refine.ls_number_restraints                     ? 
_refine.occupancy_min                            ? 
_refine.occupancy_max                            ? 
_refine.correlation_coeff_Fo_to_Fc               0.946 
_refine.correlation_coeff_Fo_to_Fc_free          0.935 
_refine.B_iso_mean                               16.443 
_refine.aniso_B[1][1]                            -0.50 
_refine.aniso_B[2][2]                            -0.50 
_refine.aniso_B[3][3]                            0.75 
_refine.aniso_B[1][2]                            -0.25 
_refine.aniso_B[1][3]                            0.00 
_refine.aniso_B[2][3]                            0.00 
_refine.solvent_model_details                    MASK 
_refine.solvent_model_param_ksol                 ? 
_refine.solvent_model_param_bsol                 ? 
_refine.pdbx_solvent_vdw_probe_radii             1.20 
_refine.pdbx_solvent_ion_probe_radii             0.80 
_refine.pdbx_solvent_shrinkage_radii             0.80 
_refine.pdbx_ls_cross_valid_method               THROUGHOUT 
_refine.details                                  'HYDROGENS HAVE BEEN ADDED IN THE RIDING POSITIONS' 
_refine.pdbx_starting_model                      'PDB entry 1GNK' 
_refine.pdbx_method_to_determine_struct          'MOLECULAR REPLACEMENT' 
_refine.pdbx_isotropic_thermal_model             ? 
_refine.pdbx_stereochemistry_target_values       'MAXIMUM LIKELIHOOD' 
_refine.pdbx_stereochem_target_val_spec_case     ? 
_refine.pdbx_R_Free_selection_details            RANDOM 
_refine.pdbx_overall_ESU_R                       0.066 
_refine.pdbx_overall_ESU_R_Free                  0.065 
_refine.overall_SU_ML                            0.037 
_refine.overall_SU_B                             0.882 
_refine.ls_redundancy_reflns_obs                 ? 
_refine.B_iso_min                                ? 
_refine.B_iso_max                                ? 
_refine.overall_SU_R_Cruickshank_DPI             ? 
_refine.overall_SU_R_free                        ? 
_refine.ls_wR_factor_R_free                      ? 
_refine.ls_wR_factor_R_work                      ? 
_refine.overall_FOM_free_R_set                   ? 
_refine.overall_FOM_work_R_set                   ? 
_refine.pdbx_overall_phase_error                 ? 
_refine.pdbx_refine_id                           'X-RAY DIFFRACTION' 
_refine.pdbx_diffrn_id                           1 
_refine.pdbx_TLS_residual_ADP_flag               ? 
_refine.pdbx_overall_SU_R_free_Cruickshank_DPI   ? 
_refine.pdbx_overall_SU_R_Blow_DPI               ? 
_refine.pdbx_overall_SU_R_free_Blow_DPI          ? 
# 
_refine_hist.pdbx_refine_id                   'X-RAY DIFFRACTION' 
_refine_hist.cycle_id                         LAST 
_refine_hist.pdbx_number_atoms_protein        742 
_refine_hist.pdbx_number_atoms_nucleic_acid   0 
_refine_hist.pdbx_number_atoms_ligand         0 
_refine_hist.number_atoms_solvent             136 
_refine_hist.number_atoms_total               878 
_refine_hist.d_res_high                       1.40 
_refine_hist.d_res_low                        40.96 
# 
loop_
_refine_ls_restr.type 
_refine_ls_restr.dev_ideal 
_refine_ls_restr.dev_ideal_target 
_refine_ls_restr.weight 
_refine_ls_restr.number 
_refine_ls_restr.pdbx_refine_id 
_refine_ls_restr.pdbx_restraint_function 
r_bond_refined_d             0.006  0.022  ? 749  'X-RAY DIFFRACTION' ? 
r_bond_other_d               ?      ?      ? ?    'X-RAY DIFFRACTION' ? 
r_angle_refined_deg          1.007  1.977  ? 1014 'X-RAY DIFFRACTION' ? 
r_angle_other_deg            ?      ?      ? ?    'X-RAY DIFFRACTION' ? 
r_dihedral_angle_1_deg       5.107  5.000  ? 97   'X-RAY DIFFRACTION' ? 
r_dihedral_angle_2_deg       27.667 23.704 ? 27   'X-RAY DIFFRACTION' ? 
r_dihedral_angle_3_deg       11.378 15.000 ? 134  'X-RAY DIFFRACTION' ? 
r_dihedral_angle_4_deg       14.392 15.000 ? 6    'X-RAY DIFFRACTION' ? 
r_chiral_restr               0.073  0.200  ? 127  'X-RAY DIFFRACTION' ? 
r_gen_planes_refined         0.003  0.020  ? 536  'X-RAY DIFFRACTION' ? 
r_gen_planes_other           ?      ?      ? ?    'X-RAY DIFFRACTION' ? 
r_nbd_refined                0.192  0.200  ? 346  'X-RAY DIFFRACTION' ? 
r_nbd_other                  ?      ?      ? ?    'X-RAY DIFFRACTION' ? 
r_nbtor_refined              0.294  0.200  ? 532  'X-RAY DIFFRACTION' ? 
r_nbtor_other                ?      ?      ? ?    'X-RAY DIFFRACTION' ? 
r_xyhbond_nbd_refined        0.063  0.200  ? 92   'X-RAY DIFFRACTION' ? 
r_xyhbond_nbd_other          ?      ?      ? ?    'X-RAY DIFFRACTION' ? 
r_metal_ion_refined          ?      ?      ? ?    'X-RAY DIFFRACTION' ? 
r_metal_ion_other            ?      ?      ? ?    'X-RAY DIFFRACTION' ? 
r_symmetry_vdw_refined       0.142  0.200  ? 51   'X-RAY DIFFRACTION' ? 
r_symmetry_vdw_other         ?      ?      ? ?    'X-RAY DIFFRACTION' ? 
r_symmetry_hbond_refined     0.090  0.200  ? 30   'X-RAY DIFFRACTION' ? 
r_symmetry_hbond_other       ?      ?      ? ?    'X-RAY DIFFRACTION' ? 
r_symmetry_metal_ion_refined ?      ?      ? ?    'X-RAY DIFFRACTION' ? 
r_symmetry_metal_ion_other   ?      ?      ? ?    'X-RAY DIFFRACTION' ? 
r_mcbond_it                  0.528  1.500  ? 500  'X-RAY DIFFRACTION' ? 
r_mcbond_other               ?      ?      ? ?    'X-RAY DIFFRACTION' ? 
r_mcangle_it                 0.920  2.000  ? 793  'X-RAY DIFFRACTION' ? 
r_scbond_it                  1.378  3.000  ? 274  'X-RAY DIFFRACTION' ? 
r_scangle_it                 2.286  4.500  ? 221  'X-RAY DIFFRACTION' ? 
r_rigid_bond_restr           ?      ?      ? ?    'X-RAY DIFFRACTION' ? 
r_sphericity_free            ?      ?      ? ?    'X-RAY DIFFRACTION' ? 
r_sphericity_bonded          ?      ?      ? ?    'X-RAY DIFFRACTION' ? 
# 
_refine_ls_shell.pdbx_total_number_of_bins_used   20 
_refine_ls_shell.d_res_high                       1.400 
_refine_ls_shell.d_res_low                        1.436 
_refine_ls_shell.number_reflns_R_work             1595 
_refine_ls_shell.R_factor_R_work                  0.223 
_refine_ls_shell.percent_reflns_obs               100.00 
_refine_ls_shell.R_factor_R_free                  0.233 
_refine_ls_shell.R_factor_R_free_error            ? 
_refine_ls_shell.percent_reflns_R_free            ? 
_refine_ls_shell.number_reflns_R_free             91 
_refine_ls_shell.number_reflns_all                ? 
_refine_ls_shell.R_factor_all                     ? 
_refine_ls_shell.number_reflns_obs                ? 
_refine_ls_shell.redundancy_reflns_obs            ? 
_refine_ls_shell.pdbx_refine_id                   'X-RAY DIFFRACTION' 
# 
_struct.entry_id                  3BZQ 
_struct.title                     
'High resolution crystal structure of Nitrogen Regulatory Protein (Rv2919c) of Mycobacterium tuberculosis' 
_struct.pdbx_model_details        ? 
_struct.pdbx_CASP_flag            ? 
_struct.pdbx_model_type_details   ? 
# 
_struct_keywords.entry_id        3BZQ 
_struct_keywords.pdbx_keywords   'SIGNALING PROTEIN/TRANSCRIPTION' 
_struct_keywords.text            
;P-II, GLNB, GLNK, Mycobacterium tuberculosis, signal transductory protein, Nucleotide-binding, Transcription, Transcription regulation, SIGNAL TRANSDUCTION, NITROGEN REGULATORY, SIGNALING PROTEIN-TRANSCRIPTION COMPLEX, Structural Genomics, TB Structural Genomics Consortium, TBSGC, PSI-2, Protein Structure Initiative
;
# 
loop_
_struct_asym.id 
_struct_asym.pdbx_blank_PDB_chainid_flag 
_struct_asym.pdbx_modified 
_struct_asym.entity_id 
_struct_asym.details 
A N N 1 ? 
B N N 2 ? 
# 
_struct_biol.id        1 
_struct_biol.details   ? 
# 
loop_
_struct_conf.conf_type_id 
_struct_conf.id 
_struct_conf.pdbx_PDB_helix_id 
_struct_conf.beg_label_comp_id 
_struct_conf.beg_label_asym_id 
_struct_conf.beg_label_seq_id 
_struct_conf.pdbx_beg_PDB_ins_code 
_struct_conf.end_label_comp_id 
_struct_conf.end_label_asym_id 
_struct_conf.end_label_seq_id 
_struct_conf.pdbx_end_PDB_ins_code 
_struct_conf.beg_auth_comp_id 
_struct_conf.beg_auth_asym_id 
_struct_conf.beg_auth_seq_id 
_struct_conf.end_auth_comp_id 
_struct_conf.end_auth_asym_id 
_struct_conf.end_auth_seq_id 
_struct_conf.pdbx_PDB_helix_class 
_struct_conf.details 
_struct_conf.pdbx_PDB_helix_length 
HELX_P HELX_P1 1 LYS A 11  ? PHE A 13  ? LYS A 9   PHE A 11  5 ? 3  
HELX_P HELX_P2 2 THR A 14  ? ALA A 25  ? THR A 12  ALA A 23  1 ? 12 
HELX_P HELX_P3 3 ILE A 71  ? ARG A 84  ? ILE A 69  ARG A 82  1 ? 14 
HELX_P HELX_P4 4 ARG A 109 ? LEU A 114 ? ARG A 107 LEU A 112 5 ? 6  
# 
_struct_conf_type.id          HELX_P 
_struct_conf_type.criteria    ? 
_struct_conf_type.reference   ? 
# 
_struct_sheet.id               A 
_struct_sheet.type             ? 
_struct_sheet.number_strands   4 
_struct_sheet.details          ? 
# 
loop_
_struct_sheet_order.sheet_id 
_struct_sheet_order.range_id_1 
_struct_sheet_order.range_id_2 
_struct_sheet_order.offset 
_struct_sheet_order.sense 
A 1 2 ? anti-parallel 
A 2 3 ? anti-parallel 
A 3 4 ? anti-parallel 
# 
loop_
_struct_sheet_range.sheet_id 
_struct_sheet_range.id 
_struct_sheet_range.beg_label_comp_id 
_struct_sheet_range.beg_label_asym_id 
_struct_sheet_range.beg_label_seq_id 
_struct_sheet_range.pdbx_beg_PDB_ins_code 
_struct_sheet_range.end_label_comp_id 
_struct_sheet_range.end_label_asym_id 
_struct_sheet_range.end_label_seq_id 
_struct_sheet_range.pdbx_end_PDB_ins_code 
_struct_sheet_range.beg_auth_comp_id 
_struct_sheet_range.beg_auth_asym_id 
_struct_sheet_range.beg_auth_seq_id 
_struct_sheet_range.end_auth_comp_id 
_struct_sheet_range.end_auth_asym_id 
_struct_sheet_range.end_auth_seq_id 
A 1 THR A 31 ? TYR A 38 ? THR A 29 TYR A 36 
A 2 PHE A 57 ? ASP A 68 ? PHE A 55 ASP A 66 
A 3 MET A 3  ? VAL A 10 ? MET A 1  VAL A 8  
A 4 LYS A 92 ? VAL A 98 ? LYS A 90 VAL A 96 
# 
loop_
_pdbx_struct_sheet_hbond.sheet_id 
_pdbx_struct_sheet_hbond.range_id_1 
_pdbx_struct_sheet_hbond.range_id_2 
_pdbx_struct_sheet_hbond.range_1_label_atom_id 
_pdbx_struct_sheet_hbond.range_1_label_comp_id 
_pdbx_struct_sheet_hbond.range_1_label_asym_id 
_pdbx_struct_sheet_hbond.range_1_label_seq_id 
_pdbx_struct_sheet_hbond.range_1_PDB_ins_code 
_pdbx_struct_sheet_hbond.range_1_auth_atom_id 
_pdbx_struct_sheet_hbond.range_1_auth_comp_id 
_pdbx_struct_sheet_hbond.range_1_auth_asym_id 
_pdbx_struct_sheet_hbond.range_1_auth_seq_id 
_pdbx_struct_sheet_hbond.range_2_label_atom_id 
_pdbx_struct_sheet_hbond.range_2_label_comp_id 
_pdbx_struct_sheet_hbond.range_2_label_asym_id 
_pdbx_struct_sheet_hbond.range_2_label_seq_id 
_pdbx_struct_sheet_hbond.range_2_PDB_ins_code 
_pdbx_struct_sheet_hbond.range_2_auth_atom_id 
_pdbx_struct_sheet_hbond.range_2_auth_comp_id 
_pdbx_struct_sheet_hbond.range_2_auth_asym_id 
_pdbx_struct_sheet_hbond.range_2_auth_seq_id 
A 1 2 N ILE A 35 ? N ILE A 33 O LYS A 60 ? O LYS A 58 
A 2 3 O ILE A 63 ? O ILE A 61 N ALA A 8  ? N ALA A 6  
A 3 4 N ILE A 9  ? N ILE A 7  O LYS A 92 ? O LYS A 90 
# 
_atom_sites.entry_id                    3BZQ 
_atom_sites.fract_transf_matrix[1][1]   0.00406248 
_atom_sites.fract_transf_matrix[1][2]   0.00202810 
_atom_sites.fract_transf_matrix[1][3]   -0.01426207 
_atom_sites.fract_transf_matrix[2][1]   0.01449669 
_atom_sites.fract_transf_matrix[2][2]   0.00102326 
_atom_sites.fract_transf_matrix[2][3]   -0.00357909 
_atom_sites.fract_transf_matrix[3][1]   0.00072933 
_atom_sites.fract_transf_matrix[3][2]   -0.01911209 
_atom_sites.fract_transf_matrix[3][3]   -0.00251003 
_atom_sites.fract_transf_vector[1]      -0.154818 
_atom_sites.fract_transf_vector[2]      -0.017171 
_atom_sites.fract_transf_vector[3]      -0.018948 
# 
loop_
_atom_type.symbol 
C 
N 
O 
S 
# 
loop_
_atom_site.group_PDB 
_atom_site.id 
_atom_site.type_symbol 
_atom_site.label_atom_id 
_atom_site.label_alt_id 
_atom_site.label_comp_id 
_atom_site.label_asym_id 
_atom_site.label_entity_id 
_atom_site.label_seq_id 
_atom_site.pdbx_PDB_ins_code 
_atom_site.Cartn_x 
_atom_site.Cartn_y 
_atom_site.Cartn_z 
_atom_site.occupancy 
_atom_site.B_iso_or_equiv 
_atom_site.pdbx_formal_charge 
_atom_site.auth_seq_id 
_atom_site.auth_comp_id 
_atom_site.auth_asym_id 
_atom_site.auth_atom_id 
_atom_site.pdbx_PDB_model_num 
ATOM   1   N N   . GLY A 1 1   ? -9.143  15.035  -3.294  1.00 20.63 ? -1  GLY A N   1 
ATOM   2   C CA  . GLY A 1 1   ? -8.719  16.305  -2.635  1.00 20.22 ? -1  GLY A CA  1 
ATOM   3   C C   . GLY A 1 1   ? -7.652  16.045  -1.593  1.00 19.91 ? -1  GLY A C   1 
ATOM   4   O O   . GLY A 1 1   ? -6.478  16.372  -1.789  1.00 20.71 ? -1  GLY A O   1 
ATOM   5   N N   . HIS A 1 2   ? -8.071  15.458  -0.475  1.00 19.01 ? 0   HIS A N   1 
ATOM   6   C CA  . HIS A 1 2   ? -7.158  15.051  0.585   1.00 17.92 ? 0   HIS A CA  1 
ATOM   7   C C   . HIS A 1 2   ? -6.817  13.560  0.481   1.00 16.88 ? 0   HIS A C   1 
ATOM   8   O O   . HIS A 1 2   ? -6.096  13.025  1.319   1.00 17.36 ? 0   HIS A O   1 
ATOM   9   C CB  . HIS A 1 2   ? -7.763  15.372  1.948   1.00 18.27 ? 0   HIS A CB  1 
ATOM   10  N N   . MET A 1 3   ? -7.325  12.902  -0.557  1.00 15.23 ? 1   MET A N   1 
ATOM   11  C CA  . MET A 1 3   ? -7.169  11.459  -0.712  1.00 13.81 ? 1   MET A CA  1 
ATOM   12  C C   . MET A 1 3   ? -5.894  11.089  -1.445  1.00 11.91 ? 1   MET A C   1 
ATOM   13  O O   . MET A 1 3   ? -5.520  11.743  -2.415  1.00 10.83 ? 1   MET A O   1 
ATOM   14  C CB  . MET A 1 3   ? -8.367  10.876  -1.457  1.00 14.39 ? 1   MET A CB  1 
ATOM   15  C CG  . MET A 1 3   ? -9.709  11.137  -0.791  1.00 17.05 ? 1   MET A CG  1 
ATOM   16  S SD  . MET A 1 3   ? -9.767  10.569  0.915   1.00 22.59 ? 1   MET A SD  1 
ATOM   17  C CE  . MET A 1 3   ? -9.053  8.950   0.727   1.00 22.16 ? 1   MET A CE  1 
ATOM   18  N N   . LYS A 1 4   ? -5.239  10.028  -0.980  1.00 10.43 ? 2   LYS A N   1 
ATOM   19  C CA  . LYS A 1 4   ? -3.990  9.560   -1.577  1.00 9.57  ? 2   LYS A CA  1 
ATOM   20  C C   . LYS A 1 4   ? -4.004  8.058   -1.790  1.00 8.92  ? 2   LYS A C   1 
ATOM   21  O O   . LYS A 1 4   ? -4.551  7.311   -0.979  1.00 8.99  ? 2   LYS A O   1 
ATOM   22  C CB  . LYS A 1 4   ? -2.798  9.916   -0.683  1.00 9.84  ? 2   LYS A CB  1 
ATOM   23  C CG  . LYS A 1 4   ? -2.612  11.410  -0.395  1.00 10.21 ? 2   LYS A CG  1 
ATOM   24  C CD  . LYS A 1 4   ? -2.256  12.208  -1.644  1.00 10.45 ? 2   LYS A CD  1 
ATOM   25  C CE  . LYS A 1 4   ? -2.170  13.697  -1.335  1.00 12.76 ? 2   LYS A CE  1 
ATOM   26  N NZ  . LYS A 1 4   ? -1.940  14.469  -2.588  1.00 13.53 ? 2   LYS A NZ  1 
ATOM   27  N N   . LEU A 1 5   ? -3.392  7.628   -2.891  1.00 7.85  ? 3   LEU A N   1 
ATOM   28  C CA  . LEU A 1 5   ? -3.095  6.217   -3.129  1.00 7.54  ? 3   LEU A CA  1 
ATOM   29  C C   . LEU A 1 5   ? -1.662  5.944   -2.705  1.00 7.50  ? 3   LEU A C   1 
ATOM   30  O O   . LEU A 1 5   ? -0.744  6.680   -3.080  1.00 7.60  ? 3   LEU A O   1 
ATOM   31  C CB  . LEU A 1 5   ? -3.266  5.880   -4.613  1.00 7.44  ? 3   LEU A CB  1 
ATOM   32  C CG  . LEU A 1 5   ? -2.933  4.456   -5.071  1.00 7.27  ? 3   LEU A CG  1 
ATOM   33  C CD1 . LEU A 1 5   ? -3.958  3.464   -4.548  1.00 8.96  ? 3   LEU A CD1 1 
ATOM   34  C CD2 . LEU A 1 5   ? -2.885  4.417   -6.580  1.00 7.14  ? 3   LEU A CD2 1 
ATOM   35  N N   . ILE A 1 6   ? -1.481  4.903   -1.900  1.00 7.43  ? 4   ILE A N   1 
ATOM   36  C CA  . ILE A 1 6   ? -0.153  4.401   -1.576  1.00 7.71  ? 4   ILE A CA  1 
ATOM   37  C C   . ILE A 1 6   ? 0.043   3.112   -2.359  1.00 7.37  ? 4   ILE A C   1 
ATOM   38  O O   . ILE A 1 6   ? -0.785  2.201   -2.274  1.00 7.62  ? 4   ILE A O   1 
ATOM   39  C CB  . ILE A 1 6   ? 0.018   4.135   -0.066  1.00 7.99  ? 4   ILE A CB  1 
ATOM   40  C CG1 . ILE A 1 6   ? -0.157  5.434   0.718   1.00 9.00  ? 4   ILE A CG1 1 
ATOM   41  C CG2 . ILE A 1 6   ? 1.390   3.534   0.217   1.00 8.83  ? 4   ILE A CG2 1 
ATOM   42  C CD1 . ILE A 1 6   ? -0.257  5.239   2.202   1.00 11.28 ? 4   ILE A CD1 1 
ATOM   43  N N   . THR A 1 7   ? 1.116   3.062   -3.144  1.00 7.61  ? 5   THR A N   1 
ATOM   44  C CA  . THR A 1 7   ? 1.500   1.865   -3.879  1.00 8.04  ? 5   THR A CA  1 
ATOM   45  C C   . THR A 1 7   ? 2.840   1.373   -3.344  1.00 8.10  ? 5   THR A C   1 
ATOM   46  O O   . THR A 1 7   ? 3.822   2.112   -3.346  1.00 8.30  ? 5   THR A O   1 
ATOM   47  C CB  . THR A 1 7   ? 1.622   2.143   -5.387  1.00 8.15  ? 5   THR A CB  1 
ATOM   48  O OG1 . THR A 1 7   ? 0.434   2.794   -5.852  1.00 7.94  ? 5   THR A OG1 1 
ATOM   49  C CG2 . THR A 1 7   ? 1.796   0.842   -6.157  1.00 8.70  ? 5   THR A CG2 1 
ATOM   50  N N   . ALA A 1 8   ? 2.867   0.128   -2.882  1.00 7.81  ? 6   ALA A N   1 
ATOM   51  C CA  . ALA A 1 8   ? 4.086   -0.478  -2.366  1.00 7.99  ? 6   ALA A CA  1 
ATOM   52  C C   . ALA A 1 8   ? 4.448   -1.689  -3.213  1.00 8.09  ? 6   ALA A C   1 
ATOM   53  O O   . ALA A 1 8   ? 3.637   -2.600  -3.381  1.00 8.08  ? 6   ALA A O   1 
ATOM   54  C CB  . ALA A 1 8   ? 3.907   -0.882  -0.915  1.00 8.13  ? 6   ALA A CB  1 
ATOM   55  N N   . ILE A 1 9   ? 5.657   -1.678  -3.765  1.00 8.36  ? 7   ILE A N   1 
ATOM   56  C CA  . ILE A 1 9   ? 6.196   -2.825  -4.489  1.00 9.04  ? 7   ILE A CA  1 
ATOM   57  C C   . ILE A 1 9   ? 7.216   -3.461  -3.557  1.00 9.03  ? 7   ILE A C   1 
ATOM   58  O O   . ILE A 1 9   ? 8.258   -2.866  -3.280  1.00 9.78  ? 7   ILE A O   1 
ATOM   59  C CB  . ILE A 1 9   ? 6.878   -2.419  -5.822  1.00 9.33  ? 7   ILE A CB  1 
ATOM   60  C CG1 . ILE A 1 9   ? 6.015   -1.436  -6.637  1.00 10.54 ? 7   ILE A CG1 1 
ATOM   61  C CG2 . ILE A 1 9   ? 7.255   -3.662  -6.635  1.00 10.16 ? 7   ILE A CG2 1 
ATOM   62  C CD1 . ILE A 1 9   ? 4.606   -1.905  -6.951  1.00 11.76 ? 7   ILE A CD1 1 
ATOM   63  N N   . VAL A 1 10  ? 6.895   -4.648  -3.047  1.00 9.21  ? 8   VAL A N   1 
ATOM   64  C CA  . VAL A 1 10  ? 7.684   -5.273  -1.983  1.00 9.88  ? 8   VAL A CA  1 
ATOM   65  C C   . VAL A 1 10  ? 7.831   -6.774  -2.227  1.00 10.02 ? 8   VAL A C   1 
ATOM   66  O O   . VAL A 1 10  ? 7.140   -7.342  -3.070  1.00 10.13 ? 8   VAL A O   1 
ATOM   67  C CB  . VAL A 1 10  ? 7.071   -4.993  -0.576  1.00 9.86  ? 8   VAL A CB  1 
ATOM   68  C CG1 . VAL A 1 10  ? 7.060   -3.492  -0.277  1.00 10.61 ? 8   VAL A CG1 1 
ATOM   69  C CG2 . VAL A 1 10  ? 5.670   -5.574  -0.460  1.00 10.01 ? 8   VAL A CG2 1 
ATOM   70  N N   . LYS A 1 11  ? 8.737   -7.410  -1.487  1.00 10.32 ? 9   LYS A N   1 
ATOM   71  C CA  . LYS A 1 11  ? 8.962   -8.850  -1.630  1.00 10.80 ? 9   LYS A CA  1 
ATOM   72  C C   . LYS A 1 11  ? 7.734   -9.633  -1.157  1.00 10.99 ? 9   LYS A C   1 
ATOM   73  O O   . LYS A 1 11  ? 7.083   -9.234  -0.191  1.00 10.56 ? 9   LYS A O   1 
ATOM   74  C CB  . LYS A 1 11  ? 10.232  -9.272  -0.884  1.00 10.94 ? 9   LYS A CB  1 
ATOM   75  C CG  . LYS A 1 11  ? 11.498  -8.833  -1.609  1.00 12.01 ? 9   LYS A CG  1 
ATOM   76  C CD  . LYS A 1 11  ? 12.751  -8.882  -0.742  1.00 13.80 ? 9   LYS A CD  1 
ATOM   77  C CE  . LYS A 1 11  ? 13.970  -8.510  -1.572  1.00 14.56 ? 9   LYS A CE  1 
ATOM   78  N NZ  . LYS A 1 11  ? 15.146  -8.099  -0.757  1.00 14.31 ? 9   LYS A NZ  1 
ATOM   79  N N   . PRO A 1 12  ? 7.386   -10.732 -1.856  1.00 11.46 ? 10  PRO A N   1 
ATOM   80  C CA  . PRO A 1 12  ? 6.128   -11.425 -1.560  1.00 12.04 ? 10  PRO A CA  1 
ATOM   81  C C   . PRO A 1 12  ? 6.008   -11.932 -0.125  1.00 12.39 ? 10  PRO A C   1 
ATOM   82  O O   . PRO A 1 12  ? 4.908   -11.942 0.425   1.00 12.75 ? 10  PRO A O   1 
ATOM   83  C CB  . PRO A 1 12  ? 6.126   -12.595 -2.548  1.00 12.08 ? 10  PRO A CB  1 
ATOM   84  C CG  . PRO A 1 12  ? 7.019   -12.151 -3.655  1.00 12.19 ? 10  PRO A CG  1 
ATOM   85  C CD  . PRO A 1 12  ? 8.104   -11.374 -2.973  1.00 11.71 ? 10  PRO A CD  1 
ATOM   86  N N   . PHE A 1 13  ? 7.124   -12.331 0.478   1.00 12.64 ? 11  PHE A N   1 
ATOM   87  C CA  . PHE A 1 13  ? 7.098   -12.863 1.841   1.00 12.88 ? 11  PHE A CA  1 
ATOM   88  C C   . PHE A 1 13  ? 6.834   -11.806 2.921   1.00 13.09 ? 11  PHE A C   1 
ATOM   89  O O   . PHE A 1 13  ? 6.649   -12.146 4.089   1.00 13.62 ? 11  PHE A O   1 
ATOM   90  C CB  . PHE A 1 13  ? 8.369   -13.666 2.152   1.00 13.19 ? 11  PHE A CB  1 
ATOM   91  C CG  . PHE A 1 13  ? 9.651   -12.897 1.972   1.00 13.21 ? 11  PHE A CG  1 
ATOM   92  C CD1 . PHE A 1 13  ? 10.420  -13.067 0.824   1.00 13.76 ? 11  PHE A CD1 1 
ATOM   93  C CD2 . PHE A 1 13  ? 10.105  -12.022 2.960   1.00 13.99 ? 11  PHE A CD2 1 
ATOM   94  C CE1 . PHE A 1 13  ? 11.612  -12.364 0.655   1.00 13.99 ? 11  PHE A CE1 1 
ATOM   95  C CE2 . PHE A 1 13  ? 11.292  -11.316 2.797   1.00 14.36 ? 11  PHE A CE2 1 
ATOM   96  C CZ  . PHE A 1 13  ? 12.044  -11.488 1.646   1.00 14.08 ? 11  PHE A CZ  1 
ATOM   97  N N   . THR A 1 14  ? 6.798   -10.533 2.531   1.00 12.63 ? 12  THR A N   1 
ATOM   98  C CA  . THR A 1 14  ? 6.519   -9.453  3.481   1.00 12.63 ? 12  THR A CA  1 
ATOM   99  C C   . THR A 1 14  ? 5.030   -9.115  3.561   1.00 12.57 ? 12  THR A C   1 
ATOM   100 O O   . THR A 1 14  ? 4.623   -8.298  4.393   1.00 12.15 ? 12  THR A O   1 
ATOM   101 C CB  . THR A 1 14  ? 7.318   -8.161  3.160   1.00 12.39 ? 12  THR A CB  1 
ATOM   102 O OG1 . THR A 1 14  ? 6.797   -7.540  1.978   1.00 12.09 ? 12  THR A OG1 1 
ATOM   103 C CG2 . THR A 1 14  ? 8.800   -8.461  2.979   1.00 12.84 ? 12  THR A CG2 1 
ATOM   104 N N   . LEU A 1 15  ? 4.224   -9.754  2.712   1.00 13.02 ? 13  LEU A N   1 
ATOM   105 C CA  . LEU A 1 15  ? 2.794   -9.441  2.601   1.00 13.64 ? 13  LEU A CA  1 
ATOM   106 C C   . LEU A 1 15  ? 2.049   -9.511  3.932   1.00 13.88 ? 13  LEU A C   1 
ATOM   107 O O   . LEU A 1 15  ? 1.340   -8.572  4.289   1.00 13.66 ? 13  LEU A O   1 
ATOM   108 C CB  . LEU A 1 15  ? 2.108   -10.329 1.552   1.00 13.89 ? 13  LEU A CB  1 
ATOM   109 C CG  . LEU A 1 15  ? 0.594   -10.179 1.331   1.00 13.82 ? 13  LEU A CG  1 
ATOM   110 C CD1 . LEU A 1 15  ? 0.198   -8.751  0.977   1.00 15.71 ? 13  LEU A CD1 1 
ATOM   111 C CD2 . LEU A 1 15  ? 0.111   -11.151 0.264   1.00 14.52 ? 13  LEU A CD2 1 
ATOM   112 N N   . ASP A 1 16  ? 2.205   -10.619 4.657   1.00 14.38 ? 14  ASP A N   1 
ATOM   113 C CA  . ASP A 1 16  ? 1.528   -10.794 5.942   1.00 15.13 ? 14  ASP A CA  1 
ATOM   114 C C   . ASP A 1 16  ? 1.906   -9.692  6.928   1.00 14.67 ? 14  ASP A C   1 
ATOM   115 O O   . ASP A 1 16  ? 1.044   -9.150  7.617   1.00 14.69 ? 14  ASP A O   1 
ATOM   116 C CB  . ASP A 1 16  ? 1.842   -12.165 6.552   1.00 15.78 ? 14  ASP A CB  1 
ATOM   117 C CG  . ASP A 1 16  ? 1.252   -13.323 5.759   1.00 18.18 ? 14  ASP A CG  1 
ATOM   118 O OD1 . ASP A 1 16  ? 1.727   -14.462 5.950   1.00 21.28 ? 14  ASP A OD1 1 
ATOM   119 O OD2 . ASP A 1 16  ? 0.317   -13.110 4.954   1.00 21.44 ? 14  ASP A OD2 1 
ATOM   120 N N   . ASP A 1 17  ? 3.195   -9.358  6.980   1.00 14.50 ? 15  ASP A N   1 
ATOM   121 C CA  . ASP A 1 17  ? 3.682   -8.305  7.868   1.00 14.64 ? 15  ASP A CA  1 
ATOM   122 C C   . ASP A 1 17  ? 3.109   -6.932  7.514   1.00 14.24 ? 15  ASP A C   1 
ATOM   123 O O   . ASP A 1 17  ? 2.719   -6.173  8.402   1.00 14.07 ? 15  ASP A O   1 
ATOM   124 C CB  . ASP A 1 17  ? 5.214   -8.261  7.875   1.00 15.13 ? 15  ASP A CB  1 
ATOM   125 C CG  . ASP A 1 17  ? 5.837   -9.446  8.602   1.00 16.91 ? 15  ASP A CG  1 
ATOM   126 O OD1 . ASP A 1 17  ? 5.101   -10.252 9.213   1.00 18.90 ? 15  ASP A OD1 1 
ATOM   127 O OD2 . ASP A 1 17  ? 7.076   -9.565  8.556   1.00 19.54 ? 15  ASP A OD2 1 
ATOM   128 N N   . VAL A 1 18  ? 3.052   -6.623  6.221   1.00 13.79 ? 16  VAL A N   1 
ATOM   129 C CA  . VAL A 1 18  ? 2.479   -5.357  5.763   1.00 13.68 ? 16  VAL A CA  1 
ATOM   130 C C   . VAL A 1 18  ? 0.979   -5.306  6.063   1.00 14.03 ? 16  VAL A C   1 
ATOM   131 O O   . VAL A 1 18  ? 0.484   -4.306  6.586   1.00 13.64 ? 16  VAL A O   1 
ATOM   132 C CB  . VAL A 1 18  ? 2.748   -5.110  4.257   1.00 13.37 ? 16  VAL A CB  1 
ATOM   133 C CG1 . VAL A 1 18  ? 1.987   -3.883  3.760   1.00 13.08 ? 16  VAL A CG1 1 
ATOM   134 C CG2 . VAL A 1 18  ? 4.240   -4.937  3.998   1.00 13.12 ? 16  VAL A CG2 1 
ATOM   135 N N   . LYS A 1 19  ? 0.277   -6.396  5.749   1.00 14.54 ? 17  LYS A N   1 
ATOM   136 C CA  . LYS A 1 19  ? -1.159  -6.528  6.005   1.00 15.65 ? 17  LYS A CA  1 
ATOM   137 C C   . LYS A 1 19  ? -1.471  -6.340  7.488   1.00 16.13 ? 17  LYS A C   1 
ATOM   138 O O   . LYS A 1 19  ? -2.388  -5.595  7.844   1.00 16.33 ? 17  LYS A O   1 
ATOM   139 C CB  . LYS A 1 19  ? -1.659  -7.891  5.517   1.00 15.79 ? 17  LYS A CB  1 
ATOM   140 C CG  . LYS A 1 19  ? -3.165  -8.105  5.621   1.00 16.64 ? 17  LYS A CG  1 
ATOM   141 C CD  . LYS A 1 19  ? -3.570  -9.387  4.911   1.00 18.47 ? 17  LYS A CD  1 
ATOM   142 C CE  . LYS A 1 19  ? -5.069  -9.631  4.973   1.00 19.89 ? 17  LYS A CE  1 
ATOM   143 N NZ  . LYS A 1 19  ? -5.528  -10.013 6.337   1.00 20.87 ? 17  LYS A NZ  1 
ATOM   144 N N   . THR A 1 20  ? -0.696  -7.007  8.344   1.00 16.67 ? 18  THR A N   1 
ATOM   145 C CA  . THR A 1 20  ? -0.856  -6.894  9.793   1.00 17.53 ? 18  THR A CA  1 
ATOM   146 C C   . THR A 1 20  ? -0.659  -5.449  10.256  1.00 17.57 ? 18  THR A C   1 
ATOM   147 O O   . THR A 1 20  ? -1.465  -4.930  11.029  1.00 17.91 ? 18  THR A O   1 
ATOM   148 C CB  . THR A 1 20  ? 0.095   -7.859  10.549  1.00 17.44 ? 18  THR A CB  1 
ATOM   149 O OG1 . THR A 1 20  ? -0.186  -9.206  10.150  1.00 18.82 ? 18  THR A OG1 1 
ATOM   150 C CG2 . THR A 1 20  ? -0.081  -7.744  12.064  1.00 17.88 ? 18  THR A CG2 1 
ATOM   151 N N   . SER A 1 21  ? 0.401   -4.806  9.767   1.00 17.81 ? 19  SER A N   1 
ATOM   152 C CA  . SER A 1 21  ? 0.699   -3.412  10.098  1.00 18.11 ? 19  SER A CA  1 
ATOM   153 C C   . SER A 1 21  ? -0.420  -2.454  9.683   1.00 18.06 ? 19  SER A C   1 
ATOM   154 O O   . SER A 1 21  ? -0.749  -1.521  10.422  1.00 18.42 ? 19  SER A O   1 
ATOM   155 C CB  . SER A 1 21  ? 2.023   -2.982  9.465   1.00 18.20 ? 19  SER A CB  1 
ATOM   156 O OG  . SER A 1 21  ? 3.113   -3.659  10.066  1.00 19.53 ? 19  SER A OG  1 
ATOM   157 N N   . LEU A 1 22  ? -0.998  -2.688  8.508   1.00 17.95 ? 20  LEU A N   1 
ATOM   158 C CA  . LEU A 1 22  ? -2.110  -1.877  8.018   1.00 17.94 ? 20  LEU A CA  1 
ATOM   159 C C   . LEU A 1 22  ? -3.372  -2.102  8.851   1.00 18.31 ? 20  LEU A C   1 
ATOM   160 O O   . LEU A 1 22  ? -3.997  -1.142  9.304   1.00 18.17 ? 20  LEU A O   1 
ATOM   161 C CB  . LEU A 1 22  ? -2.391  -2.167  6.540   1.00 17.50 ? 20  LEU A CB  1 
ATOM   162 C CG  . LEU A 1 22  ? -1.348  -1.755  5.493   1.00 16.94 ? 20  LEU A CG  1 
ATOM   163 C CD1 . LEU A 1 22  ? -1.726  -2.297  4.123   1.00 16.72 ? 20  LEU A CD1 1 
ATOM   164 C CD2 . LEU A 1 22  ? -1.171  -0.246  5.438   1.00 16.97 ? 20  LEU A CD2 1 
ATOM   165 N N   . GLU A 1 23  ? -3.731  -3.368  9.058   1.00 18.82 ? 21  GLU A N   1 
ATOM   166 C CA  . GLU A 1 23  ? -4.942  -3.719  9.805   1.00 19.48 ? 21  GLU A CA  1 
ATOM   167 C C   . GLU A 1 23  ? -4.897  -3.281  11.269  1.00 19.66 ? 21  GLU A C   1 
ATOM   168 O O   . GLU A 1 23  ? -5.910  -2.831  11.811  1.00 19.69 ? 21  GLU A O   1 
ATOM   169 C CB  . GLU A 1 23  ? -5.235  -5.217  9.699   1.00 19.37 ? 21  GLU A CB  1 
ATOM   170 C CG  . GLU A 1 23  ? -5.743  -5.641  8.330   1.00 19.85 ? 21  GLU A CG  1 
ATOM   171 C CD  . GLU A 1 23  ? -5.882  -7.144  8.181   1.00 19.98 ? 21  GLU A CD  1 
ATOM   172 O OE1 . GLU A 1 23  ? -6.461  -7.575  7.164   1.00 20.76 ? 21  GLU A OE1 1 
ATOM   173 O OE2 . GLU A 1 23  ? -5.414  -7.895  9.065   1.00 21.63 ? 21  GLU A OE2 1 
ATOM   174 N N   . ASP A 1 24  ? -3.726  -3.405  11.897  1.00 19.99 ? 22  ASP A N   1 
ATOM   175 C CA  . ASP A 1 24  ? -3.531  -2.949  13.279  1.00 20.30 ? 22  ASP A CA  1 
ATOM   176 C C   . ASP A 1 24  ? -3.729  -1.445  13.423  1.00 20.23 ? 22  ASP A C   1 
ATOM   177 O O   . ASP A 1 24  ? -4.150  -0.969  14.477  1.00 20.51 ? 22  ASP A O   1 
ATOM   178 C CB  . ASP A 1 24  ? -2.140  -3.330  13.796  1.00 20.69 ? 22  ASP A CB  1 
ATOM   179 C CG  . ASP A 1 24  ? -2.023  -4.803  14.149  1.00 21.46 ? 22  ASP A CG  1 
ATOM   180 O OD1 . ASP A 1 24  ? -0.895  -5.241  14.452  1.00 22.83 ? 22  ASP A OD1 1 
ATOM   181 O OD2 . ASP A 1 24  ? -3.044  -5.524  14.123  1.00 22.36 ? 22  ASP A OD2 1 
ATOM   182 N N   . ALA A 1 25  ? -3.420  -0.707  12.358  1.00 19.80 ? 23  ALA A N   1 
ATOM   183 C CA  . ALA A 1 25  ? -3.571  0.745   12.337  1.00 19.47 ? 23  ALA A CA  1 
ATOM   184 C C   . ALA A 1 25  ? -4.921  1.179   11.759  1.00 19.14 ? 23  ALA A C   1 
ATOM   185 O O   . ALA A 1 25  ? -5.127  2.360   11.471  1.00 19.30 ? 23  ALA A O   1 
ATOM   186 C CB  . ALA A 1 25  ? -2.424  1.385   11.563  1.00 19.41 ? 23  ALA A CB  1 
ATOM   187 N N   . GLY A 1 26  ? -5.831  0.222   11.589  1.00 18.95 ? 24  GLY A N   1 
ATOM   188 C CA  . GLY A 1 26  ? -7.168  0.501   11.068  1.00 18.60 ? 24  GLY A CA  1 
ATOM   189 C C   . GLY A 1 26  ? -7.199  0.989   9.630   1.00 18.39 ? 24  GLY A C   1 
ATOM   190 O O   . GLY A 1 26  ? -8.138  1.677   9.228   1.00 18.41 ? 24  GLY A O   1 
ATOM   191 N N   . VAL A 1 27  ? -6.171  0.631   8.861   1.00 18.10 ? 25  VAL A N   1 
ATOM   192 C CA  . VAL A 1 27  ? -6.108  0.960   7.437   1.00 18.14 ? 25  VAL A CA  1 
ATOM   193 C C   . VAL A 1 27  ? -6.698  -0.200  6.650   1.00 17.90 ? 25  VAL A C   1 
ATOM   194 O O   . VAL A 1 27  ? -6.067  -1.251  6.496   1.00 17.96 ? 25  VAL A O   1 
ATOM   195 C CB  . VAL A 1 27  ? -4.663  1.260   6.966   1.00 18.08 ? 25  VAL A CB  1 
ATOM   196 C CG1 . VAL A 1 27  ? -4.637  1.610   5.477   1.00 18.64 ? 25  VAL A CG1 1 
ATOM   197 C CG2 . VAL A 1 27  ? -4.053  2.385   7.795   1.00 18.29 ? 25  VAL A CG2 1 
ATOM   198 N N   . LEU A 1 28  ? -7.917  0.004   6.162   1.00 17.71 ? 26  LEU A N   1 
ATOM   199 C CA  . LEU A 1 28  ? -8.672  -1.053  5.508   1.00 17.59 ? 26  LEU A CA  1 
ATOM   200 C C   . LEU A 1 28  ? -8.631  -0.930  3.989   1.00 17.04 ? 26  LEU A C   1 
ATOM   201 O O   . LEU A 1 28  ? -8.203  0.093   3.443   1.00 16.91 ? 26  LEU A O   1 
ATOM   202 C CB  . LEU A 1 28  ? -10.126 -1.048  6.005   1.00 17.99 ? 26  LEU A CB  1 
ATOM   203 C CG  . LEU A 1 28  ? -10.389 -1.337  7.491   1.00 19.28 ? 26  LEU A CG  1 
ATOM   204 C CD1 . LEU A 1 28  ? -11.850 -1.079  7.830   1.00 20.18 ? 26  LEU A CD1 1 
ATOM   205 C CD2 . LEU A 1 28  ? -9.993  -2.762  7.867   1.00 20.50 ? 26  LEU A CD2 1 
ATOM   206 N N   . GLY A 1 29  ? -9.055  -1.998  3.319   1.00 16.38 ? 27  GLY A N   1 
ATOM   207 C CA  . GLY A 1 29  ? -9.265  -1.983  1.878   1.00 15.92 ? 27  GLY A CA  1 
ATOM   208 C C   . GLY A 1 29  ? -8.062  -2.289  1.009   1.00 15.53 ? 27  GLY A C   1 
ATOM   209 O O   . GLY A 1 29  ? -8.100  -2.035  -0.196  1.00 15.44 ? 27  GLY A O   1 
ATOM   210 N N   . MET A 1 30  ? -7.003  -2.850  1.592   1.00 14.88 ? 28  MET A N   1 
ATOM   211 C CA  . MET A 1 30  ? -5.803  -3.158  0.810   1.00 14.88 ? 28  MET A CA  1 
ATOM   212 C C   . MET A 1 30  ? -6.087  -4.156  -0.308  1.00 13.55 ? 28  MET A C   1 
ATOM   213 O O   . MET A 1 30  ? -6.931  -5.047  -0.174  1.00 13.16 ? 28  MET A O   1 
ATOM   214 C CB  . MET A 1 30  ? -4.628  -3.624  1.687   1.00 14.73 ? 28  MET A CB  1 
ATOM   215 C CG  . MET A 1 30  ? -4.669  -5.074  2.159   1.00 15.92 ? 28  MET A CG  1 
ATOM   216 S SD  . MET A 1 30  ? -3.026  -5.713  2.569   1.00 17.84 ? 28  MET A SD  1 
ATOM   217 C CE  . MET A 1 30  ? -2.387  -6.031  0.938   1.00 19.08 ? 28  MET A CE  1 
ATOM   218 N N   . THR A 1 31  ? -5.402  -3.962  -1.428  1.00 12.50 ? 29  THR A N   1 
ATOM   219 C CA  . THR A 1 31  ? -5.419  -4.935  -2.509  1.00 12.26 ? 29  THR A CA  1 
ATOM   220 C C   . THR A 1 31  ? -3.988  -5.379  -2.781  1.00 12.09 ? 29  THR A C   1 
ATOM   221 O O   . THR A 1 31  ? -3.030  -4.684  -2.416  1.00 12.11 ? 29  THR A O   1 
ATOM   222 C CB  . THR A 1 31  ? -6.026  -4.367  -3.798  1.00 12.36 ? 29  THR A CB  1 
ATOM   223 O OG1 . THR A 1 31  ? -5.258  -3.239  -4.226  1.00 12.68 ? 29  THR A OG1 1 
ATOM   224 C CG2 . THR A 1 31  ? -7.489  -3.955  -3.593  1.00 12.45 ? 29  THR A CG2 1 
ATOM   225 N N   . VAL A 1 32  ? -3.852  -6.544  -3.406  1.00 11.51 ? 30  VAL A N   1 
ATOM   226 C CA  . VAL A 1 32  ? -2.547  -7.093  -3.765  1.00 11.74 ? 30  VAL A CA  1 
ATOM   227 C C   . VAL A 1 32  ? -2.593  -7.621  -5.192  1.00 11.01 ? 30  VAL A C   1 
ATOM   228 O O   . VAL A 1 32  ? -3.553  -8.296  -5.587  1.00 10.78 ? 30  VAL A O   1 
ATOM   229 C CB  . VAL A 1 32  ? -2.103  -8.241  -2.817  1.00 12.04 ? 30  VAL A CB  1 
ATOM   230 C CG1 . VAL A 1 32  ? -0.613  -8.535  -2.980  1.00 12.75 ? 30  VAL A CG1 1 
ATOM   231 C CG2 . VAL A 1 32  ? -2.425  -7.921  -1.377  1.00 14.44 ? 30  VAL A CG2 1 
ATOM   232 N N   . SER A 1 33  ? -1.538  -7.325  -5.944  1.00 10.80 ? 31  SER A N   1 
ATOM   233 C CA  . SER A 1 33  ? -1.378  -7.788  -7.319  1.00 10.97 ? 31  SER A CA  1 
ATOM   234 C C   . SER A 1 33  ? 0.028   -8.352  -7.497  1.00 10.97 ? 31  SER A C   1 
ATOM   235 O O   . SER A 1 33  ? 0.949   -7.967  -6.775  1.00 10.16 ? 31  SER A O   1 
ATOM   236 C CB  . SER A 1 33  ? -1.589  -6.626  -8.307  1.00 11.29 ? 31  SER A CB  1 
ATOM   237 O OG  . SER A 1 33  ? -2.756  -5.877  -8.004  1.00 13.66 ? 31  SER A OG  1 
ATOM   238 N N   . GLU A 1 34  ? 0.192   -9.249  -8.466  1.00 11.14 ? 32  GLU A N   1 
ATOM   239 C CA  . GLU A 1 34  ? 1.506   -9.779  -8.821  1.00 11.98 ? 32  GLU A CA  1 
ATOM   240 C C   . GLU A 1 34  ? 2.260   -8.779  -9.688  1.00 11.67 ? 32  GLU A C   1 
ATOM   241 O O   . GLU A 1 34  ? 1.664   -8.077  -10.507 1.00 11.59 ? 32  GLU A O   1 
ATOM   242 C CB  . GLU A 1 34  ? 1.384   -11.106 -9.580  1.00 12.40 ? 32  GLU A CB  1 
ATOM   243 C CG  . GLU A 1 34  ? 0.492   -12.167 -8.928  1.00 15.09 ? 32  GLU A CG  1 
ATOM   244 C CD  . GLU A 1 34  ? 1.101   -12.835 -7.703  1.00 18.09 ? 32  GLU A CD  1 
ATOM   245 O OE1 . GLU A 1 34  ? 2.138   -12.364 -7.185  1.00 19.86 ? 32  GLU A OE1 1 
ATOM   246 O OE2 . GLU A 1 34  ? 0.527   -13.848 -7.248  1.00 21.10 ? 32  GLU A OE2 1 
ATOM   247 N N   . ILE A 1 35  ? 3.575   -8.734  -9.513  1.00 11.38 ? 33  ILE A N   1 
ATOM   248 C CA  . ILE A 1 35  ? 4.429   -7.806  -10.250 1.00 12.09 ? 33  ILE A CA  1 
ATOM   249 C C   . ILE A 1 35  ? 5.853   -8.363  -10.282 1.00 12.46 ? 33  ILE A C   1 
ATOM   250 O O   . ILE A 1 35  ? 6.219   -9.195  -9.448  1.00 12.48 ? 33  ILE A O   1 
ATOM   251 C CB  . ILE A 1 35  ? 4.357   -6.373  -9.626  1.00 11.87 ? 33  ILE A CB  1 
ATOM   252 C CG1 . ILE A 1 35  ? 4.961   -5.311  -10.552 1.00 12.17 ? 33  ILE A CG1 1 
ATOM   253 C CG2 . ILE A 1 35  ? 4.974   -6.339  -8.229  1.00 12.45 ? 33  ILE A CG2 1 
ATOM   254 C CD1 . ILE A 1 35  ? 4.536   -3.893  -10.193 1.00 12.30 ? 33  ILE A CD1 1 
ATOM   255 N N   . GLN A 1 36  ? 6.636   -7.928  -11.263 1.00 13.20 ? 34  GLN A N   1 
ATOM   256 C CA  . GLN A 1 36  ? 8.041   -8.314  -11.369 1.00 14.49 ? 34  GLN A CA  1 
ATOM   257 C C   . GLN A 1 36  ? 8.916   -7.072  -11.298 1.00 14.63 ? 34  GLN A C   1 
ATOM   258 O O   . GLN A 1 36  ? 8.635   -6.072  -11.957 1.00 14.24 ? 34  GLN A O   1 
ATOM   259 C CB  . GLN A 1 36  ? 8.295   -9.048  -12.687 1.00 14.41 ? 34  GLN A CB  1 
ATOM   260 C CG  . GLN A 1 36  ? 7.492   -10.335 -12.864 1.00 16.14 ? 34  GLN A CG  1 
ATOM   261 C CD  . GLN A 1 36  ? 7.570   -10.895 -14.274 1.00 16.54 ? 34  GLN A CD  1 
ATOM   262 O OE1 . GLN A 1 36  ? 8.546   -10.676 -14.993 1.00 19.94 ? 34  GLN A OE1 1 
ATOM   263 N NE2 . GLN A 1 36  ? 6.536   -11.624 -14.675 1.00 19.52 ? 34  GLN A NE2 1 
ATOM   264 N N   . GLY A 1 37  ? 9.972   -7.136  -10.492 1.00 15.14 ? 35  GLY A N   1 
ATOM   265 C CA  . GLY A 1 37  ? 10.913  -6.023  -10.363 1.00 16.17 ? 35  GLY A CA  1 
ATOM   266 C C   . GLY A 1 37  ? 12.339  -6.511  -10.212 1.00 16.96 ? 35  GLY A C   1 
ATOM   267 O O   . GLY A 1 37  ? 12.574  -7.712  -10.080 1.00 16.87 ? 35  GLY A O   1 
ATOM   268 N N   . TYR A 1 38  ? 13.291  -5.579  -10.223 1.00 17.85 ? 36  TYR A N   1 
ATOM   269 C CA  . TYR A 1 38  ? 14.713  -5.922  -10.110 1.00 18.80 ? 36  TYR A CA  1 
ATOM   270 C C   . TYR A 1 38  ? 15.050  -6.575  -8.771  1.00 19.28 ? 36  TYR A C   1 
ATOM   271 O O   . TYR A 1 38  ? 14.608  -6.121  -7.713  1.00 19.16 ? 36  TYR A O   1 
ATOM   272 C CB  . TYR A 1 38  ? 15.590  -4.683  -10.296 1.00 19.13 ? 36  TYR A CB  1 
ATOM   273 C CG  . TYR A 1 38  ? 15.655  -4.134  -11.705 1.00 19.63 ? 36  TYR A CG  1 
ATOM   274 C CD1 . TYR A 1 38  ? 16.611  -4.593  -12.613 1.00 19.91 ? 36  TYR A CD1 1 
ATOM   275 C CD2 . TYR A 1 38  ? 14.778  -3.133  -12.121 1.00 19.99 ? 36  TYR A CD2 1 
ATOM   276 C CE1 . TYR A 1 38  ? 16.680  -4.076  -13.908 1.00 20.04 ? 36  TYR A CE1 1 
ATOM   277 C CE2 . TYR A 1 38  ? 14.840  -2.610  -13.405 1.00 20.00 ? 36  TYR A CE2 1 
ATOM   278 C CZ  . TYR A 1 38  ? 15.789  -3.085  -14.296 1.00 19.71 ? 36  TYR A CZ  1 
ATOM   279 O OH  . TYR A 1 38  ? 15.843  -2.560  -15.568 1.00 19.77 ? 36  TYR A OH  1 
ATOM   280 N N   . GLY A 1 39  ? 15.845  -7.638  -8.829  1.00 20.06 ? 37  GLY A N   1 
ATOM   281 C CA  . GLY A 1 39  ? 16.292  -8.339  -7.629  1.00 21.19 ? 37  GLY A CA  1 
ATOM   282 C C   . GLY A 1 39  ? 17.299  -9.432  -7.926  1.00 21.85 ? 37  GLY A C   1 
ATOM   283 O O   . GLY A 1 39  ? 17.661  -9.659  -9.084  1.00 22.27 ? 37  GLY A O   1 
ATOM   284 N N   . ARG A 1 40  ? 17.747  -10.109 -6.871  1.00 22.44 ? 38  ARG A N   1 
ATOM   285 C CA  . ARG A 1 40  ? 18.729  -11.184 -6.992  1.00 22.90 ? 38  ARG A CA  1 
ATOM   286 C C   . ARG A 1 40  ? 18.062  -12.555 -6.957  1.00 23.15 ? 38  ARG A C   1 
ATOM   287 O O   . ARG A 1 40  ? 17.975  -13.236 -7.980  1.00 23.68 ? 38  ARG A O   1 
ATOM   288 C CB  . ARG A 1 40  ? 19.777  -11.073 -5.895  1.00 22.92 ? 38  ARG A CB  1 
ATOM   289 N N   . ASP A 1 56  ? 17.726  -8.189  -14.259 1.00 22.85 ? 54  ASP A N   1 
ATOM   290 C CA  . ASP A 1 56  ? 17.015  -9.443  -14.038 1.00 22.61 ? 54  ASP A CA  1 
ATOM   291 C C   . ASP A 1 56  ? 15.934  -9.284  -12.973 1.00 21.98 ? 54  ASP A C   1 
ATOM   292 O O   . ASP A 1 56  ? 16.145  -8.631  -11.944 1.00 21.96 ? 54  ASP A O   1 
ATOM   293 C CB  . ASP A 1 56  ? 17.984  -10.563 -13.650 1.00 23.23 ? 54  ASP A CB  1 
ATOM   294 C CG  . ASP A 1 56  ? 17.322  -11.930 -13.643 1.00 23.96 ? 54  ASP A CG  1 
ATOM   295 O OD1 . ASP A 1 56  ? 17.378  -12.610 -12.597 1.00 26.21 ? 54  ASP A OD1 1 
ATOM   296 O OD2 . ASP A 1 56  ? 16.735  -12.319 -14.677 1.00 25.99 ? 54  ASP A OD2 1 
ATOM   297 N N   . PHE A 1 57  ? 14.781  -9.897  -13.227 1.00 21.20 ? 55  PHE A N   1 
ATOM   298 C CA  . PHE A 1 57  ? 13.602  -9.694  -12.391 1.00 20.27 ? 55  PHE A CA  1 
ATOM   299 C C   . PHE A 1 57  ? 13.338  -10.818 -11.392 1.00 19.47 ? 55  PHE A C   1 
ATOM   300 O O   . PHE A 1 57  ? 13.684  -11.983 -11.624 1.00 19.58 ? 55  PHE A O   1 
ATOM   301 C CB  . PHE A 1 57  ? 12.353  -9.469  -13.255 1.00 20.44 ? 55  PHE A CB  1 
ATOM   302 C CG  . PHE A 1 57  ? 12.407  -8.227  -14.111 1.00 20.81 ? 55  PHE A CG  1 
ATOM   303 C CD1 . PHE A 1 57  ? 13.025  -7.062  -13.658 1.00 21.27 ? 55  PHE A CD1 1 
ATOM   304 C CD2 . PHE A 1 57  ? 11.810  -8.218  -15.369 1.00 21.66 ? 55  PHE A CD2 1 
ATOM   305 C CE1 . PHE A 1 57  ? 13.064  -5.918  -14.452 1.00 21.30 ? 55  PHE A CE1 1 
ATOM   306 C CE2 . PHE A 1 57  ? 11.843  -7.080  -16.168 1.00 21.55 ? 55  PHE A CE2 1 
ATOM   307 C CZ  . PHE A 1 57  ? 12.468  -5.928  -15.706 1.00 20.97 ? 55  PHE A CZ  1 
ATOM   308 N N   . VAL A 1 58  ? 12.717  -10.441 -10.279 1.00 18.28 ? 56  VAL A N   1 
ATOM   309 C CA  . VAL A 1 58  ? 12.211  -11.386 -9.291  1.00 17.02 ? 56  VAL A CA  1 
ATOM   310 C C   . VAL A 1 58  ? 10.730  -11.085 -9.042  1.00 15.97 ? 56  VAL A C   1 
ATOM   311 O O   . VAL A 1 58  ? 10.282  -9.952  -9.270  1.00 15.22 ? 56  VAL A O   1 
ATOM   312 C CB  . VAL A 1 58  ? 13.008  -11.335 -7.952  1.00 17.25 ? 56  VAL A CB  1 
ATOM   313 C CG1 . VAL A 1 58  ? 14.460  -11.765 -8.165  1.00 17.56 ? 56  VAL A CG1 1 
ATOM   314 C CG2 . VAL A 1 58  ? 12.934  -9.955  -7.298  1.00 17.44 ? 56  VAL A CG2 1 
ATOM   315 N N   . PRO A 1 59  ? 9.957   -12.095 -8.597  1.00 14.98 ? 57  PRO A N   1 
ATOM   316 C CA  . PRO A 1 59  ? 8.566   -11.845 -8.229  1.00 14.30 ? 57  PRO A CA  1 
ATOM   317 C C   . PRO A 1 59  ? 8.463   -10.895 -7.043  1.00 13.32 ? 57  PRO A C   1 
ATOM   318 O O   . PRO A 1 59  ? 9.219   -11.008 -6.076  1.00 13.11 ? 57  PRO A O   1 
ATOM   319 C CB  . PRO A 1 59  ? 8.043   -13.234 -7.834  1.00 14.44 ? 57  PRO A CB  1 
ATOM   320 C CG  . PRO A 1 59  ? 9.000   -14.202 -8.438  1.00 15.49 ? 57  PRO A CG  1 
ATOM   321 C CD  . PRO A 1 59  ? 10.321  -13.515 -8.433  1.00 15.24 ? 57  PRO A CD  1 
ATOM   322 N N   . LYS A 1 60  ? 7.542   -9.948  -7.144  1.00 12.22 ? 58  LYS A N   1 
ATOM   323 C CA  . LYS A 1 60  ? 7.220   -9.051  -6.047  1.00 11.36 ? 58  LYS A CA  1 
ATOM   324 C C   . LYS A 1 60  ? 5.702   -8.943  -5.955  1.00 10.54 ? 58  LYS A C   1 
ATOM   325 O O   . LYS A 1 60  ? 4.980   -9.552  -6.751  1.00 10.28 ? 58  LYS A O   1 
ATOM   326 C CB  . LYS A 1 60  ? 7.875   -7.677  -6.251  1.00 11.38 ? 58  LYS A CB  1 
ATOM   327 C CG  . LYS A 1 60  ? 9.398   -7.741  -6.258  1.00 12.00 ? 58  LYS A CG  1 
ATOM   328 C CD  . LYS A 1 60  ? 10.053  -6.384  -6.242  1.00 13.02 ? 58  LYS A CD  1 
ATOM   329 C CE  . LYS A 1 60  ? 11.531  -6.528  -6.550  1.00 13.45 ? 58  LYS A CE  1 
ATOM   330 N NZ  . LYS A 1 60  ? 12.274  -5.259  -6.348  1.00 14.14 ? 58  LYS A NZ  1 
ATOM   331 N N   . VAL A 1 61  ? 5.216   -8.186  -4.980  1.00 9.63  ? 59  VAL A N   1 
ATOM   332 C CA  . VAL A 1 61  ? 3.788   -7.902  -4.895  1.00 9.75  ? 59  VAL A CA  1 
ATOM   333 C C   . VAL A 1 61  ? 3.555   -6.398  -4.894  1.00 9.18  ? 59  VAL A C   1 
ATOM   334 O O   . VAL A 1 61  ? 4.395   -5.627  -4.416  1.00 9.50  ? 59  VAL A O   1 
ATOM   335 C CB  . VAL A 1 61  ? 3.099   -8.582  -3.675  1.00 9.86  ? 59  VAL A CB  1 
ATOM   336 C CG1 . VAL A 1 61  ? 3.128   -10.106 -3.810  1.00 10.78 ? 59  VAL A CG1 1 
ATOM   337 C CG2 . VAL A 1 61  ? 3.713   -8.129  -2.355  1.00 10.18 ? 59  VAL A CG2 1 
ATOM   338 N N   . ARG A 1 62  ? 2.421   -6.002  -5.463  1.00 8.71  ? 60  ARG A N   1 
ATOM   339 C CA  . ARG A 1 62  ? 1.987   -4.618  -5.513  1.00 8.53  ? 60  ARG A CA  1 
ATOM   340 C C   . ARG A 1 62  ? 0.834   -4.458  -4.532  1.00 8.18  ? 60  ARG A C   1 
ATOM   341 O O   . ARG A 1 62  ? -0.257  -4.976  -4.772  1.00 8.60  ? 60  ARG A O   1 
ATOM   342 C CB  . ARG A 1 62  ? 1.510   -4.279  -6.924  1.00 8.46  ? 60  ARG A CB  1 
ATOM   343 C CG  . ARG A 1 62  ? 1.030   -2.847  -7.109  1.00 9.12  ? 60  ARG A CG  1 
ATOM   344 C CD  . ARG A 1 62  ? 0.076   -2.730  -8.290  1.00 8.77  ? 60  ARG A CD  1 
ATOM   345 N NE  . ARG A 1 62  ? 0.034   -1.353  -8.773  1.00 10.52 ? 60  ARG A NE  1 
ATOM   346 C CZ  . ARG A 1 62  ? 0.820   -0.869  -9.728  1.00 10.71 ? 60  ARG A CZ  1 
ATOM   347 N NH1 . ARG A 1 62  ? 1.697   -1.658  -10.341 1.00 11.54 ? 60  ARG A NH1 1 
ATOM   348 N NH2 . ARG A 1 62  ? 0.720   0.401   -10.079 1.00 10.90 ? 60  ARG A NH2 1 
ATOM   349 N N   . ILE A 1 63  ? 1.084   -3.741  -3.440  1.00 7.94  ? 61  ILE A N   1 
ATOM   350 C CA  . ILE A 1 63  ? 0.088   -3.508  -2.397  1.00 8.39  ? 61  ILE A CA  1 
ATOM   351 C C   . ILE A 1 63  ? -0.416  -2.072  -2.523  1.00 8.04  ? 61  ILE A C   1 
ATOM   352 O O   . ILE A 1 63  ? 0.386   -1.140  -2.593  1.00 8.22  ? 61  ILE A O   1 
ATOM   353 C CB  . ILE A 1 63  ? 0.696   -3.758  -0.996  1.00 8.48  ? 61  ILE A CB  1 
ATOM   354 C CG1 . ILE A 1 63  ? 1.116   -5.228  -0.855  1.00 9.11  ? 61  ILE A CG1 1 
ATOM   355 C CG2 . ILE A 1 63  ? -0.279  -3.347  0.111   1.00 9.20  ? 61  ILE A CG2 1 
ATOM   356 C CD1 . ILE A 1 63  ? 1.976   -5.531  0.364   1.00 9.44  ? 61  ILE A CD1 1 
ATOM   357 N N   . GLU A 1 64  ? -1.736  -1.898  -2.561  1.00 7.76  ? 62  GLU A N   1 
ATOM   358 C CA  . GLU A 1 64  ? -2.339  -0.573  -2.711  1.00 7.95  ? 62  GLU A CA  1 
ATOM   359 C C   . GLU A 1 64  ? -3.379  -0.314  -1.640  1.00 7.90  ? 62  GLU A C   1 
ATOM   360 O O   . GLU A 1 64  ? -4.190  -1.189  -1.331  1.00 7.95  ? 62  GLU A O   1 
ATOM   361 C CB  . GLU A 1 64  ? -2.995  -0.432  -4.085  1.00 8.12  ? 62  GLU A CB  1 
ATOM   362 C CG  . GLU A 1 64  ? -1.995  -0.347  -5.230  1.00 8.40  ? 62  GLU A CG  1 
ATOM   363 C CD  . GLU A 1 64  ? -2.614  -0.618  -6.590  1.00 10.56 ? 62  GLU A CD  1 
ATOM   364 O OE1 . GLU A 1 64  ? -2.389  0.192   -7.513  1.00 10.20 ? 62  GLU A OE1 1 
ATOM   365 O OE2 . GLU A 1 64  ? -3.313  -1.640  -6.748  1.00 11.39 ? 62  GLU A OE2 1 
ATOM   366 N N   . VAL A 1 65  ? -3.333  0.885   -1.065  1.00 8.17  ? 63  VAL A N   1 
ATOM   367 C CA  . VAL A 1 65  ? -4.384  1.378   -0.178  1.00 8.81  ? 63  VAL A CA  1 
ATOM   368 C C   . VAL A 1 65  ? -4.679  2.831   -0.505  1.00 8.79  ? 63  VAL A C   1 
ATOM   369 O O   . VAL A 1 65  ? -3.794  3.569   -0.934  1.00 8.79  ? 63  VAL A O   1 
ATOM   370 C CB  . VAL A 1 65  ? -4.016  1.278   1.335   1.00 9.08  ? 63  VAL A CB  1 
ATOM   371 C CG1 . VAL A 1 65  ? -4.011  -0.156  1.808   1.00 9.96  ? 63  VAL A CG1 1 
ATOM   372 C CG2 . VAL A 1 65  ? -2.687  1.953   1.645   1.00 9.61  ? 63  VAL A CG2 1 
ATOM   373 N N   . VAL A 1 66  ? -5.930  3.226   -0.306  1.00 9.11  ? 64  VAL A N   1 
ATOM   374 C CA  . VAL A 1 66  ? -6.334  4.623   -0.410  1.00 9.64  ? 64  VAL A CA  1 
ATOM   375 C C   . VAL A 1 66  ? -6.588  5.157   0.997   1.00 9.87  ? 64  VAL A C   1 
ATOM   376 O O   . VAL A 1 66  ? -7.337  4.564   1.775   1.00 10.51 ? 64  VAL A O   1 
ATOM   377 C CB  . VAL A 1 66  ? -7.585  4.794   -1.308  1.00 9.54  ? 64  VAL A CB  1 
ATOM   378 C CG1 . VAL A 1 66  ? -8.029  6.250   -1.360  1.00 10.69 ? 64  VAL A CG1 1 
ATOM   379 C CG2 . VAL A 1 66  ? -7.305  4.283   -2.717  1.00 10.60 ? 64  VAL A CG2 1 
ATOM   380 N N   . VAL A 1 67  ? -5.928  6.261   1.328   1.00 9.88  ? 65  VAL A N   1 
ATOM   381 C CA  . VAL A 1 67  ? -6.015  6.842   2.668   1.00 10.55 ? 65  VAL A CA  1 
ATOM   382 C C   . VAL A 1 67  ? -6.187  8.352   2.588   1.00 10.78 ? 65  VAL A C   1 
ATOM   383 O O   . VAL A 1 67  ? -5.895  8.971   1.564   1.00 10.78 ? 65  VAL A O   1 
ATOM   384 C CB  . VAL A 1 67  ? -4.755  6.519   3.543   1.00 10.58 ? 65  VAL A CB  1 
ATOM   385 C CG1 . VAL A 1 67  ? -4.613  5.017   3.784   1.00 11.52 ? 65  VAL A CG1 1 
ATOM   386 C CG2 . VAL A 1 67  ? -3.474  7.097   2.928   1.00 11.55 ? 65  VAL A CG2 1 
ATOM   387 N N   . ASP A 1 68  ? -6.672  8.933   3.679   1.00 11.18 ? 66  ASP A N   1 
ATOM   388 C CA  . ASP A 1 68  ? -6.682  10.377  3.845   1.00 11.57 ? 66  ASP A CA  1 
ATOM   389 C C   . ASP A 1 68  ? -5.247  10.847  4.051   1.00 11.86 ? 66  ASP A C   1 
ATOM   390 O O   . ASP A 1 68  ? -4.433  10.120  4.621   1.00 11.59 ? 66  ASP A O   1 
ATOM   391 C CB  . ASP A 1 68  ? -7.540  10.745  5.053   1.00 11.83 ? 66  ASP A CB  1 
ATOM   392 C CG  . ASP A 1 68  ? -7.668  12.237  5.247   1.00 12.41 ? 66  ASP A CG  1 
ATOM   393 O OD1 . ASP A 1 68  ? -8.409  12.879  4.477   1.00 14.73 ? 66  ASP A OD1 1 
ATOM   394 O OD2 . ASP A 1 68  ? -7.019  12.763  6.173   1.00 12.95 ? 66  ASP A OD2 1 
ATOM   395 N N   . ASP A 1 69  ? -4.930  12.056  3.589   1.00 12.41 ? 67  ASP A N   1 
ATOM   396 C CA  . ASP A 1 69  ? -3.553  12.551  3.694   1.00 13.23 ? 67  ASP A CA  1 
ATOM   397 C C   . ASP A 1 69  ? -3.068  12.759  5.137   1.00 13.55 ? 67  ASP A C   1 
ATOM   398 O O   . ASP A 1 69  ? -1.867  12.889  5.372   1.00 13.98 ? 67  ASP A O   1 
ATOM   399 C CB  . ASP A 1 69  ? -3.303  13.784  2.800   1.00 14.05 ? 67  ASP A CB  1 
ATOM   400 C CG  . ASP A 1 69  ? -4.147  14.992  3.183   1.00 15.23 ? 67  ASP A CG  1 
ATOM   401 O OD1 . ASP A 1 69  ? -4.854  14.963  4.210   1.00 17.84 ? 67  ASP A OD1 1 
ATOM   402 O OD2 . ASP A 1 69  ? -4.090  15.991  2.436   1.00 17.50 ? 67  ASP A OD2 1 
ATOM   403 N N   . SER A 1 70  ? -3.996  12.753  6.097   1.00 13.46 ? 68  SER A N   1 
ATOM   404 C CA  . SER A 1 70  ? -3.645  12.848  7.518   1.00 13.53 ? 68  SER A CA  1 
ATOM   405 C C   . SER A 1 70  ? -2.753  11.702  7.992   1.00 13.51 ? 68  SER A C   1 
ATOM   406 O O   . SER A 1 70  ? -1.924  11.880  8.891   1.00 14.11 ? 68  SER A O   1 
ATOM   407 C CB  . SER A 1 70  ? -4.902  12.924  8.395   1.00 13.34 ? 68  SER A CB  1 
ATOM   408 O OG  . SER A 1 70  ? -5.695  11.751  8.305   1.00 14.11 ? 68  SER A OG  1 
ATOM   409 N N   . ILE A 1 71  ? -2.926  10.528  7.392   1.00 13.14 ? 69  ILE A N   1 
ATOM   410 C CA  . ILE A 1 71  ? -2.175  9.345   7.807   1.00 12.93 ? 69  ILE A CA  1 
ATOM   411 C C   . ILE A 1 71  ? -1.175  8.839   6.768   1.00 12.79 ? 69  ILE A C   1 
ATOM   412 O O   . ILE A 1 71  ? -0.464  7.874   7.031   1.00 12.45 ? 69  ILE A O   1 
ATOM   413 C CB  . ILE A 1 71  ? -3.106  8.178   8.256   1.00 12.76 ? 69  ILE A CB  1 
ATOM   414 C CG1 . ILE A 1 71  ? -3.971  7.669   7.095   1.00 13.10 ? 69  ILE A CG1 1 
ATOM   415 C CG2 . ILE A 1 71  ? -3.966  8.602   9.444   1.00 13.09 ? 69  ILE A CG2 1 
ATOM   416 C CD1 . ILE A 1 71  ? -4.717  6.372   7.401   1.00 12.92 ? 69  ILE A CD1 1 
ATOM   417 N N   . VAL A 1 72  ? -1.097  9.496   5.613   1.00 13.04 ? 70  VAL A N   1 
ATOM   418 C CA  . VAL A 1 72  ? -0.279  8.981   4.508   1.00 13.66 ? 70  VAL A CA  1 
ATOM   419 C C   . VAL A 1 72  ? 1.193   8.764   4.906   1.00 13.97 ? 70  VAL A C   1 
ATOM   420 O O   . VAL A 1 72  ? 1.757   7.709   4.617   1.00 13.57 ? 70  VAL A O   1 
ATOM   421 C CB  . VAL A 1 72  ? -0.465  9.802   3.181   1.00 13.73 ? 70  VAL A CB  1 
ATOM   422 C CG1 . VAL A 1 72  ? 0.211   11.172  3.246   1.00 14.63 ? 70  VAL A CG1 1 
ATOM   423 C CG2 . VAL A 1 72  ? 0.016   9.001   1.975   1.00 14.38 ? 70  VAL A CG2 1 
ATOM   424 N N   . ASP A 1 73  ? 1.786   9.731   5.606   1.00 14.71 ? 71  ASP A N   1 
ATOM   425 C CA  . ASP A 1 73  ? 3.185   9.629   6.030   1.00 15.43 ? 71  ASP A CA  1 
ATOM   426 C C   . ASP A 1 73  ? 3.449   8.433   6.934   1.00 15.16 ? 71  ASP A C   1 
ATOM   427 O O   . ASP A 1 73  ? 4.398   7.675   6.704   1.00 15.28 ? 71  ASP A O   1 
ATOM   428 C CB  . ASP A 1 73  ? 3.646   10.910  6.731   1.00 16.34 ? 71  ASP A CB  1 
ATOM   429 C CG  . ASP A 1 73  ? 3.933   12.042  5.763   1.00 18.31 ? 71  ASP A CG  1 
ATOM   430 O OD1 . ASP A 1 73  ? 3.917   11.818  4.532   1.00 20.37 ? 71  ASP A OD1 1 
ATOM   431 O OD2 . ASP A 1 73  ? 4.182   13.169  6.243   1.00 21.16 ? 71  ASP A OD2 1 
ATOM   432 N N   . LYS A 1 74  ? 2.619   8.257   7.958   1.00 14.84 ? 72  LYS A N   1 
ATOM   433 C CA  . LYS A 1 74  ? 2.833   7.153   8.889   1.00 14.75 ? 72  LYS A CA  1 
ATOM   434 C C   . LYS A 1 74  ? 2.500   5.790   8.283   1.00 13.94 ? 72  LYS A C   1 
ATOM   435 O O   . LYS A 1 74  ? 3.137   4.795   8.623   1.00 13.84 ? 72  LYS A O   1 
ATOM   436 C CB  . LYS A 1 74  ? 2.128   7.376   10.233  1.00 15.56 ? 72  LYS A CB  1 
ATOM   437 C CG  . LYS A 1 74  ? 0.625   7.332   10.201  1.00 17.08 ? 72  LYS A CG  1 
ATOM   438 C CD  . LYS A 1 74  ? 0.073   7.476   11.604  1.00 20.03 ? 72  LYS A CD  1 
ATOM   439 C CE  . LYS A 1 74  ? -1.232  8.236   11.597  1.00 21.10 ? 72  LYS A CE  1 
ATOM   440 N NZ  . LYS A 1 74  ? -1.016  9.668   11.240  1.00 22.27 ? 72  LYS A NZ  1 
ATOM   441 N N   . VAL A 1 75  ? 1.518   5.744   7.384   1.00 12.86 ? 73  VAL A N   1 
ATOM   442 C CA  . VAL A 1 75  ? 1.206   4.500   6.683   1.00 12.08 ? 73  VAL A CA  1 
ATOM   443 C C   . VAL A 1 75  ? 2.375   4.084   5.779   1.00 11.55 ? 73  VAL A C   1 
ATOM   444 O O   . VAL A 1 75  ? 2.795   2.923   5.796   1.00 10.99 ? 73  VAL A O   1 
ATOM   445 C CB  . VAL A 1 75  ? -0.138  4.575   5.909   1.00 11.93 ? 73  VAL A CB  1 
ATOM   446 C CG1 . VAL A 1 75  ? -0.371  3.299   5.119   1.00 12.37 ? 73  VAL A CG1 1 
ATOM   447 C CG2 . VAL A 1 75  ? -1.297  4.799   6.876   1.00 12.59 ? 73  VAL A CG2 1 
ATOM   448 N N   . VAL A 1 76  ? 2.927   5.040   5.028   1.00 11.13 ? 74  VAL A N   1 
ATOM   449 C CA  . VAL A 1 76  ? 4.111   4.773   4.201   1.00 11.23 ? 74  VAL A CA  1 
ATOM   450 C C   . VAL A 1 76  ? 5.251   4.237   5.073   1.00 11.61 ? 74  VAL A C   1 
ATOM   451 O O   . VAL A 1 76  ? 5.843   3.202   4.764   1.00 11.42 ? 74  VAL A O   1 
ATOM   452 C CB  . VAL A 1 76  ? 4.559   6.023   3.399   1.00 10.79 ? 74  VAL A CB  1 
ATOM   453 C CG1 . VAL A 1 76  ? 5.965   5.838   2.823   1.00 10.80 ? 74  VAL A CG1 1 
ATOM   454 C CG2 . VAL A 1 76  ? 3.569   6.323   2.282   1.00 11.28 ? 74  VAL A CG2 1 
ATOM   455 N N   . ASP A 1 77  ? 5.531   4.929   6.177   1.00 12.20 ? 75  ASP A N   1 
ATOM   456 C CA  . ASP A 1 77  ? 6.592   4.505   7.089   1.00 13.17 ? 75  ASP A CA  1 
ATOM   457 C C   . ASP A 1 77  ? 6.347   3.112   7.671   1.00 12.99 ? 75  ASP A C   1 
ATOM   458 O O   . ASP A 1 77  ? 7.286   2.327   7.808   1.00 13.35 ? 75  ASP A O   1 
ATOM   459 C CB  . ASP A 1 77  ? 6.794   5.532   8.208   1.00 13.84 ? 75  ASP A CB  1 
ATOM   460 C CG  . ASP A 1 77  ? 7.397   6.839   7.710   1.00 16.11 ? 75  ASP A CG  1 
ATOM   461 O OD1 . ASP A 1 77  ? 7.414   7.810   8.498   1.00 19.27 ? 75  ASP A OD1 1 
ATOM   462 O OD2 . ASP A 1 77  ? 7.851   6.906   6.546   1.00 19.16 ? 75  ASP A OD2 1 
ATOM   463 N N   . SER A 1 78  ? 5.092   2.798   7.991   1.00 12.81 ? 76  SER A N   1 
ATOM   464 C CA  . SER A 1 78  ? 4.747   1.480   8.528   1.00 12.82 ? 76  SER A CA  1 
ATOM   465 C C   . SER A 1 78  ? 4.966   0.375   7.494   1.00 12.17 ? 76  SER A C   1 
ATOM   466 O O   . SER A 1 78  ? 5.479   -0.694  7.820   1.00 11.67 ? 76  SER A O   1 
ATOM   467 C CB  . SER A 1 78  ? 3.313   1.454   9.075   1.00 13.15 ? 76  SER A CB  1 
ATOM   468 O OG  . SER A 1 78  ? 2.347   1.389   8.042   1.00 16.25 ? 76  SER A OG  1 
ATOM   469 N N   . ILE A 1 79  ? 4.590   0.639   6.244   1.00 11.43 ? 77  ILE A N   1 
ATOM   470 C CA  . ILE A 1 79  ? 4.828   -0.319  5.163   1.00 11.49 ? 77  ILE A CA  1 
ATOM   471 C C   . ILE A 1 79  ? 6.329   -0.536  4.956   1.00 11.60 ? 77  ILE A C   1 
ATOM   472 O O   . ILE A 1 79  ? 6.785   -1.679  4.907   1.00 11.38 ? 77  ILE A O   1 
ATOM   473 C CB  . ILE A 1 79  ? 4.144   0.105   3.839   1.00 11.16 ? 77  ILE A CB  1 
ATOM   474 C CG1 . ILE A 1 79  ? 2.621   0.149   4.010   1.00 11.22 ? 77  ILE A CG1 1 
ATOM   475 C CG2 . ILE A 1 79  ? 4.528   -0.846  2.705   1.00 11.32 ? 77  ILE A CG2 1 
ATOM   476 C CD1 . ILE A 1 79  ? 1.893   0.840   2.864   1.00 11.44 ? 77  ILE A CD1 1 
ATOM   477 N N   . VAL A 1 80  ? 7.081   0.561   4.863   1.00 11.93 ? 78  VAL A N   1 
ATOM   478 C CA  . VAL A 1 80  ? 8.533   0.503   4.675   1.00 12.71 ? 78  VAL A CA  1 
ATOM   479 C C   . VAL A 1 80  ? 9.200   -0.325  5.780   1.00 13.09 ? 78  VAL A C   1 
ATOM   480 O O   . VAL A 1 80  ? 10.003  -1.214  5.491   1.00 13.40 ? 78  VAL A O   1 
ATOM   481 C CB  . VAL A 1 80  ? 9.152   1.923   4.578   1.00 12.69 ? 78  VAL A CB  1 
ATOM   482 C CG1 . VAL A 1 80  ? 10.674  1.869   4.661   1.00 13.46 ? 78  VAL A CG1 1 
ATOM   483 C CG2 . VAL A 1 80  ? 8.728   2.603   3.286   1.00 12.94 ? 78  VAL A CG2 1 
ATOM   484 N N   . ARG A 1 81  ? 8.847   -0.049  7.037   1.00 13.44 ? 79  ARG A N   1 
ATOM   485 C CA  . ARG A 1 81  ? 9.412   -0.779  8.173   1.00 14.03 ? 79  ARG A CA  1 
ATOM   486 C C   . ARG A 1 81  ? 9.091   -2.266  8.125   1.00 13.72 ? 79  ARG A C   1 
ATOM   487 O O   . ARG A 1 81  ? 9.946   -3.093  8.442   1.00 14.09 ? 79  ARG A O   1 
ATOM   488 C CB  . ARG A 1 81  ? 8.931   -0.201  9.506   1.00 14.37 ? 79  ARG A CB  1 
ATOM   489 C CG  . ARG A 1 81  ? 9.555   1.128   9.895   1.00 16.69 ? 79  ARG A CG  1 
ATOM   490 C CD  . ARG A 1 81  ? 9.314   1.449   11.373  1.00 19.90 ? 79  ARG A CD  1 
ATOM   491 N NE  . ARG A 1 81  ? 8.040   0.925   11.870  1.00 22.27 ? 79  ARG A NE  1 
ATOM   492 C CZ  . ARG A 1 81  ? 6.872   1.561   11.811  1.00 23.13 ? 79  ARG A CZ  1 
ATOM   493 N NH1 . ARG A 1 81  ? 5.781   0.978   12.292  1.00 24.26 ? 79  ARG A NH1 1 
ATOM   494 N NH2 . ARG A 1 81  ? 6.783   2.773   11.274  1.00 23.70 ? 79  ARG A NH2 1 
ATOM   495 N N   . ALA A 1 82  ? 7.863   -2.599  7.731   1.00 12.93 ? 80  ALA A N   1 
ATOM   496 C CA  . ALA A 1 82  ? 7.408   -3.988  7.681   1.00 12.51 ? 80  ALA A CA  1 
ATOM   497 C C   . ALA A 1 82  ? 7.998   -4.777  6.510   1.00 12.28 ? 80  ALA A C   1 
ATOM   498 O O   . ALA A 1 82  ? 8.138   -6.000  6.591   1.00 12.65 ? 80  ALA A O   1 
ATOM   499 C CB  . ALA A 1 82  ? 5.886   -4.052  7.646   1.00 12.58 ? 80  ALA A CB  1 
ATOM   500 N N   . ALA A 1 83  ? 8.341   -4.074  5.432   1.00 11.63 ? 81  ALA A N   1 
ATOM   501 C CA  . ALA A 1 83  ? 8.820   -4.719  4.206   1.00 11.58 ? 81  ALA A CA  1 
ATOM   502 C C   . ALA A 1 83  ? 10.342  -4.756  4.071   1.00 11.49 ? 81  ALA A C   1 
ATOM   503 O O   . ALA A 1 83  ? 10.873  -5.481  3.228   1.00 11.67 ? 81  ALA A O   1 
ATOM   504 C CB  . ALA A 1 83  ? 8.199   -4.053  2.986   1.00 11.48 ? 81  ALA A CB  1 
ATOM   505 N N   . ARG A 1 84  ? 11.039  -3.978  4.894   1.00 11.42 ? 82  ARG A N   1 
ATOM   506 C CA  . ARG A 1 84  ? 12.497  -3.888  4.820   1.00 11.92 ? 82  ARG A CA  1 
ATOM   507 C C   . ARG A 1 84  ? 13.173  -5.187  5.246   1.00 12.11 ? 82  ARG A C   1 
ATOM   508 O O   . ARG A 1 84  ? 12.764  -5.813  6.227   1.00 12.22 ? 82  ARG A O   1 
ATOM   509 C CB  . ARG A 1 84  ? 12.998  -2.735  5.685   1.00 12.06 ? 82  ARG A CB  1 
ATOM   510 C CG  . ARG A 1 84  ? 14.514  -2.564  5.681   1.00 12.35 ? 82  ARG A CG  1 
ATOM   511 C CD  . ARG A 1 84  ? 14.916  -1.323  6.450   1.00 13.17 ? 82  ARG A CD  1 
ATOM   512 N NE  . ARG A 1 84  ? 14.553  -0.113  5.717   1.00 14.00 ? 82  ARG A NE  1 
ATOM   513 C CZ  . ARG A 1 84  ? 14.164  1.030   6.273   1.00 15.23 ? 82  ARG A CZ  1 
ATOM   514 N NH1 . ARG A 1 84  ? 13.863  2.059   5.499   1.00 15.17 ? 82  ARG A NH1 1 
ATOM   515 N NH2 . ARG A 1 84  ? 14.063  1.151   7.592   1.00 17.06 ? 82  ARG A NH2 1 
ATOM   516 N N   . THR A 1 85  ? 14.192  -5.594  4.490   1.00 12.43 ? 83  THR A N   1 
ATOM   517 C CA  . THR A 1 85  ? 15.072  -6.698  4.891   1.00 13.09 ? 83  THR A CA  1 
ATOM   518 C C   . THR A 1 85  ? 16.527  -6.239  4.939   1.00 13.61 ? 83  THR A C   1 
ATOM   519 O O   . THR A 1 85  ? 17.378  -6.913  5.525   1.00 13.87 ? 83  THR A O   1 
ATOM   520 C CB  . THR A 1 85  ? 14.978  -7.930  3.947   1.00 13.14 ? 83  THR A CB  1 
ATOM   521 O OG1 . THR A 1 85  ? 15.610  -7.637  2.693   1.00 12.96 ? 83  THR A OG1 1 
ATOM   522 C CG2 . THR A 1 85  ? 13.532  -8.354  3.711   1.00 13.55 ? 83  THR A CG2 1 
ATOM   523 N N   . GLY A 1 86  ? 16.808  -5.097  4.314   1.00 13.88 ? 84  GLY A N   1 
ATOM   524 C CA  . GLY A 1 86  ? 18.168  -4.578  4.203   1.00 14.66 ? 84  GLY A CA  1 
ATOM   525 C C   . GLY A 1 86  ? 18.899  -5.096  2.977   1.00 15.22 ? 84  GLY A C   1 
ATOM   526 O O   . GLY A 1 86  ? 20.043  -4.720  2.732   1.00 15.49 ? 84  GLY A O   1 
ATOM   527 N N   . LYS A 1 87  ? 18.233  -5.949  2.200   1.00 15.69 ? 85  LYS A N   1 
ATOM   528 C CA  . LYS A 1 87  ? 18.828  -6.558  1.013   1.00 16.39 ? 85  LYS A CA  1 
ATOM   529 C C   . LYS A 1 87  ? 18.331  -5.898  -0.269  1.00 16.30 ? 85  LYS A C   1 
ATOM   530 O O   . LYS A 1 87  ? 17.262  -5.277  -0.292  1.00 16.31 ? 85  LYS A O   1 
ATOM   531 C CB  . LYS A 1 87  ? 18.530  -8.060  0.973   1.00 16.26 ? 85  LYS A CB  1 
ATOM   532 C CG  . LYS A 1 87  ? 19.144  -8.858  2.125   1.00 16.99 ? 85  LYS A CG  1 
ATOM   533 C CD  . LYS A 1 87  ? 18.617  -10.289 2.168   1.00 17.68 ? 85  LYS A CD  1 
ATOM   534 C CE  . LYS A 1 87  ? 19.249  -11.158 1.087   1.00 19.62 ? 85  LYS A CE  1 
ATOM   535 N NZ  . LYS A 1 87  ? 18.721  -12.552 1.111   1.00 21.07 ? 85  LYS A NZ  1 
ATOM   536 N N   . ILE A 1 88  ? 19.116  -6.039  -1.333  1.00 16.32 ? 86  ILE A N   1 
ATOM   537 C CA  . ILE A 1 88  ? 18.739  -5.542  -2.651  1.00 16.47 ? 86  ILE A CA  1 
ATOM   538 C C   . ILE A 1 88  ? 17.390  -6.124  -3.078  1.00 15.72 ? 86  ILE A C   1 
ATOM   539 O O   . ILE A 1 88  ? 17.081  -7.290  -2.808  1.00 15.82 ? 86  ILE A O   1 
ATOM   540 C CB  . ILE A 1 88  ? 19.845  -5.829  -3.714  1.00 16.71 ? 86  ILE A CB  1 
ATOM   541 C CG1 . ILE A 1 88  ? 19.723  -4.879  -4.911  1.00 17.77 ? 86  ILE A CG1 1 
ATOM   542 C CG2 . ILE A 1 88  ? 19.842  -7.297  -4.154  1.00 17.31 ? 86  ILE A CG2 1 
ATOM   543 C CD1 . ILE A 1 88  ? 20.191  -3.461  -4.634  1.00 19.07 ? 86  ILE A CD1 1 
ATOM   544 N N   . GLY A 1 89  ? 16.580  -5.287  -3.719  1.00 15.24 ? 87  GLY A N   1 
ATOM   545 C CA  . GLY A 1 89  ? 15.287  -5.716  -4.229  1.00 14.28 ? 87  GLY A CA  1 
ATOM   546 C C   . GLY A 1 89  ? 14.119  -5.505  -3.283  1.00 13.37 ? 87  GLY A C   1 
ATOM   547 O O   . GLY A 1 89  ? 13.006  -5.925  -3.588  1.00 13.31 ? 87  GLY A O   1 
ATOM   548 N N   . ASP A 1 90  ? 14.369  -4.860  -2.141  1.00 12.19 ? 88  ASP A N   1 
ATOM   549 C CA  . ASP A 1 90  ? 13.334  -4.586  -1.133  1.00 11.52 ? 88  ASP A CA  1 
ATOM   550 C C   . ASP A 1 90  ? 12.142  -3.788  -1.668  1.00 11.07 ? 88  ASP A C   1 
ATOM   551 O O   . ASP A 1 90  ? 11.053  -3.831  -1.096  1.00 10.75 ? 88  ASP A O   1 
ATOM   552 C CB  . ASP A 1 90  ? 13.931  -3.846  0.067   1.00 11.40 ? 88  ASP A CB  1 
ATOM   553 C CG  . ASP A 1 90  ? 14.468  -4.779  1.140   1.00 11.17 ? 88  ASP A CG  1 
ATOM   554 O OD1 . ASP A 1 90  ? 14.437  -6.018  0.962   1.00 11.97 ? 88  ASP A OD1 1 
ATOM   555 O OD2 . ASP A 1 90  ? 14.914  -4.248  2.175   1.00 11.06 ? 88  ASP A OD2 1 
ATOM   556 N N   . GLY A 1 91  ? 12.360  -3.042  -2.746  1.00 10.64 ? 89  GLY A N   1 
ATOM   557 C CA  . GLY A 1 91  ? 11.268  -2.375  -3.438  1.00 10.34 ? 89  GLY A CA  1 
ATOM   558 C C   . GLY A 1 91  ? 11.137  -0.894  -3.153  1.00 10.40 ? 89  GLY A C   1 
ATOM   559 O O   . GLY A 1 91  ? 12.085  -0.238  -2.714  1.00 9.82  ? 89  GLY A O   1 
ATOM   560 N N   . LYS A 1 92  ? 9.939   -0.377  -3.406  1.00 10.33 ? 90  LYS A N   1 
ATOM   561 C CA  . LYS A 1 92  ? 9.658   1.054   -3.361  1.00 10.98 ? 90  LYS A CA  1 
ATOM   562 C C   . LYS A 1 92  ? 8.232   1.281   -2.878  1.00 10.04 ? 90  LYS A C   1 
ATOM   563 O O   . LYS A 1 92  ? 7.362   0.434   -3.079  1.00 9.47  ? 90  LYS A O   1 
ATOM   564 C CB  . LYS A 1 92  ? 9.831   1.670   -4.761  1.00 11.11 ? 90  LYS A CB  1 
ATOM   565 C CG  . LYS A 1 92  ? 8.865   1.115   -5.825  1.00 12.81 ? 90  LYS A CG  1 
ATOM   566 C CD  . LYS A 1 92  ? 9.042   1.767   -7.194  1.00 13.24 ? 90  LYS A CD  1 
ATOM   567 C CE  . LYS A 1 92  ? 10.061  1.018   -8.038  1.00 15.86 ? 90  LYS A CE  1 
ATOM   568 N NZ  . LYS A 1 92  ? 10.244  1.659   -9.366  1.00 16.63 ? 90  LYS A NZ  1 
ATOM   569 N N   . VAL A 1 93  ? 8.002   2.423   -2.241  1.00 9.72  ? 91  VAL A N   1 
ATOM   570 C CA  . VAL A 1 93  ? 6.653   2.844   -1.873  1.00 9.52  ? 91  VAL A CA  1 
ATOM   571 C C   . VAL A 1 93  ? 6.456   4.262   -2.376  1.00 9.44  ? 91  VAL A C   1 
ATOM   572 O O   . VAL A 1 93  ? 7.275   5.137   -2.089  1.00 9.81  ? 91  VAL A O   1 
ATOM   573 C CB  . VAL A 1 93  ? 6.418   2.800   -0.345  1.00 9.32  ? 91  VAL A CB  1 
ATOM   574 C CG1 . VAL A 1 93  ? 4.977   3.161   -0.013  1.00 9.90  ? 91  VAL A CG1 1 
ATOM   575 C CG2 . VAL A 1 93  ? 6.750   1.421   0.221   1.00 10.05 ? 91  VAL A CG2 1 
ATOM   576 N N   . TRP A 1 94  ? 5.386   4.496   -3.130  1.00 8.85  ? 92  TRP A N   1 
ATOM   577 C CA  . TRP A 1 94  ? 5.100   5.846   -3.608  1.00 8.85  ? 92  TRP A CA  1 
ATOM   578 C C   . TRP A 1 94  ? 3.664   6.280   -3.342  1.00 8.36  ? 92  TRP A C   1 
ATOM   579 O O   . TRP A 1 94  ? 2.778   5.450   -3.103  1.00 8.29  ? 92  TRP A O   1 
ATOM   580 C CB  . TRP A 1 94  ? 5.530   6.038   -5.074  1.00 9.67  ? 92  TRP A CB  1 
ATOM   581 C CG  . TRP A 1 94  ? 4.588   5.529   -6.130  1.00 9.40  ? 92  TRP A CG  1 
ATOM   582 C CD1 . TRP A 1 94  ? 3.494   6.179   -6.640  1.00 9.75  ? 92  TRP A CD1 1 
ATOM   583 C CD2 . TRP A 1 94  ? 4.684   4.291   -6.850  1.00 9.93  ? 92  TRP A CD2 1 
ATOM   584 N NE1 . TRP A 1 94  ? 2.894   5.413   -7.613  1.00 9.97  ? 92  TRP A NE1 1 
ATOM   585 C CE2 . TRP A 1 94  ? 3.605   4.251   -7.762  1.00 10.22 ? 92  TRP A CE2 1 
ATOM   586 C CE3 . TRP A 1 94  ? 5.571   3.203   -6.805  1.00 11.54 ? 92  TRP A CE3 1 
ATOM   587 C CZ2 . TRP A 1 94  ? 3.388   3.171   -8.622  1.00 11.20 ? 92  TRP A CZ2 1 
ATOM   588 C CZ3 . TRP A 1 94  ? 5.350   2.130   -7.663  1.00 11.66 ? 92  TRP A CZ3 1 
ATOM   589 C CH2 . TRP A 1 94  ? 4.270   2.125   -8.557  1.00 11.48 ? 92  TRP A CH2 1 
ATOM   590 N N   . VAL A 1 95  ? 3.463   7.594   -3.359  1.00 8.28  ? 93  VAL A N   1 
ATOM   591 C CA  . VAL A 1 95  ? 2.177   8.211   -3.063  1.00 8.02  ? 93  VAL A CA  1 
ATOM   592 C C   . VAL A 1 95  ? 1.724   9.022   -4.266  1.00 7.65  ? 93  VAL A C   1 
ATOM   593 O O   . VAL A 1 95  ? 2.521   9.737   -4.871  1.00 8.11  ? 93  VAL A O   1 
ATOM   594 C CB  . VAL A 1 95  ? 2.275   9.129   -1.821  1.00 8.00  ? 93  VAL A CB  1 
ATOM   595 C CG1 . VAL A 1 95  ? 0.942   9.816   -1.528  1.00 9.15  ? 93  VAL A CG1 1 
ATOM   596 C CG2 . VAL A 1 95  ? 2.748   8.335   -0.610  1.00 8.37  ? 93  VAL A CG2 1 
ATOM   597 N N   . SER A 1 96  ? 0.447   8.907   -4.616  1.00 7.47  ? 94  SER A N   1 
ATOM   598 C CA  . SER A 1 96  ? -0.111  9.669   -5.722  1.00 7.47  ? 94  SER A CA  1 
ATOM   599 C C   . SER A 1 96  ? -1.516  10.162  -5.377  1.00 7.81  ? 94  SER A C   1 
ATOM   600 O O   . SER A 1 96  ? -2.193  9.574   -4.535  1.00 7.61  ? 94  SER A O   1 
ATOM   601 C CB  . SER A 1 96  ? -0.105  8.838   -7.004  1.00 7.42  ? 94  SER A CB  1 
ATOM   602 O OG  . SER A 1 96  ? -0.803  7.614   -6.827  1.00 7.91  ? 94  SER A OG  1 
ATOM   603 N N   . PRO A 1 97  ? -1.943  11.274  -5.994  1.00 7.72  ? 95  PRO A N   1 
ATOM   604 C CA  . PRO A 1 97  ? -3.254  11.848  -5.671  1.00 8.06  ? 95  PRO A CA  1 
ATOM   605 C C   . PRO A 1 97  ? -4.451  11.022  -6.147  1.00 7.80  ? 95  PRO A C   1 
ATOM   606 O O   . PRO A 1 97  ? -4.408  10.409  -7.225  1.00 7.95  ? 95  PRO A O   1 
ATOM   607 C CB  . PRO A 1 97  ? -3.226  13.209  -6.375  1.00 8.45  ? 95  PRO A CB  1 
ATOM   608 C CG  . PRO A 1 97  ? -2.238  13.069  -7.444  1.00 8.67  ? 95  PRO A CG  1 
ATOM   609 C CD  . PRO A 1 97  ? -1.201  12.105  -6.962  1.00 7.61  ? 95  PRO A CD  1 
ATOM   610 N N   . VAL A 1 98  ? -5.509  11.018  -5.337  1.00 8.04  ? 96  VAL A N   1 
ATOM   611 C CA  . VAL A 1 98  ? -6.792  10.429  -5.707  1.00 8.64  ? 96  VAL A CA  1 
ATOM   612 C C   . VAL A 1 98  ? -7.832  11.546  -5.678  1.00 9.06  ? 96  VAL A C   1 
ATOM   613 O O   . VAL A 1 98  ? -8.062  12.157  -4.631  1.00 9.54  ? 96  VAL A O   1 
ATOM   614 C CB  . VAL A 1 98  ? -7.180  9.271   -4.748  1.00 8.58  ? 96  VAL A CB  1 
ATOM   615 C CG1 . VAL A 1 98  ? -8.638  8.856   -4.943  1.00 8.90  ? 96  VAL A CG1 1 
ATOM   616 C CG2 . VAL A 1 98  ? -6.249  8.073   -4.946  1.00 8.61  ? 96  VAL A CG2 1 
ATOM   617 N N   . ASP A 1 99  ? -8.446  11.821  -6.827  1.00 8.94  ? 97  ASP A N   1 
ATOM   618 C CA  . ASP A 1 99  ? -9.443  12.892  -6.925  1.00 10.03 ? 97  ASP A CA  1 
ATOM   619 C C   . ASP A 1 99  ? -10.735 12.531  -6.214  1.00 10.46 ? 97  ASP A C   1 
ATOM   620 O O   . ASP A 1 99  ? -11.290 13.344  -5.471  1.00 10.54 ? 97  ASP A O   1 
ATOM   621 C CB  . ASP A 1 99  ? -9.756  13.226  -8.385  1.00 10.43 ? 97  ASP A CB  1 
ATOM   622 C CG  . ASP A 1 99  ? -8.585  13.851  -9.119  1.00 11.67 ? 97  ASP A CG  1 
ATOM   623 O OD1 . ASP A 1 99  ? -8.619  13.846  -10.365 1.00 15.11 ? 97  ASP A OD1 1 
ATOM   624 O OD2 . ASP A 1 99  ? -7.640  14.345  -8.470  1.00 13.21 ? 97  ASP A OD2 1 
ATOM   625 N N   . THR A 1 100 ? -11.218 11.317  -6.464  1.00 10.70 ? 98  THR A N   1 
ATOM   626 C CA  . THR A 1 100 ? -12.481 10.852  -5.905  1.00 12.00 ? 98  THR A CA  1 
ATOM   627 C C   . THR A 1 100 ? -12.420 9.344   -5.755  1.00 11.53 ? 98  THR A C   1 
ATOM   628 O O   . THR A 1 100 ? -11.681 8.667   -6.475  1.00 10.72 ? 98  THR A O   1 
ATOM   629 C CB  . THR A 1 100 ? -13.684 11.198  -6.812  1.00 12.83 ? 98  THR A CB  1 
ATOM   630 O OG1 . THR A 1 100 ? -13.454 10.670  -8.116  1.00 14.84 ? 98  THR A OG1 1 
ATOM   631 C CG2 . THR A 1 100 ? -13.912 12.703  -6.911  1.00 14.32 ? 98  THR A CG2 1 
ATOM   632 N N   . ILE A 1 101 ? -13.202 8.826   -4.816  1.00 12.00 ? 99  ILE A N   1 
ATOM   633 C CA  . ILE A 1 101 ? -13.322 7.389   -4.615  1.00 12.36 ? 99  ILE A CA  1 
ATOM   634 C C   . ILE A 1 101 ? -14.754 7.034   -4.249  1.00 12.35 ? 99  ILE A C   1 
ATOM   635 O O   . ILE A 1 101 ? -15.409 7.764   -3.506  1.00 12.22 ? 99  ILE A O   1 
ATOM   636 C CB  . ILE A 1 101 ? -12.307 6.861   -3.566  1.00 12.47 ? 99  ILE A CB  1 
ATOM   637 C CG1 . ILE A 1 101 ? -12.406 5.334   -3.451  1.00 13.26 ? 99  ILE A CG1 1 
ATOM   638 C CG2 . ILE A 1 101 ? -12.475 7.576   -2.206  1.00 12.97 ? 99  ILE A CG2 1 
ATOM   639 C CD1 . ILE A 1 101 ? -11.160 4.676   -2.931  1.00 13.82 ? 99  ILE A CD1 1 
ATOM   640 N N   . VAL A 1 102 ? -15.237 5.928   -4.807  1.00 11.96 ? 100 VAL A N   1 
ATOM   641 C CA  . VAL A 1 102 ? -16.592 5.443   -4.556  1.00 11.95 ? 100 VAL A CA  1 
ATOM   642 C C   . VAL A 1 102 ? -16.534 3.984   -4.117  1.00 11.58 ? 100 VAL A C   1 
ATOM   643 O O   . VAL A 1 102 ? -15.871 3.166   -4.752  1.00 11.66 ? 100 VAL A O   1 
ATOM   644 C CB  . VAL A 1 102 ? -17.498 5.562   -5.818  1.00 12.26 ? 100 VAL A CB  1 
ATOM   645 C CG1 . VAL A 1 102 ? -18.935 5.171   -5.489  1.00 12.24 ? 100 VAL A CG1 1 
ATOM   646 C CG2 . VAL A 1 102 ? -17.458 6.970   -6.400  1.00 13.82 ? 100 VAL A CG2 1 
ATOM   647 N N   . ARG A 1 103 ? -17.222 3.664   -3.023  1.00 11.40 ? 101 ARG A N   1 
ATOM   648 C CA  . ARG A 1 103 ? -17.414 2.276   -2.613  1.00 11.53 ? 101 ARG A CA  1 
ATOM   649 C C   . ARG A 1 103 ? -18.560 1.686   -3.437  1.00 11.00 ? 101 ARG A C   1 
ATOM   650 O O   . ARG A 1 103 ? -19.688 2.175   -3.366  1.00 11.27 ? 101 ARG A O   1 
ATOM   651 C CB  . ARG A 1 103 ? -17.734 2.198   -1.117  1.00 11.54 ? 101 ARG A CB  1 
ATOM   652 C CG  . ARG A 1 103 ? -17.590 0.797   -0.529  1.00 12.54 ? 101 ARG A CG  1 
ATOM   653 C CD  . ARG A 1 103 ? -18.188 0.672   0.875   1.00 12.76 ? 101 ARG A CD  1 
ATOM   654 N NE  . ARG A 1 103 ? -17.673 1.660   1.827   1.00 15.11 ? 101 ARG A NE  1 
ATOM   655 C CZ  . ARG A 1 103 ? -16.526 1.553   2.495   1.00 15.55 ? 101 ARG A CZ  1 
ATOM   656 N NH1 . ARG A 1 103 ? -15.731 0.503   2.321   1.00 17.37 ? 101 ARG A NH1 1 
ATOM   657 N NH2 . ARG A 1 103 ? -16.166 2.510   3.339   1.00 16.83 ? 101 ARG A NH2 1 
ATOM   658 N N   . VAL A 1 104 ? -18.272 0.638   -4.209  1.00 10.93 ? 102 VAL A N   1 
ATOM   659 C CA  . VAL A 1 104 ? -19.254 0.103   -5.166  1.00 11.09 ? 102 VAL A CA  1 
ATOM   660 C C   . VAL A 1 104 ? -20.570 -0.338  -4.514  1.00 11.64 ? 102 VAL A C   1 
ATOM   661 O O   . VAL A 1 104 ? -21.647 0.036   -4.982  1.00 11.98 ? 102 VAL A O   1 
ATOM   662 C CB  . VAL A 1 104 ? -18.666 -1.046  -6.031  1.00 10.61 ? 102 VAL A CB  1 
ATOM   663 C CG1 . VAL A 1 104 ? -19.748 -1.696  -6.899  1.00 10.66 ? 102 VAL A CG1 1 
ATOM   664 C CG2 . VAL A 1 104 ? -17.519 -0.530  -6.907  1.00 10.07 ? 102 VAL A CG2 1 
ATOM   665 N N   . ARG A 1 105 ? -20.476 -1.113  -3.434  1.00 12.09 ? 103 ARG A N   1 
ATOM   666 C CA  . ARG A 1 105 ? -21.664 -1.694  -2.803  1.00 13.09 ? 103 ARG A CA  1 
ATOM   667 C C   . ARG A 1 105 ? -22.709 -0.644  -2.418  1.00 13.02 ? 103 ARG A C   1 
ATOM   668 O O   . ARG A 1 105 ? -23.902 -0.822  -2.676  1.00 13.38 ? 103 ARG A O   1 
ATOM   669 C CB  . ARG A 1 105 ? -21.271 -2.523  -1.579  1.00 12.99 ? 103 ARG A CB  1 
ATOM   670 C CG  . ARG A 1 105 ? -22.452 -3.227  -0.920  1.00 14.30 ? 103 ARG A CG  1 
ATOM   671 C CD  . ARG A 1 105 ? -22.046 -4.047  0.295   1.00 14.80 ? 103 ARG A CD  1 
ATOM   672 N NE  . ARG A 1 105 ? -21.513 -3.245  1.395   1.00 19.29 ? 103 ARG A NE  1 
ATOM   673 C CZ  . ARG A 1 105 ? -22.249 -2.651  2.333   1.00 20.81 ? 103 ARG A CZ  1 
ATOM   674 N NH1 . ARG A 1 105 ? -23.574 -2.741  2.316   1.00 21.61 ? 103 ARG A NH1 1 
ATOM   675 N NH2 . ARG A 1 105 ? -21.652 -1.952  3.289   1.00 22.65 ? 103 ARG A NH2 1 
ATOM   676 N N   . THR A 1 106 ? -22.248 0.452   -1.824  1.00 13.23 ? 104 THR A N   1 
ATOM   677 C CA  . THR A 1 106 ? -23.129 1.435   -1.197  1.00 13.28 ? 104 THR A CA  1 
ATOM   678 C C   . THR A 1 106 ? -23.267 2.732   -1.993  1.00 13.37 ? 104 THR A C   1 
ATOM   679 O O   . THR A 1 106 ? -24.234 3.471   -1.821  1.00 14.09 ? 104 THR A O   1 
ATOM   680 C CB  . THR A 1 106 ? -22.609 1.810   0.196   1.00 13.20 ? 104 THR A CB  1 
ATOM   681 O OG1 . THR A 1 106 ? -21.260 2.280   0.074   1.00 12.71 ? 104 THR A OG1 1 
ATOM   682 C CG2 . THR A 1 106 ? -22.644 0.612   1.134   1.00 14.03 ? 104 THR A CG2 1 
ATOM   683 N N   . GLY A 1 107 ? -22.288 3.019   -2.846  1.00 13.07 ? 105 GLY A N   1 
ATOM   684 C CA  . GLY A 1 107 ? -22.230 4.306   -3.533  1.00 13.10 ? 105 GLY A CA  1 
ATOM   685 C C   . GLY A 1 107 ? -21.670 5.425   -2.668  1.00 13.16 ? 105 GLY A C   1 
ATOM   686 O O   . GLY A 1 107 ? -21.701 6.592   -3.061  1.00 13.48 ? 105 GLY A O   1 
ATOM   687 N N   . GLU A 1 108 ? -21.159 5.067   -1.489  1.00 13.02 ? 106 GLU A N   1 
ATOM   688 C CA  . GLU A 1 108 ? -20.486 6.024   -0.611  1.00 13.17 ? 106 GLU A CA  1 
ATOM   689 C C   . GLU A 1 108 ? -19.290 6.641   -1.323  1.00 13.19 ? 106 GLU A C   1 
ATOM   690 O O   . GLU A 1 108 ? -18.597 5.964   -2.084  1.00 12.53 ? 106 GLU A O   1 
ATOM   691 C CB  . GLU A 1 108 ? -20.012 5.339   0.666   1.00 13.12 ? 106 GLU A CB  1 
ATOM   692 C CG  . GLU A 1 108 ? -21.105 5.075   1.687   1.00 14.12 ? 106 GLU A CG  1 
ATOM   693 C CD  . GLU A 1 108 ? -20.662 4.107   2.764   1.00 15.38 ? 106 GLU A CD  1 
ATOM   694 O OE1 . GLU A 1 108 ? -20.780 4.461   3.957   1.00 17.06 ? 106 GLU A OE1 1 
ATOM   695 O OE2 . GLU A 1 108 ? -20.191 2.998   2.428   1.00 15.51 ? 106 GLU A OE2 1 
ATOM   696 N N   . ARG A 1 109 ? -19.055 7.924   -1.072  1.00 13.49 ? 107 ARG A N   1 
ATOM   697 C CA  . ARG A 1 109 ? -17.977 8.659   -1.730  1.00 14.32 ? 107 ARG A CA  1 
ATOM   698 C C   . ARG A 1 109 ? -17.038 9.269   -0.706  1.00 14.25 ? 107 ARG A C   1 
ATOM   699 O O   . ARG A 1 109 ? -17.392 9.405   0.466   1.00 14.15 ? 107 ARG A O   1 
ATOM   700 C CB  . ARG A 1 109 ? -18.552 9.770   -2.612  1.00 14.77 ? 107 ARG A CB  1 
ATOM   701 C CG  . ARG A 1 109 ? -19.503 9.296   -3.697  1.00 16.75 ? 107 ARG A CG  1 
ATOM   702 C CD  . ARG A 1 109 ? -20.120 10.482  -4.426  1.00 19.60 ? 107 ARG A CD  1 
ATOM   703 N NE  . ARG A 1 109 ? -21.031 10.067  -5.490  1.00 22.53 ? 107 ARG A NE  1 
ATOM   704 C CZ  . ARG A 1 109 ? -20.663 9.813   -6.744  1.00 23.60 ? 107 ARG A CZ  1 
ATOM   705 N NH1 . ARG A 1 109 ? -21.570 9.440   -7.637  1.00 24.76 ? 107 ARG A NH1 1 
ATOM   706 N NH2 . ARG A 1 109 ? -19.389 9.925   -7.109  1.00 24.42 ? 107 ARG A NH2 1 
ATOM   707 N N   . GLY A 1 110 ? -15.842 9.647   -1.155  1.00 14.23 ? 108 GLY A N   1 
ATOM   708 C CA  . GLY A 1 110 ? -14.889 10.371  -0.312  1.00 14.79 ? 108 GLY A CA  1 
ATOM   709 C C   . GLY A 1 110 ? -14.537 9.617   0.951   1.00 15.27 ? 108 GLY A C   1 
ATOM   710 O O   . GLY A 1 110 ? -14.247 8.422   0.902   1.00 14.98 ? 108 GLY A O   1 
ATOM   711 N N   . HIS A 1 111 ? -14.596 10.308  2.087   1.00 15.70 ? 109 HIS A N   1 
ATOM   712 C CA  . HIS A 1 111 ? -14.211 9.704   3.363   1.00 16.37 ? 109 HIS A CA  1 
ATOM   713 C C   . HIS A 1 111 ? -15.127 8.554   3.794   1.00 16.14 ? 109 HIS A C   1 
ATOM   714 O O   . HIS A 1 111 ? -14.712 7.675   4.549   1.00 16.62 ? 109 HIS A O   1 
ATOM   715 C CB  . HIS A 1 111 ? -14.060 10.765  4.466   1.00 16.84 ? 109 HIS A CB  1 
ATOM   716 C CG  . HIS A 1 111 ? -15.347 11.176  5.115   1.00 18.56 ? 109 HIS A CG  1 
ATOM   717 N ND1 . HIS A 1 111 ? -16.121 12.216  4.646   1.00 20.61 ? 109 HIS A ND1 1 
ATOM   718 C CD2 . HIS A 1 111 ? -15.979 10.704  6.215   1.00 20.06 ? 109 HIS A CD2 1 
ATOM   719 C CE1 . HIS A 1 111 ? -17.183 12.357  5.422   1.00 20.68 ? 109 HIS A CE1 1 
ATOM   720 N NE2 . HIS A 1 111 ? -17.121 11.451  6.381   1.00 20.95 ? 109 HIS A NE2 1 
ATOM   721 N N   . ASP A 1 112 ? -16.360 8.553   3.291   1.00 15.71 ? 110 ASP A N   1 
ATOM   722 C CA  . ASP A 1 112 ? -17.312 7.473   3.563   1.00 15.82 ? 110 ASP A CA  1 
ATOM   723 C C   . ASP A 1 112 ? -16.946 6.175   2.842   1.00 15.44 ? 110 ASP A C   1 
ATOM   724 O O   . ASP A 1 112 ? -17.417 5.099   3.213   1.00 15.52 ? 110 ASP A O   1 
ATOM   725 C CB  . ASP A 1 112 ? -18.731 7.890   3.163   1.00 15.81 ? 110 ASP A CB  1 
ATOM   726 C CG  . ASP A 1 112 ? -19.252 9.058   3.975   1.00 17.18 ? 110 ASP A CG  1 
ATOM   727 O OD1 . ASP A 1 112 ? -19.018 9.092   5.201   1.00 18.99 ? 110 ASP A OD1 1 
ATOM   728 O OD2 . ASP A 1 112 ? -19.912 9.940   3.387   1.00 17.38 ? 110 ASP A OD2 1 
ATOM   729 N N   . ALA A 1 113 ? -16.108 6.287   1.812   1.00 15.47 ? 111 ALA A N   1 
ATOM   730 C CA  . ALA A 1 113 ? -15.721 5.144   0.993   1.00 15.69 ? 111 ALA A CA  1 
ATOM   731 C C   . ALA A 1 113 ? -14.400 4.521   1.440   1.00 16.04 ? 111 ALA A C   1 
ATOM   732 O O   . ALA A 1 113 ? -13.998 3.477   0.924   1.00 16.14 ? 111 ALA A O   1 
ATOM   733 C CB  . ALA A 1 113 ? -15.644 5.554   -0.472  1.00 15.47 ? 111 ALA A CB  1 
ATOM   734 N N   . LEU A 1 114 ? -13.742 5.161   2.404   1.00 16.50 ? 112 LEU A N   1 
ATOM   735 C CA  . LEU A 1 114 ? -12.411 4.755   2.859   1.00 17.11 ? 112 LEU A CA  1 
ATOM   736 C C   . LEU A 1 114 ? -12.403 3.463   3.662   1.00 17.36 ? 112 LEU A C   1 
ATOM   737 O O   . LEU A 1 114 ? -13.348 3.164   4.392   1.00 17.63 ? 112 LEU A O   1 
ATOM   738 C CB  . LEU A 1 114 ? -11.769 5.870   3.685   1.00 17.29 ? 112 LEU A CB  1 
ATOM   739 C CG  . LEU A 1 114 ? -11.216 7.050   2.893   1.00 17.47 ? 112 LEU A CG  1 
ATOM   740 C CD1 . LEU A 1 114 ? -10.720 8.144   3.826   1.00 18.41 ? 112 LEU A CD1 1 
ATOM   741 C CD2 . LEU A 1 114 ? -10.104 6.569   1.971   1.00 18.28 ? 112 LEU A CD2 1 
ATOM   742 O OXT . LEU A 1 114 ? -11.431 2.705   3.602   1.00 17.59 ? 112 LEU A OXT 1 
HETATM 743 O O   . HOH B 2 .   ? 0.532   5.462   -5.369  1.00 7.38  ? 113 HOH A O   1 
HETATM 744 O O   . HOH B 2 .   ? -3.226  8.017   -7.761  1.00 10.73 ? 114 HOH A O   1 
HETATM 745 O O   . HOH B 2 .   ? -2.775  -4.115  -5.747  1.00 11.51 ? 115 HOH A O   1 
HETATM 746 O O   . HOH B 2 .   ? 0.462   6.186   -8.932  1.00 10.46 ? 116 HOH A O   1 
HETATM 747 O O   . HOH B 2 .   ? 10.346  -5.927  0.444   1.00 10.59 ? 117 HOH A O   1 
HETATM 748 O O   . HOH B 2 .   ? 14.613  -0.975  -1.727  1.00 10.84 ? 118 HOH A O   1 
HETATM 749 O O   . HOH B 2 .   ? 18.720  -9.140  6.547   1.00 11.39 ? 119 HOH A O   1 
HETATM 750 O O   . HOH B 2 .   ? -0.727  2.116   -8.225  1.00 11.28 ? 120 HOH A O   1 
HETATM 751 O O   . HOH B 2 .   ? 10.734  -2.851  -7.455  1.00 11.52 ? 121 HOH A O   1 
HETATM 752 O O   . HOH B 2 .   ? -4.804  14.089  -3.572  1.00 16.50 ? 122 HOH A O   1 
HETATM 753 O O   . HOH B 2 .   ? -9.709  -4.985  -0.744  1.00 15.74 ? 123 HOH A O   1 
HETATM 754 O O   . HOH B 2 .   ? -14.610 11.075  -3.430  1.00 17.62 ? 124 HOH A O   1 
HETATM 755 O O   . HOH B 2 .   ? -2.203  -10.025 -9.943  1.00 17.20 ? 125 HOH A O   1 
HETATM 756 O O   . HOH B 2 .   ? -6.462  16.185  -9.983  1.00 21.27 ? 126 HOH A O   1 
HETATM 757 O O   . HOH B 2 .   ? -20.851 9.282   0.817   1.00 16.94 ? 127 HOH A O   1 
HETATM 758 O O   . HOH B 2 .   ? 0.981   -4.999  -10.644 1.00 17.22 ? 128 HOH A O   1 
HETATM 759 O O   . HOH B 2 .   ? 5.208   -11.233 6.156   1.00 19.51 ? 129 HOH A O   1 
HETATM 760 O O   . HOH B 2 .   ? -6.187  -3.260  4.536   1.00 16.40 ? 130 HOH A O   1 
HETATM 761 O O   . HOH B 2 .   ? 0.548   12.265  6.649   1.00 17.27 ? 131 HOH A O   1 
HETATM 762 O O   . HOH B 2 .   ? -1.977  9.711   -10.037 0.33 17.46 ? 132 HOH A O   1 
HETATM 763 O O   . HOH B 2 .   ? 17.051  -1.897  -3.261  1.00 15.89 ? 133 HOH A O   1 
HETATM 764 O O   . HOH B 2 .   ? 11.319  -5.296  8.435   1.00 19.86 ? 134 HOH A O   1 
HETATM 765 O O   . HOH B 2 .   ? 14.014  -2.917  -5.208  1.00 19.04 ? 135 HOH A O   1 
HETATM 766 O O   . HOH B 2 .   ? 21.591  -7.353  -0.979  1.00 19.60 ? 136 HOH A O   1 
HETATM 767 O O   . HOH B 2 .   ? 5.359   -1.693  10.407  1.00 20.14 ? 137 HOH A O   1 
HETATM 768 O O   . HOH B 2 .   ? -1.417  -5.182  -11.986 0.33 19.80 ? 138 HOH A O   1 
HETATM 769 O O   . HOH B 2 .   ? 8.040   1.480   -11.045 1.00 18.53 ? 139 HOH A O   1 
HETATM 770 O O   . HOH B 2 .   ? -13.685 12.560  -10.250 1.00 19.43 ? 140 HOH A O   1 
HETATM 771 O O   . HOH B 2 .   ? -7.842  1.202   0.726   1.00 18.85 ? 141 HOH A O   1 
HETATM 772 O O   . HOH B 2 .   ? -7.259  4.421   9.106   1.00 21.31 ? 142 HOH A O   1 
HETATM 773 O O   . HOH B 2 .   ? 18.185  -11.677 5.540   1.00 17.99 ? 143 HOH A O   1 
HETATM 774 O O   . HOH B 2 .   ? -9.576  3.099   1.486   1.00 18.48 ? 144 HOH A O   1 
HETATM 775 O O   . HOH B 2 .   ? -6.362  14.930  -6.115  1.00 20.46 ? 145 HOH A O   1 
HETATM 776 O O   . HOH B 2 .   ? 11.044  -12.656 -4.852  1.00 24.07 ? 146 HOH A O   1 
HETATM 777 O O   . HOH B 2 .   ? 4.626   -11.906 -8.009  1.00 22.16 ? 147 HOH A O   1 
HETATM 778 O O   . HOH B 2 .   ? 16.037  -9.826  -4.588  1.00 24.93 ? 148 HOH A O   1 
HETATM 779 O O   . HOH B 2 .   ? -7.508  2.842   4.006   1.00 21.34 ? 149 HOH A O   1 
HETATM 780 O O   . HOH B 2 .   ? -4.877  4.769   10.571  1.00 24.13 ? 150 HOH A O   1 
HETATM 781 O O   . HOH B 2 .   ? 3.670   -13.043 3.667   1.00 24.27 ? 151 HOH A O   1 
HETATM 782 O O   . HOH B 2 .   ? 19.418  -13.514 3.648   1.00 20.89 ? 152 HOH A O   1 
HETATM 783 O O   . HOH B 2 .   ? 4.411   4.715   11.026  1.00 24.05 ? 153 HOH A O   1 
HETATM 784 O O   . HOH B 2 .   ? 3.811   -6.215  10.944  1.00 27.50 ? 154 HOH A O   1 
HETATM 785 O O   . HOH B 2 .   ? -2.326  13.845  10.857  1.00 21.04 ? 155 HOH A O   1 
HETATM 786 O O   . HOH B 2 .   ? -0.173  0.876   8.908   1.00 21.85 ? 156 HOH A O   1 
HETATM 787 O O   . HOH B 2 .   ? 3.868   -10.893 -12.815 1.00 30.96 ? 157 HOH A O   1 
HETATM 788 O O   . HOH B 2 .   ? -18.570 7.169   6.996   1.00 25.01 ? 158 HOH A O   1 
HETATM 789 O O   . HOH B 2 .   ? -11.612 14.345  -11.002 1.00 24.68 ? 159 HOH A O   1 
HETATM 790 O O   . HOH B 2 .   ? 10.598  -7.527  6.258   1.00 22.66 ? 160 HOH A O   1 
HETATM 791 O O   . HOH B 2 .   ? -15.572 -1.872  0.879   1.00 25.59 ? 161 HOH A O   1 
HETATM 792 O O   . HOH B 2 .   ? -15.180 5.112   5.793   1.00 31.64 ? 162 HOH A O   1 
HETATM 793 O O   . HOH B 2 .   ? -6.265  -1.191  -5.542  1.00 21.29 ? 163 HOH A O   1 
HETATM 794 O O   . HOH B 2 .   ? -18.276 4.156   5.892   1.00 35.45 ? 164 HOH A O   1 
HETATM 795 O O   . HOH B 2 .   ? 5.011   -12.276 -10.684 1.00 26.64 ? 165 HOH A O   1 
HETATM 796 O O   . HOH B 2 .   ? 13.389  0.936   -5.202  1.00 27.27 ? 166 HOH A O   1 
HETATM 797 O O   . HOH B 2 .   ? 15.802  -9.209  -17.218 1.00 25.89 ? 167 HOH A O   1 
HETATM 798 O O   . HOH B 2 .   ? 7.177   -3.475  11.334  1.00 24.38 ? 168 HOH A O   1 
HETATM 799 O O   . HOH B 2 .   ? -15.773 13.028  1.974   1.00 33.20 ? 169 HOH A O   1 
HETATM 800 O O   . HOH B 2 .   ? 9.952   3.933   7.592   1.00 31.54 ? 170 HOH A O   1 
HETATM 801 O O   . HOH B 2 .   ? 12.769  4.375   6.475   1.00 26.90 ? 171 HOH A O   1 
HETATM 802 O O   . HOH B 2 .   ? 7.995   -6.986  9.104   1.00 31.02 ? 172 HOH A O   1 
HETATM 803 O O   . HOH B 2 .   ? 20.938  -2.207  3.189   1.00 26.89 ? 173 HOH A O   1 
HETATM 804 O O   . HOH B 2 .   ? 15.605  -11.035 -0.135  1.00 31.50 ? 174 HOH A O   1 
HETATM 805 O O   . HOH B 2 .   ? -10.941 11.946  4.016   1.00 33.81 ? 175 HOH A O   1 
HETATM 806 O O   . HOH B 2 .   ? 9.968   5.536   5.327   1.00 29.66 ? 176 HOH A O   1 
HETATM 807 O O   . HOH B 2 .   ? 0.416   -0.889  12.740  1.00 24.95 ? 177 HOH A O   1 
HETATM 808 O O   . HOH B 2 .   ? 12.760  -1.113  -6.784  1.00 31.07 ? 178 HOH A O   1 
HETATM 809 O O   . HOH B 2 .   ? 6.531   -6.042  10.959  1.00 29.97 ? 179 HOH A O   1 
HETATM 810 O O   . HOH B 2 .   ? -1.392  17.046  -1.653  1.00 35.32 ? 180 HOH A O   1 
HETATM 811 O O   . HOH B 2 .   ? -6.720  15.416  6.509   1.00 34.52 ? 181 HOH A O   1 
HETATM 812 O O   . HOH B 2 .   ? -19.036 -2.438  2.467   1.00 38.32 ? 182 HOH A O   1 
HETATM 813 O O   . HOH B 2 .   ? -16.834 12.414  -4.436  1.00 37.98 ? 183 HOH A O   1 
HETATM 814 O O   . HOH B 2 .   ? 17.817  -10.105 -2.295  1.00 35.96 ? 184 HOH A O   1 
HETATM 815 O O   . HOH B 2 .   ? 8.360   -8.969  6.316   1.00 34.60 ? 185 HOH A O   1 
HETATM 816 O O   . HOH B 2 .   ? -1.347  4.375   -9.352  1.00 25.61 ? 186 HOH A O   1 
HETATM 817 O O   . HOH B 2 .   ? 7.827   -13.342 6.319   1.00 28.61 ? 187 HOH A O   1 
HETATM 818 O O   . HOH B 2 .   ? 3.407   11.022  10.148  1.00 33.56 ? 188 HOH A O   1 
HETATM 819 O O   . HOH B 2 .   ? 14.246  -11.321 -17.782 1.00 37.11 ? 189 HOH A O   1 
HETATM 820 O O   . HOH B 2 .   ? 10.788  -14.164 -2.645  1.00 31.50 ? 190 HOH A O   1 
HETATM 821 O O   . HOH B 2 .   ? -1.335  -11.092 7.976   1.00 31.98 ? 191 HOH A O   1 
HETATM 822 O O   . HOH B 2 .   ? 18.589  -7.218  -11.180 1.00 31.08 ? 192 HOH A O   1 
HETATM 823 O O   . HOH B 2 .   ? 6.608   8.758   4.964   1.00 33.44 ? 193 HOH A O   1 
HETATM 824 O O   . HOH B 2 .   ? -13.428 2.053   -1.253  1.00 29.59 ? 194 HOH A O   1 
HETATM 825 O O   . HOH B 2 .   ? 0.135   3.398   9.852   1.00 25.32 ? 195 HOH A O   1 
HETATM 826 O O   . HOH B 2 .   ? 2.724   -13.412 -4.679  1.00 30.59 ? 196 HOH A O   1 
HETATM 827 O O   . HOH B 2 .   ? -20.248 11.849  6.295   1.00 43.68 ? 197 HOH A O   1 
HETATM 828 O O   . HOH B 2 .   ? 12.965  -14.186 -5.980  1.00 34.45 ? 198 HOH A O   1 
HETATM 829 O O   . HOH B 2 .   ? -11.883 -3.933  0.912   1.00 32.01 ? 199 HOH A O   1 
HETATM 830 O O   . HOH B 2 .   ? -22.282 7.012   -5.673  1.00 34.74 ? 200 HOH A O   1 
HETATM 831 O O   . HOH B 2 .   ? -20.905 6.530   8.190   1.00 38.68 ? 201 HOH A O   1 
HETATM 832 O O   . HOH B 2 .   ? 5.635   -14.659 -14.424 1.00 41.10 ? 202 HOH A O   1 
HETATM 833 O O   . HOH B 2 .   ? -2.126  5.098   10.618  1.00 27.39 ? 203 HOH A O   1 
HETATM 834 O O   . HOH B 2 .   ? 6.879   -13.994 -11.655 1.00 41.41 ? 204 HOH A O   1 
HETATM 835 O O   . HOH B 2 .   ? 18.981  -7.337  -16.456 1.00 35.59 ? 205 HOH A O   1 
HETATM 836 O O   . HOH B 2 .   ? 13.867  -14.450 -10.257 1.00 44.49 ? 206 HOH A O   1 
HETATM 837 O O   . HOH B 2 .   ? -20.025 1.045   4.362   1.00 30.78 ? 207 HOH A O   1 
HETATM 838 O O   . HOH B 2 .   ? 16.812  2.387   8.640   1.00 37.19 ? 208 HOH A O   1 
HETATM 839 O O   . HOH B 2 .   ? 16.442  -12.278 -19.305 1.00 34.36 ? 209 HOH A O   1 
HETATM 840 O O   . HOH B 2 .   ? -12.367 0.163   2.939   1.00 39.23 ? 210 HOH A O   1 
HETATM 841 O O   . HOH B 2 .   ? 1.242   -3.636  14.092  1.00 33.45 ? 211 HOH A O   1 
HETATM 842 O O   . HOH B 2 .   ? 6.343   -10.351 -18.140 1.00 33.72 ? 212 HOH A O   1 
HETATM 843 O O   . HOH B 2 .   ? 18.708  -12.718 -16.656 1.00 35.13 ? 213 HOH A O   1 
HETATM 844 O O   . HOH B 2 .   ? 20.338  -1.833  -7.680  1.00 46.28 ? 214 HOH A O   1 
HETATM 845 O O   . HOH B 2 .   ? -22.568 8.569   8.875   1.00 33.97 ? 215 HOH A O   1 
HETATM 846 O O   . HOH B 2 .   ? -26.128 -1.665  -1.327  1.00 32.61 ? 216 HOH A O   1 
HETATM 847 O O   . HOH B 2 .   ? 3.723   10.808  12.834  1.00 33.32 ? 217 HOH A O   1 
HETATM 848 O O   . HOH B 2 .   ? 19.190  -15.806 -7.255  1.00 53.66 ? 218 HOH A O   1 
HETATM 849 O O   . HOH B 2 .   ? 11.939  -11.244 -19.167 1.00 33.98 ? 219 HOH A O   1 
HETATM 850 O O   . HOH B 2 .   ? 14.109  -11.811 -15.177 1.00 29.37 ? 220 HOH A O   1 
HETATM 851 O O   . HOH B 2 .   ? -6.158  18.311  2.577   1.00 52.60 ? 221 HOH A O   1 
HETATM 852 O O   . HOH B 2 .   ? -0.170  14.446  1.601   1.00 37.22 ? 222 HOH A O   1 
HETATM 853 O O   . HOH B 2 .   ? -2.945  17.252  -4.696  1.00 43.08 ? 223 HOH A O   1 
HETATM 854 O O   . HOH B 2 .   ? 3.858   -14.214 -9.188  1.00 47.49 ? 224 HOH A O   1 
HETATM 855 O O   . HOH B 2 .   ? 4.797   -9.610  -15.305 1.00 39.16 ? 225 HOH A O   1 
HETATM 856 O O   . HOH B 2 .   ? -18.300 12.130  1.480   1.00 38.37 ? 226 HOH A O   1 
HETATM 857 O O   . HOH B 2 .   ? 6.278   -15.490 -0.203  1.00 36.14 ? 227 HOH A O   1 
HETATM 858 O O   . HOH B 2 .   ? 18.820  -11.668 -10.499 1.00 53.67 ? 228 HOH A O   1 
HETATM 859 O O   . HOH B 2 .   ? 1.568   -13.606 -1.939  1.00 49.90 ? 229 HOH A O   1 
HETATM 860 O O   . HOH B 2 .   ? -18.499 15.100  4.307   1.00 49.14 ? 230 HOH A O   1 
HETATM 861 O O   . HOH B 2 .   ? 0.309   -7.320  15.768  1.00 40.62 ? 231 HOH A O   1 
HETATM 862 O O   . HOH B 2 .   ? 9.887   -12.647 -12.046 1.00 52.70 ? 232 HOH A O   1 
HETATM 863 O O   . HOH B 2 .   ? 5.122   -13.995 -5.843  1.00 45.58 ? 233 HOH A O   1 
HETATM 864 O O   . HOH B 2 .   ? 2.005   14.427  3.511   1.00 41.71 ? 234 HOH A O   1 
HETATM 865 O O   . HOH B 2 .   ? -22.472 11.085  8.050   1.00 34.06 ? 235 HOH A O   1 
HETATM 866 O O   . HOH B 2 .   ? 3.402   -8.489  12.331  1.00 39.25 ? 236 HOH A O   1 
HETATM 867 O O   . HOH B 2 .   ? 13.636  -0.806  9.786   1.00 32.58 ? 237 HOH A O   1 
HETATM 868 O O   . HOH B 2 .   ? 5.485   8.597   10.523  1.00 40.65 ? 238 HOH A O   1 
HETATM 869 O O   . HOH B 2 .   ? -12.356 12.890  -2.892  1.00 39.82 ? 239 HOH A O   1 
HETATM 870 O O   . HOH B 2 .   ? 0.963   10.653  8.920   1.00 16.85 ? 240 HOH A O   1 
HETATM 871 O O   . HOH B 2 .   ? -21.755 6.736   5.102   1.00 35.69 ? 241 HOH A O   1 
HETATM 872 O O   . HOH B 2 .   ? -26.339 1.421   -2.605  1.00 40.05 ? 242 HOH A O   1 
HETATM 873 O O   . HOH B 2 .   ? 2.142   -14.074 -11.302 1.00 44.31 ? 243 HOH A O   1 
HETATM 874 O O   . HOH B 2 .   ? -3.947  5.784   12.838  1.00 32.65 ? 244 HOH A O   1 
HETATM 875 O O   . HOH B 2 .   ? -19.921 12.845  3.759   1.00 40.91 ? 245 HOH A O   1 
HETATM 876 O O   . HOH B 2 .   ? 11.713  3.931   -8.087  1.00 33.74 ? 246 HOH A O   1 
HETATM 877 O O   . HOH B 2 .   ? -12.650 12.741  2.063   1.00 67.72 ? 247 HOH A O   1 
HETATM 878 O O   . HOH B 2 .   ? 13.833  -15.841 -7.911  1.00 45.69 ? 248 HOH A O   1 
# 
loop_
_pdbx_poly_seq_scheme.asym_id 
_pdbx_poly_seq_scheme.entity_id 
_pdbx_poly_seq_scheme.seq_id 
_pdbx_poly_seq_scheme.mon_id 
_pdbx_poly_seq_scheme.ndb_seq_num 
_pdbx_poly_seq_scheme.pdb_seq_num 
_pdbx_poly_seq_scheme.auth_seq_num 
_pdbx_poly_seq_scheme.pdb_mon_id 
_pdbx_poly_seq_scheme.auth_mon_id 
_pdbx_poly_seq_scheme.pdb_strand_id 
_pdbx_poly_seq_scheme.pdb_ins_code 
_pdbx_poly_seq_scheme.hetero 
A 1 1   GLY 1   -1  -1  GLY GLY A . n 
A 1 2   HIS 2   0   0   HIS ALA A . n 
A 1 3   MET 3   1   1   MET MET A . n 
A 1 4   LYS 4   2   2   LYS LYS A . n 
A 1 5   LEU 5   3   3   LEU LEU A . n 
A 1 6   ILE 6   4   4   ILE ILE A . n 
A 1 7   THR 7   5   5   THR THR A . n 
A 1 8   ALA 8   6   6   ALA ALA A . n 
A 1 9   ILE 9   7   7   ILE ILE A . n 
A 1 10  VAL 10  8   8   VAL VAL A . n 
A 1 11  LYS 11  9   9   LYS LYS A . n 
A 1 12  PRO 12  10  10  PRO PRO A . n 
A 1 13  PHE 13  11  11  PHE PHE A . n 
A 1 14  THR 14  12  12  THR THR A . n 
A 1 15  LEU 15  13  13  LEU LEU A . n 
A 1 16  ASP 16  14  14  ASP ASP A . n 
A 1 17  ASP 17  15  15  ASP ASP A . n 
A 1 18  VAL 18  16  16  VAL VAL A . n 
A 1 19  LYS 19  17  17  LYS LYS A . n 
A 1 20  THR 20  18  18  THR THR A . n 
A 1 21  SER 21  19  19  SER SER A . n 
A 1 22  LEU 22  20  20  LEU LEU A . n 
A 1 23  GLU 23  21  21  GLU GLU A . n 
A 1 24  ASP 24  22  22  ASP ASP A . n 
A 1 25  ALA 25  23  23  ALA ALA A . n 
A 1 26  GLY 26  24  24  GLY GLY A . n 
A 1 27  VAL 27  25  25  VAL VAL A . n 
A 1 28  LEU 28  26  26  LEU LEU A . n 
A 1 29  GLY 29  27  27  GLY GLY A . n 
A 1 30  MET 30  28  28  MET MET A . n 
A 1 31  THR 31  29  29  THR THR A . n 
A 1 32  VAL 32  30  30  VAL VAL A . n 
A 1 33  SER 33  31  31  SER SER A . n 
A 1 34  GLU 34  32  32  GLU GLU A . n 
A 1 35  ILE 35  33  33  ILE ILE A . n 
A 1 36  GLN 36  34  34  GLN GLN A . n 
A 1 37  GLY 37  35  35  GLY GLY A . n 
A 1 38  TYR 38  36  36  TYR TYR A . n 
A 1 39  GLY 39  37  37  GLY GLY A . n 
A 1 40  ARG 40  38  38  ARG ALA A . n 
A 1 41  GLN 41  39  ?   ?   ?   A . n 
A 1 42  LYS 42  40  ?   ?   ?   A . n 
A 1 43  GLY 43  41  ?   ?   ?   A . n 
A 1 44  HIS 44  42  ?   ?   ?   A . n 
A 1 45  THR 45  43  ?   ?   ?   A . n 
A 1 46  GLU 46  44  ?   ?   ?   A . n 
A 1 47  VAL 47  45  ?   ?   ?   A . n 
A 1 48  TYR 48  46  ?   ?   ?   A . n 
A 1 49  ARG 49  47  ?   ?   ?   A . n 
A 1 50  GLY 50  48  ?   ?   ?   A . n 
A 1 51  ALA 51  49  ?   ?   ?   A . n 
A 1 52  GLU 52  50  ?   ?   ?   A . n 
A 1 53  TYR 53  51  ?   ?   ?   A . n 
A 1 54  SER 54  52  ?   ?   ?   A . n 
A 1 55  VAL 55  53  ?   ?   ?   A . n 
A 1 56  ASP 56  54  54  ASP ASP A . n 
A 1 57  PHE 57  55  55  PHE PHE A . n 
A 1 58  VAL 58  56  56  VAL VAL A . n 
A 1 59  PRO 59  57  57  PRO PRO A . n 
A 1 60  LYS 60  58  58  LYS LYS A . n 
A 1 61  VAL 61  59  59  VAL VAL A . n 
A 1 62  ARG 62  60  60  ARG ARG A . n 
A 1 63  ILE 63  61  61  ILE ILE A . n 
A 1 64  GLU 64  62  62  GLU GLU A . n 
A 1 65  VAL 65  63  63  VAL VAL A . n 
A 1 66  VAL 66  64  64  VAL VAL A . n 
A 1 67  VAL 67  65  65  VAL VAL A . n 
A 1 68  ASP 68  66  66  ASP ASP A . n 
A 1 69  ASP 69  67  67  ASP ASP A . n 
A 1 70  SER 70  68  68  SER SER A . n 
A 1 71  ILE 71  69  69  ILE ILE A . n 
A 1 72  VAL 72  70  70  VAL VAL A . n 
A 1 73  ASP 73  71  71  ASP ASP A . n 
A 1 74  LYS 74  72  72  LYS LYS A . n 
A 1 75  VAL 75  73  73  VAL VAL A . n 
A 1 76  VAL 76  74  74  VAL VAL A . n 
A 1 77  ASP 77  75  75  ASP ASP A . n 
A 1 78  SER 78  76  76  SER SER A . n 
A 1 79  ILE 79  77  77  ILE ILE A . n 
A 1 80  VAL 80  78  78  VAL VAL A . n 
A 1 81  ARG 81  79  79  ARG ARG A . n 
A 1 82  ALA 82  80  80  ALA ALA A . n 
A 1 83  ALA 83  81  81  ALA ALA A . n 
A 1 84  ARG 84  82  82  ARG ARG A . n 
A 1 85  THR 85  83  83  THR THR A . n 
A 1 86  GLY 86  84  84  GLY GLY A . n 
A 1 87  LYS 87  85  85  LYS LYS A . n 
A 1 88  ILE 88  86  86  ILE ILE A . n 
A 1 89  GLY 89  87  87  GLY GLY A . n 
A 1 90  ASP 90  88  88  ASP ASP A . n 
A 1 91  GLY 91  89  89  GLY GLY A . n 
A 1 92  LYS 92  90  90  LYS LYS A . n 
A 1 93  VAL 93  91  91  VAL VAL A . n 
A 1 94  TRP 94  92  92  TRP TRP A . n 
A 1 95  VAL 95  93  93  VAL VAL A . n 
A 1 96  SER 96  94  94  SER SER A . n 
A 1 97  PRO 97  95  95  PRO PRO A . n 
A 1 98  VAL 98  96  96  VAL VAL A . n 
A 1 99  ASP 99  97  97  ASP ASP A . n 
A 1 100 THR 100 98  98  THR THR A . n 
A 1 101 ILE 101 99  99  ILE ILE A . n 
A 1 102 VAL 102 100 100 VAL VAL A . n 
A 1 103 ARG 103 101 101 ARG ARG A . n 
A 1 104 VAL 104 102 102 VAL VAL A . n 
A 1 105 ARG 105 103 103 ARG ARG A . n 
A 1 106 THR 106 104 104 THR THR A . n 
A 1 107 GLY 107 105 105 GLY GLY A . n 
A 1 108 GLU 108 106 106 GLU GLU A . n 
A 1 109 ARG 109 107 107 ARG ARG A . n 
A 1 110 GLY 110 108 108 GLY GLY A . n 
A 1 111 HIS 111 109 109 HIS HIS A . n 
A 1 112 ASP 112 110 110 ASP ASP A . n 
A 1 113 ALA 113 111 111 ALA ALA A . n 
A 1 114 LEU 114 112 112 LEU LEU A . n 
# 
_pdbx_SG_project.id                    1 
_pdbx_SG_project.project_name          'PSI, Protein Structure Initiative' 
_pdbx_SG_project.full_name_of_center   'TB Structural Genomics Consortium' 
_pdbx_SG_project.initial_of_center     TBSGC 
# 
loop_
_pdbx_nonpoly_scheme.asym_id 
_pdbx_nonpoly_scheme.entity_id 
_pdbx_nonpoly_scheme.mon_id 
_pdbx_nonpoly_scheme.ndb_seq_num 
_pdbx_nonpoly_scheme.pdb_seq_num 
_pdbx_nonpoly_scheme.auth_seq_num 
_pdbx_nonpoly_scheme.pdb_mon_id 
_pdbx_nonpoly_scheme.auth_mon_id 
_pdbx_nonpoly_scheme.pdb_strand_id 
_pdbx_nonpoly_scheme.pdb_ins_code 
B 2 HOH 1   113 1   HOH HOH A . 
B 2 HOH 2   114 2   HOH HOH A . 
B 2 HOH 3   115 3   HOH HOH A . 
B 2 HOH 4   116 4   HOH HOH A . 
B 2 HOH 5   117 5   HOH HOH A . 
B 2 HOH 6   118 6   HOH HOH A . 
B 2 HOH 7   119 7   HOH HOH A . 
B 2 HOH 8   120 8   HOH HOH A . 
B 2 HOH 9   121 9   HOH HOH A . 
B 2 HOH 10  122 10  HOH HOH A . 
B 2 HOH 11  123 11  HOH HOH A . 
B 2 HOH 12  124 12  HOH HOH A . 
B 2 HOH 13  125 13  HOH HOH A . 
B 2 HOH 14  126 14  HOH HOH A . 
B 2 HOH 15  127 15  HOH HOH A . 
B 2 HOH 16  128 16  HOH HOH A . 
B 2 HOH 17  129 17  HOH HOH A . 
B 2 HOH 18  130 18  HOH HOH A . 
B 2 HOH 19  131 19  HOH HOH A . 
B 2 HOH 20  132 20  HOH HOH A . 
B 2 HOH 21  133 21  HOH HOH A . 
B 2 HOH 22  134 22  HOH HOH A . 
B 2 HOH 23  135 23  HOH HOH A . 
B 2 HOH 24  136 24  HOH HOH A . 
B 2 HOH 25  137 25  HOH HOH A . 
B 2 HOH 26  138 26  HOH HOH A . 
B 2 HOH 27  139 27  HOH HOH A . 
B 2 HOH 28  140 28  HOH HOH A . 
B 2 HOH 29  141 29  HOH HOH A . 
B 2 HOH 30  142 30  HOH HOH A . 
B 2 HOH 31  143 31  HOH HOH A . 
B 2 HOH 32  144 32  HOH HOH A . 
B 2 HOH 33  145 33  HOH HOH A . 
B 2 HOH 34  146 34  HOH HOH A . 
B 2 HOH 35  147 35  HOH HOH A . 
B 2 HOH 36  148 36  HOH HOH A . 
B 2 HOH 37  149 37  HOH HOH A . 
B 2 HOH 38  150 38  HOH HOH A . 
B 2 HOH 39  151 39  HOH HOH A . 
B 2 HOH 40  152 40  HOH HOH A . 
B 2 HOH 41  153 41  HOH HOH A . 
B 2 HOH 42  154 42  HOH HOH A . 
B 2 HOH 43  155 43  HOH HOH A . 
B 2 HOH 44  156 44  HOH HOH A . 
B 2 HOH 45  157 45  HOH HOH A . 
B 2 HOH 46  158 46  HOH HOH A . 
B 2 HOH 47  159 47  HOH HOH A . 
B 2 HOH 48  160 48  HOH HOH A . 
B 2 HOH 49  161 49  HOH HOH A . 
B 2 HOH 50  162 50  HOH HOH A . 
B 2 HOH 51  163 51  HOH HOH A . 
B 2 HOH 52  164 52  HOH HOH A . 
B 2 HOH 53  165 53  HOH HOH A . 
B 2 HOH 54  166 54  HOH HOH A . 
B 2 HOH 55  167 55  HOH HOH A . 
B 2 HOH 56  168 56  HOH HOH A . 
B 2 HOH 57  169 57  HOH HOH A . 
B 2 HOH 58  170 58  HOH HOH A . 
B 2 HOH 59  171 59  HOH HOH A . 
B 2 HOH 60  172 60  HOH HOH A . 
B 2 HOH 61  173 61  HOH HOH A . 
B 2 HOH 62  174 62  HOH HOH A . 
B 2 HOH 63  175 63  HOH HOH A . 
B 2 HOH 64  176 64  HOH HOH A . 
B 2 HOH 65  177 65  HOH HOH A . 
B 2 HOH 66  178 66  HOH HOH A . 
B 2 HOH 67  179 67  HOH HOH A . 
B 2 HOH 68  180 68  HOH HOH A . 
B 2 HOH 69  181 69  HOH HOH A . 
B 2 HOH 70  182 70  HOH HOH A . 
B 2 HOH 71  183 71  HOH HOH A . 
B 2 HOH 72  184 72  HOH HOH A . 
B 2 HOH 73  185 73  HOH HOH A . 
B 2 HOH 74  186 74  HOH HOH A . 
B 2 HOH 75  187 75  HOH HOH A . 
B 2 HOH 76  188 76  HOH HOH A . 
B 2 HOH 77  189 77  HOH HOH A . 
B 2 HOH 78  190 78  HOH HOH A . 
B 2 HOH 79  191 79  HOH HOH A . 
B 2 HOH 80  192 80  HOH HOH A . 
B 2 HOH 81  193 81  HOH HOH A . 
B 2 HOH 82  194 82  HOH HOH A . 
B 2 HOH 83  195 83  HOH HOH A . 
B 2 HOH 84  196 84  HOH HOH A . 
B 2 HOH 85  197 85  HOH HOH A . 
B 2 HOH 86  198 86  HOH HOH A . 
B 2 HOH 87  199 87  HOH HOH A . 
B 2 HOH 88  200 88  HOH HOH A . 
B 2 HOH 89  201 89  HOH HOH A . 
B 2 HOH 90  202 90  HOH HOH A . 
B 2 HOH 91  203 91  HOH HOH A . 
B 2 HOH 92  204 92  HOH HOH A . 
B 2 HOH 93  205 93  HOH HOH A . 
B 2 HOH 94  206 94  HOH HOH A . 
B 2 HOH 95  207 95  HOH HOH A . 
B 2 HOH 96  208 96  HOH HOH A . 
B 2 HOH 97  209 97  HOH HOH A . 
B 2 HOH 98  210 98  HOH HOH A . 
B 2 HOH 99  211 99  HOH HOH A . 
B 2 HOH 100 212 100 HOH HOH A . 
B 2 HOH 101 213 101 HOH HOH A . 
B 2 HOH 102 214 102 HOH HOH A . 
B 2 HOH 103 215 103 HOH HOH A . 
B 2 HOH 104 216 104 HOH HOH A . 
B 2 HOH 105 217 105 HOH HOH A . 
B 2 HOH 106 218 106 HOH HOH A . 
B 2 HOH 107 219 107 HOH HOH A . 
B 2 HOH 108 220 108 HOH HOH A . 
B 2 HOH 109 221 109 HOH HOH A . 
B 2 HOH 110 222 110 HOH HOH A . 
B 2 HOH 111 223 111 HOH HOH A . 
B 2 HOH 112 224 112 HOH HOH A . 
B 2 HOH 113 225 113 HOH HOH A . 
B 2 HOH 114 226 114 HOH HOH A . 
B 2 HOH 115 227 115 HOH HOH A . 
B 2 HOH 116 228 116 HOH HOH A . 
B 2 HOH 117 229 117 HOH HOH A . 
B 2 HOH 118 230 118 HOH HOH A . 
B 2 HOH 119 231 119 HOH HOH A . 
B 2 HOH 120 232 120 HOH HOH A . 
B 2 HOH 121 233 121 HOH HOH A . 
B 2 HOH 122 234 122 HOH HOH A . 
B 2 HOH 123 235 123 HOH HOH A . 
B 2 HOH 124 236 124 HOH HOH A . 
B 2 HOH 125 237 125 HOH HOH A . 
B 2 HOH 126 238 126 HOH HOH A . 
B 2 HOH 127 239 127 HOH HOH A . 
B 2 HOH 128 240 128 HOH HOH A . 
B 2 HOH 129 241 129 HOH HOH A . 
B 2 HOH 130 242 130 HOH HOH A . 
B 2 HOH 131 243 131 HOH HOH A . 
B 2 HOH 132 244 132 HOH HOH A . 
B 2 HOH 133 245 133 HOH HOH A . 
B 2 HOH 134 246 134 HOH HOH A . 
B 2 HOH 135 247 136 HOH HOH A . 
B 2 HOH 136 248 137 HOH HOH A . 
# 
_pdbx_struct_assembly.id                   1 
_pdbx_struct_assembly.details              author_and_software_defined_assembly 
_pdbx_struct_assembly.method_details       PISA 
_pdbx_struct_assembly.oligomeric_details   trimeric 
_pdbx_struct_assembly.oligomeric_count     3 
# 
_pdbx_struct_assembly_gen.assembly_id       1 
_pdbx_struct_assembly_gen.oper_expression   1,2,3 
_pdbx_struct_assembly_gen.asym_id_list      A,B 
# 
_pdbx_struct_assembly_prop.biol_id   1 
_pdbx_struct_assembly_prop.type      'ABSA (A^2)' 
_pdbx_struct_assembly_prop.value     6130 
_pdbx_struct_assembly_prop.details   ? 
# 
loop_
_pdbx_struct_oper_list.id 
_pdbx_struct_oper_list.type 
_pdbx_struct_oper_list.name 
_pdbx_struct_oper_list.symmetry_operation 
_pdbx_struct_oper_list.matrix[1][1] 
_pdbx_struct_oper_list.matrix[1][2] 
_pdbx_struct_oper_list.matrix[1][3] 
_pdbx_struct_oper_list.vector[1] 
_pdbx_struct_oper_list.matrix[2][1] 
_pdbx_struct_oper_list.matrix[2][2] 
_pdbx_struct_oper_list.matrix[2][3] 
_pdbx_struct_oper_list.vector[2] 
_pdbx_struct_oper_list.matrix[3][1] 
_pdbx_struct_oper_list.matrix[3][2] 
_pdbx_struct_oper_list.matrix[3][3] 
_pdbx_struct_oper_list.vector[3] 
1 'identity operation'         1_555 x,y,z     1.0000000000  0.0000000000  0.0000000000  0.0000000000   0.0000000000  1.0000000000 0.0000000000 0.0000000000 0.0000000000  0.0000000000 1.0000000000  0.0000000000   
2 'crystal symmetry operation' 3_555 -x+y,-x,z -0.4978557369 -0.1688782486 0.8506584523  7.2142561286   0.0564978496  0.9724585441 0.2261246847 2.6491390595 -0.8654176207 0.1606378449 -0.4746028072 -18.0750547648 
3 'crystal symmetry operation' 2_555 -y,x-y,z  -0.4978557369 0.0564978496  -0.8654176207 -12.2004827480 -0.1688782486 0.9724585441 0.1606378449 1.5456908704 0.8506584523  0.2261246847 -0.4746028072 -15.3143754181 
# 
loop_
_pdbx_struct_special_symmetry.id 
_pdbx_struct_special_symmetry.PDB_model_num 
_pdbx_struct_special_symmetry.auth_asym_id 
_pdbx_struct_special_symmetry.auth_comp_id 
_pdbx_struct_special_symmetry.auth_seq_id 
_pdbx_struct_special_symmetry.PDB_ins_code 
_pdbx_struct_special_symmetry.label_asym_id 
_pdbx_struct_special_symmetry.label_comp_id 
_pdbx_struct_special_symmetry.label_seq_id 
1 1 A HOH 132 ? B HOH . 
2 1 A HOH 138 ? B HOH . 
# 
loop_
_pdbx_audit_revision_history.ordinal 
_pdbx_audit_revision_history.data_content_type 
_pdbx_audit_revision_history.major_revision 
_pdbx_audit_revision_history.minor_revision 
_pdbx_audit_revision_history.revision_date 
1 'Structure model' 1 0 2008-04-01 
2 'Structure model' 1 1 2011-07-13 
3 'Structure model' 1 2 2023-08-30 
# 
_pdbx_audit_revision_details.ordinal             1 
_pdbx_audit_revision_details.revision_ordinal    1 
_pdbx_audit_revision_details.data_content_type   'Structure model' 
_pdbx_audit_revision_details.provider            repository 
_pdbx_audit_revision_details.type                'Initial release' 
_pdbx_audit_revision_details.description         ? 
_pdbx_audit_revision_details.details             ? 
# 
loop_
_pdbx_audit_revision_group.ordinal 
_pdbx_audit_revision_group.revision_ordinal 
_pdbx_audit_revision_group.data_content_type 
_pdbx_audit_revision_group.group 
1 2 'Structure model' 'Version format compliance' 
2 3 'Structure model' 'Data collection'           
3 3 'Structure model' 'Database references'       
4 3 'Structure model' 'Refinement description'    
# 
loop_
_pdbx_audit_revision_category.ordinal 
_pdbx_audit_revision_category.revision_ordinal 
_pdbx_audit_revision_category.data_content_type 
_pdbx_audit_revision_category.category 
1 3 'Structure model' chem_comp_atom                
2 3 'Structure model' chem_comp_bond                
3 3 'Structure model' database_2                    
4 3 'Structure model' pdbx_initial_refinement_model 
5 3 'Structure model' struct_ref_seq_dif            
# 
loop_
_pdbx_audit_revision_item.ordinal 
_pdbx_audit_revision_item.revision_ordinal 
_pdbx_audit_revision_item.data_content_type 
_pdbx_audit_revision_item.item 
1 3 'Structure model' '_database_2.pdbx_DOI'                
2 3 'Structure model' '_database_2.pdbx_database_accession' 
3 3 'Structure model' '_struct_ref_seq_dif.details'         
# 
loop_
_software.name 
_software.classification 
_software.version 
_software.citation_id 
_software.pdbx_ordinal 
REFMAC   refinement        5.2.0019 ? 1 
ADSC     'data collection' Quantum  ? 2 
HKL-2000 'data reduction'  .        ? 3 
HKL-2000 'data scaling'    .        ? 4 
AMoRE    phasing           .        ? 5 
# 
loop_
_pdbx_unobs_or_zero_occ_atoms.id 
_pdbx_unobs_or_zero_occ_atoms.PDB_model_num 
_pdbx_unobs_or_zero_occ_atoms.polymer_flag 
_pdbx_unobs_or_zero_occ_atoms.occupancy_flag 
_pdbx_unobs_or_zero_occ_atoms.auth_asym_id 
_pdbx_unobs_or_zero_occ_atoms.auth_comp_id 
_pdbx_unobs_or_zero_occ_atoms.auth_seq_id 
_pdbx_unobs_or_zero_occ_atoms.PDB_ins_code 
_pdbx_unobs_or_zero_occ_atoms.auth_atom_id 
_pdbx_unobs_or_zero_occ_atoms.label_alt_id 
_pdbx_unobs_or_zero_occ_atoms.label_asym_id 
_pdbx_unobs_or_zero_occ_atoms.label_comp_id 
_pdbx_unobs_or_zero_occ_atoms.label_seq_id 
_pdbx_unobs_or_zero_occ_atoms.label_atom_id 
1  1 Y 1 A HIS 0  ? CG  ? A HIS 2  CG  
2  1 Y 1 A HIS 0  ? ND1 ? A HIS 2  ND1 
3  1 Y 1 A HIS 0  ? CD2 ? A HIS 2  CD2 
4  1 Y 1 A HIS 0  ? CE1 ? A HIS 2  CE1 
5  1 Y 1 A HIS 0  ? NE2 ? A HIS 2  NE2 
6  1 Y 1 A ARG 38 ? CG  ? A ARG 40 CG  
7  1 Y 1 A ARG 38 ? CD  ? A ARG 40 CD  
8  1 Y 1 A ARG 38 ? NE  ? A ARG 40 NE  
9  1 Y 1 A ARG 38 ? CZ  ? A ARG 40 CZ  
10 1 Y 1 A ARG 38 ? NH1 ? A ARG 40 NH1 
11 1 Y 1 A ARG 38 ? NH2 ? A ARG 40 NH2 
# 
loop_
_pdbx_unobs_or_zero_occ_residues.id 
_pdbx_unobs_or_zero_occ_residues.PDB_model_num 
_pdbx_unobs_or_zero_occ_residues.polymer_flag 
_pdbx_unobs_or_zero_occ_residues.occupancy_flag 
_pdbx_unobs_or_zero_occ_residues.auth_asym_id 
_pdbx_unobs_or_zero_occ_residues.auth_comp_id 
_pdbx_unobs_or_zero_occ_residues.auth_seq_id 
_pdbx_unobs_or_zero_occ_residues.PDB_ins_code 
_pdbx_unobs_or_zero_occ_residues.label_asym_id 
_pdbx_unobs_or_zero_occ_residues.label_comp_id 
_pdbx_unobs_or_zero_occ_residues.label_seq_id 
1  1 Y 1 A GLN 39 ? A GLN 41 
2  1 Y 1 A LYS 40 ? A LYS 42 
3  1 Y 1 A GLY 41 ? A GLY 43 
4  1 Y 1 A HIS 42 ? A HIS 44 
5  1 Y 1 A THR 43 ? A THR 45 
6  1 Y 1 A GLU 44 ? A GLU 46 
7  1 Y 1 A VAL 45 ? A VAL 47 
8  1 Y 1 A TYR 46 ? A TYR 48 
9  1 Y 1 A ARG 47 ? A ARG 49 
10 1 Y 1 A GLY 48 ? A GLY 50 
11 1 Y 1 A ALA 49 ? A ALA 51 
12 1 Y 1 A GLU 50 ? A GLU 52 
13 1 Y 1 A TYR 51 ? A TYR 53 
14 1 Y 1 A SER 52 ? A SER 54 
15 1 Y 1 A VAL 53 ? A VAL 55 
# 
loop_
_chem_comp_atom.comp_id 
_chem_comp_atom.atom_id 
_chem_comp_atom.type_symbol 
_chem_comp_atom.pdbx_aromatic_flag 
_chem_comp_atom.pdbx_stereo_config 
_chem_comp_atom.pdbx_ordinal 
ALA N    N N N 1   
ALA CA   C N S 2   
ALA C    C N N 3   
ALA O    O N N 4   
ALA CB   C N N 5   
ALA OXT  O N N 6   
ALA H    H N N 7   
ALA H2   H N N 8   
ALA HA   H N N 9   
ALA HB1  H N N 10  
ALA HB2  H N N 11  
ALA HB3  H N N 12  
ALA HXT  H N N 13  
ARG N    N N N 14  
ARG CA   C N S 15  
ARG C    C N N 16  
ARG O    O N N 17  
ARG CB   C N N 18  
ARG CG   C N N 19  
ARG CD   C N N 20  
ARG NE   N N N 21  
ARG CZ   C N N 22  
ARG NH1  N N N 23  
ARG NH2  N N N 24  
ARG OXT  O N N 25  
ARG H    H N N 26  
ARG H2   H N N 27  
ARG HA   H N N 28  
ARG HB2  H N N 29  
ARG HB3  H N N 30  
ARG HG2  H N N 31  
ARG HG3  H N N 32  
ARG HD2  H N N 33  
ARG HD3  H N N 34  
ARG HE   H N N 35  
ARG HH11 H N N 36  
ARG HH12 H N N 37  
ARG HH21 H N N 38  
ARG HH22 H N N 39  
ARG HXT  H N N 40  
ASP N    N N N 41  
ASP CA   C N S 42  
ASP C    C N N 43  
ASP O    O N N 44  
ASP CB   C N N 45  
ASP CG   C N N 46  
ASP OD1  O N N 47  
ASP OD2  O N N 48  
ASP OXT  O N N 49  
ASP H    H N N 50  
ASP H2   H N N 51  
ASP HA   H N N 52  
ASP HB2  H N N 53  
ASP HB3  H N N 54  
ASP HD2  H N N 55  
ASP HXT  H N N 56  
GLN N    N N N 57  
GLN CA   C N S 58  
GLN C    C N N 59  
GLN O    O N N 60  
GLN CB   C N N 61  
GLN CG   C N N 62  
GLN CD   C N N 63  
GLN OE1  O N N 64  
GLN NE2  N N N 65  
GLN OXT  O N N 66  
GLN H    H N N 67  
GLN H2   H N N 68  
GLN HA   H N N 69  
GLN HB2  H N N 70  
GLN HB3  H N N 71  
GLN HG2  H N N 72  
GLN HG3  H N N 73  
GLN HE21 H N N 74  
GLN HE22 H N N 75  
GLN HXT  H N N 76  
GLU N    N N N 77  
GLU CA   C N S 78  
GLU C    C N N 79  
GLU O    O N N 80  
GLU CB   C N N 81  
GLU CG   C N N 82  
GLU CD   C N N 83  
GLU OE1  O N N 84  
GLU OE2  O N N 85  
GLU OXT  O N N 86  
GLU H    H N N 87  
GLU H2   H N N 88  
GLU HA   H N N 89  
GLU HB2  H N N 90  
GLU HB3  H N N 91  
GLU HG2  H N N 92  
GLU HG3  H N N 93  
GLU HE2  H N N 94  
GLU HXT  H N N 95  
GLY N    N N N 96  
GLY CA   C N N 97  
GLY C    C N N 98  
GLY O    O N N 99  
GLY OXT  O N N 100 
GLY H    H N N 101 
GLY H2   H N N 102 
GLY HA2  H N N 103 
GLY HA3  H N N 104 
GLY HXT  H N N 105 
HIS N    N N N 106 
HIS CA   C N S 107 
HIS C    C N N 108 
HIS O    O N N 109 
HIS CB   C N N 110 
HIS CG   C Y N 111 
HIS ND1  N Y N 112 
HIS CD2  C Y N 113 
HIS CE1  C Y N 114 
HIS NE2  N Y N 115 
HIS OXT  O N N 116 
HIS H    H N N 117 
HIS H2   H N N 118 
HIS HA   H N N 119 
HIS HB2  H N N 120 
HIS HB3  H N N 121 
HIS HD1  H N N 122 
HIS HD2  H N N 123 
HIS HE1  H N N 124 
HIS HE2  H N N 125 
HIS HXT  H N N 126 
HOH O    O N N 127 
HOH H1   H N N 128 
HOH H2   H N N 129 
ILE N    N N N 130 
ILE CA   C N S 131 
ILE C    C N N 132 
ILE O    O N N 133 
ILE CB   C N S 134 
ILE CG1  C N N 135 
ILE CG2  C N N 136 
ILE CD1  C N N 137 
ILE OXT  O N N 138 
ILE H    H N N 139 
ILE H2   H N N 140 
ILE HA   H N N 141 
ILE HB   H N N 142 
ILE HG12 H N N 143 
ILE HG13 H N N 144 
ILE HG21 H N N 145 
ILE HG22 H N N 146 
ILE HG23 H N N 147 
ILE HD11 H N N 148 
ILE HD12 H N N 149 
ILE HD13 H N N 150 
ILE HXT  H N N 151 
LEU N    N N N 152 
LEU CA   C N S 153 
LEU C    C N N 154 
LEU O    O N N 155 
LEU CB   C N N 156 
LEU CG   C N N 157 
LEU CD1  C N N 158 
LEU CD2  C N N 159 
LEU OXT  O N N 160 
LEU H    H N N 161 
LEU H2   H N N 162 
LEU HA   H N N 163 
LEU HB2  H N N 164 
LEU HB3  H N N 165 
LEU HG   H N N 166 
LEU HD11 H N N 167 
LEU HD12 H N N 168 
LEU HD13 H N N 169 
LEU HD21 H N N 170 
LEU HD22 H N N 171 
LEU HD23 H N N 172 
LEU HXT  H N N 173 
LYS N    N N N 174 
LYS CA   C N S 175 
LYS C    C N N 176 
LYS O    O N N 177 
LYS CB   C N N 178 
LYS CG   C N N 179 
LYS CD   C N N 180 
LYS CE   C N N 181 
LYS NZ   N N N 182 
LYS OXT  O N N 183 
LYS H    H N N 184 
LYS H2   H N N 185 
LYS HA   H N N 186 
LYS HB2  H N N 187 
LYS HB3  H N N 188 
LYS HG2  H N N 189 
LYS HG3  H N N 190 
LYS HD2  H N N 191 
LYS HD3  H N N 192 
LYS HE2  H N N 193 
LYS HE3  H N N 194 
LYS HZ1  H N N 195 
LYS HZ2  H N N 196 
LYS HZ3  H N N 197 
LYS HXT  H N N 198 
MET N    N N N 199 
MET CA   C N S 200 
MET C    C N N 201 
MET O    O N N 202 
MET CB   C N N 203 
MET CG   C N N 204 
MET SD   S N N 205 
MET CE   C N N 206 
MET OXT  O N N 207 
MET H    H N N 208 
MET H2   H N N 209 
MET HA   H N N 210 
MET HB2  H N N 211 
MET HB3  H N N 212 
MET HG2  H N N 213 
MET HG3  H N N 214 
MET HE1  H N N 215 
MET HE2  H N N 216 
MET HE3  H N N 217 
MET HXT  H N N 218 
PHE N    N N N 219 
PHE CA   C N S 220 
PHE C    C N N 221 
PHE O    O N N 222 
PHE CB   C N N 223 
PHE CG   C Y N 224 
PHE CD1  C Y N 225 
PHE CD2  C Y N 226 
PHE CE1  C Y N 227 
PHE CE2  C Y N 228 
PHE CZ   C Y N 229 
PHE OXT  O N N 230 
PHE H    H N N 231 
PHE H2   H N N 232 
PHE HA   H N N 233 
PHE HB2  H N N 234 
PHE HB3  H N N 235 
PHE HD1  H N N 236 
PHE HD2  H N N 237 
PHE HE1  H N N 238 
PHE HE2  H N N 239 
PHE HZ   H N N 240 
PHE HXT  H N N 241 
PRO N    N N N 242 
PRO CA   C N S 243 
PRO C    C N N 244 
PRO O    O N N 245 
PRO CB   C N N 246 
PRO CG   C N N 247 
PRO CD   C N N 248 
PRO OXT  O N N 249 
PRO H    H N N 250 
PRO HA   H N N 251 
PRO HB2  H N N 252 
PRO HB3  H N N 253 
PRO HG2  H N N 254 
PRO HG3  H N N 255 
PRO HD2  H N N 256 
PRO HD3  H N N 257 
PRO HXT  H N N 258 
SER N    N N N 259 
SER CA   C N S 260 
SER C    C N N 261 
SER O    O N N 262 
SER CB   C N N 263 
SER OG   O N N 264 
SER OXT  O N N 265 
SER H    H N N 266 
SER H2   H N N 267 
SER HA   H N N 268 
SER HB2  H N N 269 
SER HB3  H N N 270 
SER HG   H N N 271 
SER HXT  H N N 272 
THR N    N N N 273 
THR CA   C N S 274 
THR C    C N N 275 
THR O    O N N 276 
THR CB   C N R 277 
THR OG1  O N N 278 
THR CG2  C N N 279 
THR OXT  O N N 280 
THR H    H N N 281 
THR H2   H N N 282 
THR HA   H N N 283 
THR HB   H N N 284 
THR HG1  H N N 285 
THR HG21 H N N 286 
THR HG22 H N N 287 
THR HG23 H N N 288 
THR HXT  H N N 289 
TRP N    N N N 290 
TRP CA   C N S 291 
TRP C    C N N 292 
TRP O    O N N 293 
TRP CB   C N N 294 
TRP CG   C Y N 295 
TRP CD1  C Y N 296 
TRP CD2  C Y N 297 
TRP NE1  N Y N 298 
TRP CE2  C Y N 299 
TRP CE3  C Y N 300 
TRP CZ2  C Y N 301 
TRP CZ3  C Y N 302 
TRP CH2  C Y N 303 
TRP OXT  O N N 304 
TRP H    H N N 305 
TRP H2   H N N 306 
TRP HA   H N N 307 
TRP HB2  H N N 308 
TRP HB3  H N N 309 
TRP HD1  H N N 310 
TRP HE1  H N N 311 
TRP HE3  H N N 312 
TRP HZ2  H N N 313 
TRP HZ3  H N N 314 
TRP HH2  H N N 315 
TRP HXT  H N N 316 
TYR N    N N N 317 
TYR CA   C N S 318 
TYR C    C N N 319 
TYR O    O N N 320 
TYR CB   C N N 321 
TYR CG   C Y N 322 
TYR CD1  C Y N 323 
TYR CD2  C Y N 324 
TYR CE1  C Y N 325 
TYR CE2  C Y N 326 
TYR CZ   C Y N 327 
TYR OH   O N N 328 
TYR OXT  O N N 329 
TYR H    H N N 330 
TYR H2   H N N 331 
TYR HA   H N N 332 
TYR HB2  H N N 333 
TYR HB3  H N N 334 
TYR HD1  H N N 335 
TYR HD2  H N N 336 
TYR HE1  H N N 337 
TYR HE2  H N N 338 
TYR HH   H N N 339 
TYR HXT  H N N 340 
VAL N    N N N 341 
VAL CA   C N S 342 
VAL C    C N N 343 
VAL O    O N N 344 
VAL CB   C N N 345 
VAL CG1  C N N 346 
VAL CG2  C N N 347 
VAL OXT  O N N 348 
VAL H    H N N 349 
VAL H2   H N N 350 
VAL HA   H N N 351 
VAL HB   H N N 352 
VAL HG11 H N N 353 
VAL HG12 H N N 354 
VAL HG13 H N N 355 
VAL HG21 H N N 356 
VAL HG22 H N N 357 
VAL HG23 H N N 358 
VAL HXT  H N N 359 
# 
loop_
_chem_comp_bond.comp_id 
_chem_comp_bond.atom_id_1 
_chem_comp_bond.atom_id_2 
_chem_comp_bond.value_order 
_chem_comp_bond.pdbx_aromatic_flag 
_chem_comp_bond.pdbx_stereo_config 
_chem_comp_bond.pdbx_ordinal 
ALA N   CA   sing N N 1   
ALA N   H    sing N N 2   
ALA N   H2   sing N N 3   
ALA CA  C    sing N N 4   
ALA CA  CB   sing N N 5   
ALA CA  HA   sing N N 6   
ALA C   O    doub N N 7   
ALA C   OXT  sing N N 8   
ALA CB  HB1  sing N N 9   
ALA CB  HB2  sing N N 10  
ALA CB  HB3  sing N N 11  
ALA OXT HXT  sing N N 12  
ARG N   CA   sing N N 13  
ARG N   H    sing N N 14  
ARG N   H2   sing N N 15  
ARG CA  C    sing N N 16  
ARG CA  CB   sing N N 17  
ARG CA  HA   sing N N 18  
ARG C   O    doub N N 19  
ARG C   OXT  sing N N 20  
ARG CB  CG   sing N N 21  
ARG CB  HB2  sing N N 22  
ARG CB  HB3  sing N N 23  
ARG CG  CD   sing N N 24  
ARG CG  HG2  sing N N 25  
ARG CG  HG3  sing N N 26  
ARG CD  NE   sing N N 27  
ARG CD  HD2  sing N N 28  
ARG CD  HD3  sing N N 29  
ARG NE  CZ   sing N N 30  
ARG NE  HE   sing N N 31  
ARG CZ  NH1  sing N N 32  
ARG CZ  NH2  doub N N 33  
ARG NH1 HH11 sing N N 34  
ARG NH1 HH12 sing N N 35  
ARG NH2 HH21 sing N N 36  
ARG NH2 HH22 sing N N 37  
ARG OXT HXT  sing N N 38  
ASP N   CA   sing N N 39  
ASP N   H    sing N N 40  
ASP N   H2   sing N N 41  
ASP CA  C    sing N N 42  
ASP CA  CB   sing N N 43  
ASP CA  HA   sing N N 44  
ASP C   O    doub N N 45  
ASP C   OXT  sing N N 46  
ASP CB  CG   sing N N 47  
ASP CB  HB2  sing N N 48  
ASP CB  HB3  sing N N 49  
ASP CG  OD1  doub N N 50  
ASP CG  OD2  sing N N 51  
ASP OD2 HD2  sing N N 52  
ASP OXT HXT  sing N N 53  
GLN N   CA   sing N N 54  
GLN N   H    sing N N 55  
GLN N   H2   sing N N 56  
GLN CA  C    sing N N 57  
GLN CA  CB   sing N N 58  
GLN CA  HA   sing N N 59  
GLN C   O    doub N N 60  
GLN C   OXT  sing N N 61  
GLN CB  CG   sing N N 62  
GLN CB  HB2  sing N N 63  
GLN CB  HB3  sing N N 64  
GLN CG  CD   sing N N 65  
GLN CG  HG2  sing N N 66  
GLN CG  HG3  sing N N 67  
GLN CD  OE1  doub N N 68  
GLN CD  NE2  sing N N 69  
GLN NE2 HE21 sing N N 70  
GLN NE2 HE22 sing N N 71  
GLN OXT HXT  sing N N 72  
GLU N   CA   sing N N 73  
GLU N   H    sing N N 74  
GLU N   H2   sing N N 75  
GLU CA  C    sing N N 76  
GLU CA  CB   sing N N 77  
GLU CA  HA   sing N N 78  
GLU C   O    doub N N 79  
GLU C   OXT  sing N N 80  
GLU CB  CG   sing N N 81  
GLU CB  HB2  sing N N 82  
GLU CB  HB3  sing N N 83  
GLU CG  CD   sing N N 84  
GLU CG  HG2  sing N N 85  
GLU CG  HG3  sing N N 86  
GLU CD  OE1  doub N N 87  
GLU CD  OE2  sing N N 88  
GLU OE2 HE2  sing N N 89  
GLU OXT HXT  sing N N 90  
GLY N   CA   sing N N 91  
GLY N   H    sing N N 92  
GLY N   H2   sing N N 93  
GLY CA  C    sing N N 94  
GLY CA  HA2  sing N N 95  
GLY CA  HA3  sing N N 96  
GLY C   O    doub N N 97  
GLY C   OXT  sing N N 98  
GLY OXT HXT  sing N N 99  
HIS N   CA   sing N N 100 
HIS N   H    sing N N 101 
HIS N   H2   sing N N 102 
HIS CA  C    sing N N 103 
HIS CA  CB   sing N N 104 
HIS CA  HA   sing N N 105 
HIS C   O    doub N N 106 
HIS C   OXT  sing N N 107 
HIS CB  CG   sing N N 108 
HIS CB  HB2  sing N N 109 
HIS CB  HB3  sing N N 110 
HIS CG  ND1  sing Y N 111 
HIS CG  CD2  doub Y N 112 
HIS ND1 CE1  doub Y N 113 
HIS ND1 HD1  sing N N 114 
HIS CD2 NE2  sing Y N 115 
HIS CD2 HD2  sing N N 116 
HIS CE1 NE2  sing Y N 117 
HIS CE1 HE1  sing N N 118 
HIS NE2 HE2  sing N N 119 
HIS OXT HXT  sing N N 120 
HOH O   H1   sing N N 121 
HOH O   H2   sing N N 122 
ILE N   CA   sing N N 123 
ILE N   H    sing N N 124 
ILE N   H2   sing N N 125 
ILE CA  C    sing N N 126 
ILE CA  CB   sing N N 127 
ILE CA  HA   sing N N 128 
ILE C   O    doub N N 129 
ILE C   OXT  sing N N 130 
ILE CB  CG1  sing N N 131 
ILE CB  CG2  sing N N 132 
ILE CB  HB   sing N N 133 
ILE CG1 CD1  sing N N 134 
ILE CG1 HG12 sing N N 135 
ILE CG1 HG13 sing N N 136 
ILE CG2 HG21 sing N N 137 
ILE CG2 HG22 sing N N 138 
ILE CG2 HG23 sing N N 139 
ILE CD1 HD11 sing N N 140 
ILE CD1 HD12 sing N N 141 
ILE CD1 HD13 sing N N 142 
ILE OXT HXT  sing N N 143 
LEU N   CA   sing N N 144 
LEU N   H    sing N N 145 
LEU N   H2   sing N N 146 
LEU CA  C    sing N N 147 
LEU CA  CB   sing N N 148 
LEU CA  HA   sing N N 149 
LEU C   O    doub N N 150 
LEU C   OXT  sing N N 151 
LEU CB  CG   sing N N 152 
LEU CB  HB2  sing N N 153 
LEU CB  HB3  sing N N 154 
LEU CG  CD1  sing N N 155 
LEU CG  CD2  sing N N 156 
LEU CG  HG   sing N N 157 
LEU CD1 HD11 sing N N 158 
LEU CD1 HD12 sing N N 159 
LEU CD1 HD13 sing N N 160 
LEU CD2 HD21 sing N N 161 
LEU CD2 HD22 sing N N 162 
LEU CD2 HD23 sing N N 163 
LEU OXT HXT  sing N N 164 
LYS N   CA   sing N N 165 
LYS N   H    sing N N 166 
LYS N   H2   sing N N 167 
LYS CA  C    sing N N 168 
LYS CA  CB   sing N N 169 
LYS CA  HA   sing N N 170 
LYS C   O    doub N N 171 
LYS C   OXT  sing N N 172 
LYS CB  CG   sing N N 173 
LYS CB  HB2  sing N N 174 
LYS CB  HB3  sing N N 175 
LYS CG  CD   sing N N 176 
LYS CG  HG2  sing N N 177 
LYS CG  HG3  sing N N 178 
LYS CD  CE   sing N N 179 
LYS CD  HD2  sing N N 180 
LYS CD  HD3  sing N N 181 
LYS CE  NZ   sing N N 182 
LYS CE  HE2  sing N N 183 
LYS CE  HE3  sing N N 184 
LYS NZ  HZ1  sing N N 185 
LYS NZ  HZ2  sing N N 186 
LYS NZ  HZ3  sing N N 187 
LYS OXT HXT  sing N N 188 
MET N   CA   sing N N 189 
MET N   H    sing N N 190 
MET N   H2   sing N N 191 
MET CA  C    sing N N 192 
MET CA  CB   sing N N 193 
MET CA  HA   sing N N 194 
MET C   O    doub N N 195 
MET C   OXT  sing N N 196 
MET CB  CG   sing N N 197 
MET CB  HB2  sing N N 198 
MET CB  HB3  sing N N 199 
MET CG  SD   sing N N 200 
MET CG  HG2  sing N N 201 
MET CG  HG3  sing N N 202 
MET SD  CE   sing N N 203 
MET CE  HE1  sing N N 204 
MET CE  HE2  sing N N 205 
MET CE  HE3  sing N N 206 
MET OXT HXT  sing N N 207 
PHE N   CA   sing N N 208 
PHE N   H    sing N N 209 
PHE N   H2   sing N N 210 
PHE CA  C    sing N N 211 
PHE CA  CB   sing N N 212 
PHE CA  HA   sing N N 213 
PHE C   O    doub N N 214 
PHE C   OXT  sing N N 215 
PHE CB  CG   sing N N 216 
PHE CB  HB2  sing N N 217 
PHE CB  HB3  sing N N 218 
PHE CG  CD1  doub Y N 219 
PHE CG  CD2  sing Y N 220 
PHE CD1 CE1  sing Y N 221 
PHE CD1 HD1  sing N N 222 
PHE CD2 CE2  doub Y N 223 
PHE CD2 HD2  sing N N 224 
PHE CE1 CZ   doub Y N 225 
PHE CE1 HE1  sing N N 226 
PHE CE2 CZ   sing Y N 227 
PHE CE2 HE2  sing N N 228 
PHE CZ  HZ   sing N N 229 
PHE OXT HXT  sing N N 230 
PRO N   CA   sing N N 231 
PRO N   CD   sing N N 232 
PRO N   H    sing N N 233 
PRO CA  C    sing N N 234 
PRO CA  CB   sing N N 235 
PRO CA  HA   sing N N 236 
PRO C   O    doub N N 237 
PRO C   OXT  sing N N 238 
PRO CB  CG   sing N N 239 
PRO CB  HB2  sing N N 240 
PRO CB  HB3  sing N N 241 
PRO CG  CD   sing N N 242 
PRO CG  HG2  sing N N 243 
PRO CG  HG3  sing N N 244 
PRO CD  HD2  sing N N 245 
PRO CD  HD3  sing N N 246 
PRO OXT HXT  sing N N 247 
SER N   CA   sing N N 248 
SER N   H    sing N N 249 
SER N   H2   sing N N 250 
SER CA  C    sing N N 251 
SER CA  CB   sing N N 252 
SER CA  HA   sing N N 253 
SER C   O    doub N N 254 
SER C   OXT  sing N N 255 
SER CB  OG   sing N N 256 
SER CB  HB2  sing N N 257 
SER CB  HB3  sing N N 258 
SER OG  HG   sing N N 259 
SER OXT HXT  sing N N 260 
THR N   CA   sing N N 261 
THR N   H    sing N N 262 
THR N   H2   sing N N 263 
THR CA  C    sing N N 264 
THR CA  CB   sing N N 265 
THR CA  HA   sing N N 266 
THR C   O    doub N N 267 
THR C   OXT  sing N N 268 
THR CB  OG1  sing N N 269 
THR CB  CG2  sing N N 270 
THR CB  HB   sing N N 271 
THR OG1 HG1  sing N N 272 
THR CG2 HG21 sing N N 273 
THR CG2 HG22 sing N N 274 
THR CG2 HG23 sing N N 275 
THR OXT HXT  sing N N 276 
TRP N   CA   sing N N 277 
TRP N   H    sing N N 278 
TRP N   H2   sing N N 279 
TRP CA  C    sing N N 280 
TRP CA  CB   sing N N 281 
TRP CA  HA   sing N N 282 
TRP C   O    doub N N 283 
TRP C   OXT  sing N N 284 
TRP CB  CG   sing N N 285 
TRP CB  HB2  sing N N 286 
TRP CB  HB3  sing N N 287 
TRP CG  CD1  doub Y N 288 
TRP CG  CD2  sing Y N 289 
TRP CD1 NE1  sing Y N 290 
TRP CD1 HD1  sing N N 291 
TRP CD2 CE2  doub Y N 292 
TRP CD2 CE3  sing Y N 293 
TRP NE1 CE2  sing Y N 294 
TRP NE1 HE1  sing N N 295 
TRP CE2 CZ2  sing Y N 296 
TRP CE3 CZ3  doub Y N 297 
TRP CE3 HE3  sing N N 298 
TRP CZ2 CH2  doub Y N 299 
TRP CZ2 HZ2  sing N N 300 
TRP CZ3 CH2  sing Y N 301 
TRP CZ3 HZ3  sing N N 302 
TRP CH2 HH2  sing N N 303 
TRP OXT HXT  sing N N 304 
TYR N   CA   sing N N 305 
TYR N   H    sing N N 306 
TYR N   H2   sing N N 307 
TYR CA  C    sing N N 308 
TYR CA  CB   sing N N 309 
TYR CA  HA   sing N N 310 
TYR C   O    doub N N 311 
TYR C   OXT  sing N N 312 
TYR CB  CG   sing N N 313 
TYR CB  HB2  sing N N 314 
TYR CB  HB3  sing N N 315 
TYR CG  CD1  doub Y N 316 
TYR CG  CD2  sing Y N 317 
TYR CD1 CE1  sing Y N 318 
TYR CD1 HD1  sing N N 319 
TYR CD2 CE2  doub Y N 320 
TYR CD2 HD2  sing N N 321 
TYR CE1 CZ   doub Y N 322 
TYR CE1 HE1  sing N N 323 
TYR CE2 CZ   sing Y N 324 
TYR CE2 HE2  sing N N 325 
TYR CZ  OH   sing N N 326 
TYR OH  HH   sing N N 327 
TYR OXT HXT  sing N N 328 
VAL N   CA   sing N N 329 
VAL N   H    sing N N 330 
VAL N   H2   sing N N 331 
VAL CA  C    sing N N 332 
VAL CA  CB   sing N N 333 
VAL CA  HA   sing N N 334 
VAL C   O    doub N N 335 
VAL C   OXT  sing N N 336 
VAL CB  CG1  sing N N 337 
VAL CB  CG2  sing N N 338 
VAL CB  HB   sing N N 339 
VAL CG1 HG11 sing N N 340 
VAL CG1 HG12 sing N N 341 
VAL CG1 HG13 sing N N 342 
VAL CG2 HG21 sing N N 343 
VAL CG2 HG22 sing N N 344 
VAL CG2 HG23 sing N N 345 
VAL OXT HXT  sing N N 346 
# 
_pdbx_entity_nonpoly.entity_id   2 
_pdbx_entity_nonpoly.name        water 
_pdbx_entity_nonpoly.comp_id     HOH 
# 
_pdbx_initial_refinement_model.id               1 
_pdbx_initial_refinement_model.entity_id_list   ? 
_pdbx_initial_refinement_model.type             'experimental model' 
_pdbx_initial_refinement_model.source_name      PDB 
_pdbx_initial_refinement_model.accession_code   1GNK 
_pdbx_initial_refinement_model.details          'PDB entry 1GNK' 
# 
